data_3AKN
# 
_entry.id   3AKN 
# 
_audit_conform.dict_name       mmcif_pdbx.dic 
_audit_conform.dict_version    5.380 
_audit_conform.dict_location   http://mmcif.pdb.org/dictionaries/ascii/mmcif_pdbx.dic 
# 
loop_
_database_2.database_id 
_database_2.database_code 
_database_2.pdbx_database_accession 
_database_2.pdbx_DOI 
PDB   3AKN         pdb_00003akn 10.2210/pdb3akn/pdb 
RCSB  RCSB029369   ?            ?                   
WWPDB D_1000029369 ?            ?                   
# 
_pdbx_database_related.db_name        PDB 
_pdbx_database_related.db_id          2IFB 
_pdbx_database_related.details        
;CRYSTAL STRUCTURE OF RAT INTESTINAL FATTY-ACID-BINDING PROTEIN. REFINEMENT AND ANALYSIS OF THE ESCHERICHIA COLI-DRIVED PROTEIN WITH BOUND PALMITATE
;
_pdbx_database_related.content_type   unspecified 
# 
_pdbx_database_status.status_code                     REL 
_pdbx_database_status.entry_id                        3AKN 
_pdbx_database_status.recvd_initial_deposition_date   2010-07-14 
_pdbx_database_status.deposit_site                    PDBJ 
_pdbx_database_status.process_site                    PDBJ 
_pdbx_database_status.status_code_sf                  REL 
_pdbx_database_status.status_code_mr                  ? 
_pdbx_database_status.SG_entry                        ? 
_pdbx_database_status.status_code_cs                  ? 
_pdbx_database_status.pdb_format_compatible           Y 
_pdbx_database_status.status_code_nmr_data            ? 
_pdbx_database_status.methods_development_category    ? 
# 
loop_
_audit_author.name 
_audit_author.pdbx_ordinal 
'Wielens, J.'      1 
'Laguerre, A.J.K.' 2 
'Parker, M.W.'     3 
'Scanlon, M.J.'    4 
# 
_citation.id                        primary 
_citation.title                     
'Crystal structures of human and rat intestinal fatty acid binding protein in complex with 11-(Dansylamino)undecanoic acid' 
_citation.journal_abbrev            'To be Published' 
_citation.journal_volume            ? 
_citation.page_first                ? 
_citation.page_last                 ? 
_citation.year                      ? 
_citation.journal_id_ASTM           ? 
_citation.country                   ? 
_citation.journal_id_ISSN           ? 
_citation.journal_id_CSD            0353 
_citation.book_publisher            ? 
_citation.pdbx_database_id_PubMed   ? 
_citation.pdbx_database_id_DOI      ? 
# 
loop_
_citation_author.citation_id 
_citation_author.name 
_citation_author.ordinal 
_citation_author.identifier_ORCID 
primary 'Laguerre, A.J.K.' 1 ? 
primary 'Wielens, J.'      2 ? 
primary 'Parker, M.W.'     3 ? 
primary 'Porter, C.J.'     4 ? 
primary 'Scanlon, M.J.'    5 ? 
# 
_cell.entry_id           3AKN 
_cell.length_a           50.590 
_cell.length_b           50.590 
_cell.length_c           97.452 
_cell.angle_alpha        90.00 
_cell.angle_beta         90.00 
_cell.angle_gamma        90.00 
_cell.Z_PDB              8 
_cell.pdbx_unique_axis   ? 
_cell.length_a_esd       ? 
_cell.length_b_esd       ? 
_cell.length_c_esd       ? 
_cell.angle_alpha_esd    ? 
_cell.angle_beta_esd     ? 
_cell.angle_gamma_esd    ? 
# 
_symmetry.entry_id                         3AKN 
_symmetry.space_group_name_H-M             'P 43 21 2' 
_symmetry.pdbx_full_space_group_name_H-M   ? 
_symmetry.cell_setting                     ? 
_symmetry.Int_Tables_number                96 
_symmetry.space_group_name_Hall            ? 
# 
loop_
_entity.id 
_entity.type 
_entity.src_method 
_entity.pdbx_description 
_entity.formula_weight 
_entity.pdbx_number_of_molecules 
_entity.pdbx_ec 
_entity.pdbx_mutation 
_entity.pdbx_fragment 
_entity.details 
1 polymer     man 'Fatty acid-binding protein, intestinal'                                15015.015 1  ? ? ? ? 
2 non-polymer syn '11-({[5-(dimethylamino)naphthalen-1-yl]sulfonyl}amino)undecanoic acid' 434.592   1  ? ? ? ? 
3 water       nat water                                                                   18.015    50 ? ? ? ? 
# 
_entity_name_com.entity_id   1 
_entity_name_com.name        'Intestinal-type fatty acid-binding protein, I-FABP, Fatty acid-binding protein 2' 
# 
_entity_poly.entity_id                      1 
_entity_poly.type                           'polypeptide(L)' 
_entity_poly.nstd_linkage                   no 
_entity_poly.nstd_monomer                   no 
_entity_poly.pdbx_seq_one_letter_code       
;AFDGTWKVDRNENYEKFMEKMGINVVKRKLGAHDNLKLTITQEGNKFTVKESSNFRNIDVVFELGVDFAYSLADGTELTG
TWTMEGNKLVGKFKRVDNGKELIAVREISGNELIQTYTYEGVEAKRIFKKE
;
_entity_poly.pdbx_seq_one_letter_code_can   
;AFDGTWKVDRNENYEKFMEKMGINVVKRKLGAHDNLKLTITQEGNKFTVKESSNFRNIDVVFELGVDFAYSLADGTELTG
TWTMEGNKLVGKFKRVDNGKELIAVREISGNELIQTYTYEGVEAKRIFKKE
;
_entity_poly.pdbx_strand_id                 A 
_entity_poly.pdbx_target_identifier         ? 
# 
loop_
_entity_poly_seq.entity_id 
_entity_poly_seq.num 
_entity_poly_seq.mon_id 
_entity_poly_seq.hetero 
1 1   ALA n 
1 2   PHE n 
1 3   ASP n 
1 4   GLY n 
1 5   THR n 
1 6   TRP n 
1 7   LYS n 
1 8   VAL n 
1 9   ASP n 
1 10  ARG n 
1 11  ASN n 
1 12  GLU n 
1 13  ASN n 
1 14  TYR n 
1 15  GLU n 
1 16  LYS n 
1 17  PHE n 
1 18  MET n 
1 19  GLU n 
1 20  LYS n 
1 21  MET n 
1 22  GLY n 
1 23  ILE n 
1 24  ASN n 
1 25  VAL n 
1 26  VAL n 
1 27  LYS n 
1 28  ARG n 
1 29  LYS n 
1 30  LEU n 
1 31  GLY n 
1 32  ALA n 
1 33  HIS n 
1 34  ASP n 
1 35  ASN n 
1 36  LEU n 
1 37  LYS n 
1 38  LEU n 
1 39  THR n 
1 40  ILE n 
1 41  THR n 
1 42  GLN n 
1 43  GLU n 
1 44  GLY n 
1 45  ASN n 
1 46  LYS n 
1 47  PHE n 
1 48  THR n 
1 49  VAL n 
1 50  LYS n 
1 51  GLU n 
1 52  SER n 
1 53  SER n 
1 54  ASN n 
1 55  PHE n 
1 56  ARG n 
1 57  ASN n 
1 58  ILE n 
1 59  ASP n 
1 60  VAL n 
1 61  VAL n 
1 62  PHE n 
1 63  GLU n 
1 64  LEU n 
1 65  GLY n 
1 66  VAL n 
1 67  ASP n 
1 68  PHE n 
1 69  ALA n 
1 70  TYR n 
1 71  SER n 
1 72  LEU n 
1 73  ALA n 
1 74  ASP n 
1 75  GLY n 
1 76  THR n 
1 77  GLU n 
1 78  LEU n 
1 79  THR n 
1 80  GLY n 
1 81  THR n 
1 82  TRP n 
1 83  THR n 
1 84  MET n 
1 85  GLU n 
1 86  GLY n 
1 87  ASN n 
1 88  LYS n 
1 89  LEU n 
1 90  VAL n 
1 91  GLY n 
1 92  LYS n 
1 93  PHE n 
1 94  LYS n 
1 95  ARG n 
1 96  VAL n 
1 97  ASP n 
1 98  ASN n 
1 99  GLY n 
1 100 LYS n 
1 101 GLU n 
1 102 LEU n 
1 103 ILE n 
1 104 ALA n 
1 105 VAL n 
1 106 ARG n 
1 107 GLU n 
1 108 ILE n 
1 109 SER n 
1 110 GLY n 
1 111 ASN n 
1 112 GLU n 
1 113 LEU n 
1 114 ILE n 
1 115 GLN n 
1 116 THR n 
1 117 TYR n 
1 118 THR n 
1 119 TYR n 
1 120 GLU n 
1 121 GLY n 
1 122 VAL n 
1 123 GLU n 
1 124 ALA n 
1 125 LYS n 
1 126 ARG n 
1 127 ILE n 
1 128 PHE n 
1 129 LYS n 
1 130 LYS n 
1 131 GLU n 
# 
_entity_src_gen.entity_id                          1 
_entity_src_gen.pdbx_src_id                        1 
_entity_src_gen.pdbx_alt_source_flag               sample 
_entity_src_gen.pdbx_seq_type                      ? 
_entity_src_gen.pdbx_beg_seq_num                   ? 
_entity_src_gen.pdbx_end_seq_num                   ? 
_entity_src_gen.gene_src_common_name               rat 
_entity_src_gen.gene_src_genus                     ? 
_entity_src_gen.pdbx_gene_src_gene                 'Fabp2, Fabpi' 
_entity_src_gen.gene_src_species                   ? 
_entity_src_gen.gene_src_strain                    ? 
_entity_src_gen.gene_src_tissue                    ? 
_entity_src_gen.gene_src_tissue_fraction           ? 
_entity_src_gen.gene_src_details                   ? 
_entity_src_gen.pdbx_gene_src_fragment             ? 
_entity_src_gen.pdbx_gene_src_scientific_name      'Rattus norvegicus' 
_entity_src_gen.pdbx_gene_src_ncbi_taxonomy_id     10116 
_entity_src_gen.pdbx_gene_src_variant              ? 
_entity_src_gen.pdbx_gene_src_cell_line            ? 
_entity_src_gen.pdbx_gene_src_atcc                 ? 
_entity_src_gen.pdbx_gene_src_organ                ? 
_entity_src_gen.pdbx_gene_src_organelle            ? 
_entity_src_gen.pdbx_gene_src_cell                 ? 
_entity_src_gen.pdbx_gene_src_cellular_location    ? 
_entity_src_gen.host_org_common_name               ? 
_entity_src_gen.pdbx_host_org_scientific_name      'Escherichia coli' 
_entity_src_gen.pdbx_host_org_ncbi_taxonomy_id     562 
_entity_src_gen.host_org_genus                     ? 
_entity_src_gen.pdbx_host_org_gene                 ? 
_entity_src_gen.pdbx_host_org_organ                ? 
_entity_src_gen.host_org_species                   ? 
_entity_src_gen.pdbx_host_org_tissue               ? 
_entity_src_gen.pdbx_host_org_tissue_fraction      ? 
_entity_src_gen.pdbx_host_org_strain               BL2 
_entity_src_gen.pdbx_host_org_variant              ? 
_entity_src_gen.pdbx_host_org_cell_line            ? 
_entity_src_gen.pdbx_host_org_atcc                 ? 
_entity_src_gen.pdbx_host_org_culture_collection   ? 
_entity_src_gen.pdbx_host_org_cell                 ? 
_entity_src_gen.pdbx_host_org_organelle            ? 
_entity_src_gen.pdbx_host_org_cellular_location    ? 
_entity_src_gen.pdbx_host_org_vector_type          plasmid 
_entity_src_gen.pdbx_host_org_vector               ? 
_entity_src_gen.host_org_details                   ? 
_entity_src_gen.expression_system_id               ? 
_entity_src_gen.plasmid_name                       'pET45b(+)' 
_entity_src_gen.plasmid_details                    ? 
_entity_src_gen.pdbx_description                   ? 
# 
_struct_ref.id                         1 
_struct_ref.db_name                    UNP 
_struct_ref.db_code                    FABPI_RAT 
_struct_ref.pdbx_db_accession          P02693 
_struct_ref.entity_id                  1 
_struct_ref.pdbx_seq_one_letter_code   
;AFDGTWKVDRNENYEKFMEKMGINVVKRKLGAHDNLKLTITQEGNKFTVKESSNFRNIDVVFELGVDFAYSLADGTELTG
TWTMEGNKLVGKFKRVDNGKELIAVREISGNELIQTYTYEGVEAKRIFKKE
;
_struct_ref.pdbx_align_begin           2 
_struct_ref.pdbx_db_isoform            ? 
# 
_struct_ref_seq.align_id                      1 
_struct_ref_seq.ref_id                        1 
_struct_ref_seq.pdbx_PDB_id_code              3AKN 
_struct_ref_seq.pdbx_strand_id                A 
_struct_ref_seq.seq_align_beg                 1 
_struct_ref_seq.pdbx_seq_align_beg_ins_code   ? 
_struct_ref_seq.seq_align_end                 131 
_struct_ref_seq.pdbx_seq_align_end_ins_code   ? 
_struct_ref_seq.pdbx_db_accession             P02693 
_struct_ref_seq.db_align_beg                  2 
_struct_ref_seq.pdbx_db_align_beg_ins_code    ? 
_struct_ref_seq.db_align_end                  132 
_struct_ref_seq.pdbx_db_align_end_ins_code    ? 
_struct_ref_seq.pdbx_auth_seq_align_beg       1 
_struct_ref_seq.pdbx_auth_seq_align_end       131 
# 
loop_
_chem_comp.id 
_chem_comp.type 
_chem_comp.mon_nstd_flag 
_chem_comp.name 
_chem_comp.pdbx_synonyms 
_chem_comp.formula 
_chem_comp.formula_weight 
11D non-polymer         . '11-({[5-(dimethylamino)naphthalen-1-yl]sulfonyl}amino)undecanoic acid' 
'11-(Dansylamino)undecanoic acid' 'C23 H34 N2 O4 S' 434.592 
ALA 'L-peptide linking' y ALANINE                                                                 ? 'C3 H7 N O2'      89.093  
ARG 'L-peptide linking' y ARGININE                                                                ? 'C6 H15 N4 O2 1'  175.209 
ASN 'L-peptide linking' y ASPARAGINE                                                              ? 'C4 H8 N2 O3'     132.118 
ASP 'L-peptide linking' y 'ASPARTIC ACID'                                                         ? 'C4 H7 N O4'      133.103 
GLN 'L-peptide linking' y GLUTAMINE                                                               ? 'C5 H10 N2 O3'    146.144 
GLU 'L-peptide linking' y 'GLUTAMIC ACID'                                                         ? 'C5 H9 N O4'      147.129 
GLY 'peptide linking'   y GLYCINE                                                                 ? 'C2 H5 N O2'      75.067  
HIS 'L-peptide linking' y HISTIDINE                                                               ? 'C6 H10 N3 O2 1'  156.162 
HOH non-polymer         . WATER                                                                   ? 'H2 O'            18.015  
ILE 'L-peptide linking' y ISOLEUCINE                                                              ? 'C6 H13 N O2'     131.173 
LEU 'L-peptide linking' y LEUCINE                                                                 ? 'C6 H13 N O2'     131.173 
LYS 'L-peptide linking' y LYSINE                                                                  ? 'C6 H15 N2 O2 1'  147.195 
MET 'L-peptide linking' y METHIONINE                                                              ? 'C5 H11 N O2 S'   149.211 
PHE 'L-peptide linking' y PHENYLALANINE                                                           ? 'C9 H11 N O2'     165.189 
SER 'L-peptide linking' y SERINE                                                                  ? 'C3 H7 N O3'      105.093 
THR 'L-peptide linking' y THREONINE                                                               ? 'C4 H9 N O3'      119.119 
TRP 'L-peptide linking' y TRYPTOPHAN                                                              ? 'C11 H12 N2 O2'   204.225 
TYR 'L-peptide linking' y TYROSINE                                                                ? 'C9 H11 N O3'     181.189 
VAL 'L-peptide linking' y VALINE                                                                  ? 'C5 H11 N O2'     117.146 
# 
_exptl.entry_id          3AKN 
_exptl.method            'X-RAY DIFFRACTION' 
_exptl.crystals_number   1 
# 
_exptl_crystal.id                    1 
_exptl_crystal.density_meas          ? 
_exptl_crystal.density_Matthews      2.08 
_exptl_crystal.density_percent_sol   40.76 
_exptl_crystal.description           ? 
# 
_exptl_crystal_grow.crystal_id      1 
_exptl_crystal_grow.method          'VAPOR DIFFUSION, HANGING DROP' 
_exptl_crystal_grow.temp            277 
_exptl_crystal_grow.temp_details    ? 
_exptl_crystal_grow.pH              7.0 
_exptl_crystal_grow.pdbx_details    
'30-45% w/v PEG 2000, 0.1M Tris pH 7.0, 0.2M magnesium chloride, VAPOR DIFFUSION, HANGING DROP, temperature 277K' 
_exptl_crystal_grow.pdbx_pH_range   . 
# 
_diffrn.id                     1 
_diffrn.ambient_temp           100 
_diffrn.ambient_temp_details   ? 
_diffrn.crystal_id             1 
# 
_diffrn_detector.diffrn_id              1 
_diffrn_detector.detector               CCD 
_diffrn_detector.type                   'ADSC QUANTUM 210r' 
_diffrn_detector.pdbx_collection_date   2008-04-22 
_diffrn_detector.details                Mirrors 
# 
_diffrn_radiation.diffrn_id                        1 
_diffrn_radiation.wavelength_id                    1 
_diffrn_radiation.pdbx_monochromatic_or_laue_m_l   M 
_diffrn_radiation.monochromator                    'Silicon 1 1 1' 
_diffrn_radiation.pdbx_diffrn_protocol             'SINGLE WAVELENGTH' 
_diffrn_radiation.pdbx_scattering_type             x-ray 
# 
_diffrn_radiation_wavelength.id           1 
_diffrn_radiation_wavelength.wavelength   0.954 
_diffrn_radiation_wavelength.wt           1.0 
# 
_diffrn_source.diffrn_id                   1 
_diffrn_source.source                      SYNCHROTRON 
_diffrn_source.type                        'AUSTRALIAN SYNCHROTRON BEAMLINE MX1' 
_diffrn_source.pdbx_synchrotron_site       'Australian Synchrotron' 
_diffrn_source.pdbx_synchrotron_beamline   MX1 
_diffrn_source.pdbx_wavelength             ? 
_diffrn_source.pdbx_wavelength_list        0.954 
# 
_reflns.entry_id                     3AKN 
_reflns.observed_criterion_sigma_I   2.0 
_reflns.observed_criterion_sigma_F   0 
_reflns.d_resolution_low             44.9 
_reflns.d_resolution_high            1.6 
_reflns.number_obs                   17480 
_reflns.number_all                   17480 
_reflns.percent_possible_obs         100 
_reflns.pdbx_Rmerge_I_obs            0.056 
_reflns.pdbx_Rsym_value              0.057 
_reflns.B_iso_Wilson_estimate        20.4 
_reflns.pdbx_redundancy              27.7 
_reflns.pdbx_netI_over_sigmaI        42 
_reflns.R_free_details               ? 
_reflns.limit_h_max                  ? 
_reflns.limit_h_min                  ? 
_reflns.limit_k_max                  ? 
_reflns.limit_k_min                  ? 
_reflns.limit_l_max                  ? 
_reflns.limit_l_min                  ? 
_reflns.observed_criterion_F_max     ? 
_reflns.observed_criterion_F_min     ? 
_reflns.pdbx_chi_squared             ? 
_reflns.pdbx_scaling_rejects         ? 
_reflns.pdbx_ordinal                 1 
_reflns.pdbx_diffrn_id               1 
# 
_reflns_shell.d_res_high             1.6 
_reflns_shell.d_res_low              1.69 
_reflns_shell.percent_possible_all   100.0 
_reflns_shell.Rmerge_I_obs           0.382 
_reflns_shell.pdbx_Rsym_value        0.389 
_reflns_shell.meanI_over_sigI_obs    10.1 
_reflns_shell.pdbx_redundancy        28.1 
_reflns_shell.percent_possible_obs   ? 
_reflns_shell.number_unique_all      2499 
_reflns_shell.number_measured_all    ? 
_reflns_shell.number_measured_obs    ? 
_reflns_shell.number_unique_obs      ? 
_reflns_shell.pdbx_chi_squared       ? 
_reflns_shell.pdbx_ordinal           1 
_reflns_shell.pdbx_diffrn_id         1 
# 
_refine.entry_id                                 3AKN 
_refine.ls_number_reflns_obs                     16540 
_refine.ls_number_reflns_all                     16540 
_refine.pdbx_ls_sigma_I                          2 
_refine.pdbx_ls_sigma_F                          0 
_refine.pdbx_data_cutoff_high_absF               ? 
_refine.pdbx_data_cutoff_low_absF                ? 
_refine.pdbx_data_cutoff_high_rms_absF           ? 
_refine.ls_d_res_low                             44.90 
_refine.ls_d_res_high                            1.60 
_refine.ls_percent_reflns_obs                    99.99 
_refine.ls_R_factor_obs                          0.22642 
_refine.ls_R_factor_all                          ? 
_refine.ls_R_factor_R_work                       0.22483 
_refine.ls_R_factor_R_free                       0.25671 
_refine.ls_R_factor_R_free_error                 ? 
_refine.ls_R_factor_R_free_error_details         ? 
_refine.ls_percent_reflns_R_free                 5.1 
_refine.ls_number_reflns_R_free                  880 
_refine.ls_number_parameters                     ? 
_refine.ls_number_restraints                     ? 
_refine.occupancy_min                            ? 
_refine.occupancy_max                            ? 
_refine.correlation_coeff_Fo_to_Fc               0.946 
_refine.correlation_coeff_Fo_to_Fc_free          0.928 
_refine.B_iso_mean                               19.348 
_refine.aniso_B[1][1]                            0.01 
_refine.aniso_B[2][2]                            0.01 
_refine.aniso_B[3][3]                            -0.03 
_refine.aniso_B[1][2]                            0.00 
_refine.aniso_B[1][3]                            0.00 
_refine.aniso_B[2][3]                            0.00 
_refine.solvent_model_details                    MASK 
_refine.solvent_model_param_ksol                 ? 
_refine.solvent_model_param_bsol                 ? 
_refine.pdbx_solvent_vdw_probe_radii             1.20 
_refine.pdbx_solvent_ion_probe_radii             0.80 
_refine.pdbx_solvent_shrinkage_radii             0.80 
_refine.pdbx_ls_cross_valid_method               THROUGHOUT 
_refine.details                                  'HYDROGENS HAVE BEEN ADDED IN THE RIDING POSITIONS' 
_refine.pdbx_starting_model                      2IFB 
_refine.pdbx_method_to_determine_struct          'MOLECULAR REPLACEMENT' 
_refine.pdbx_isotropic_thermal_model             ? 
_refine.pdbx_stereochemistry_target_values       'MAXIMUM LIKELIHOOD' 
_refine.pdbx_stereochem_target_val_spec_case     ? 
_refine.pdbx_R_Free_selection_details            RANDOM 
_refine.pdbx_overall_ESU_R_Free                  0.109 
_refine.overall_SU_ML                            0.067 
_refine.overall_SU_B                             1.844 
_refine.overall_SU_R_Cruickshank_DPI             ? 
_refine.ls_redundancy_reflns_obs                 ? 
_refine.B_iso_min                                ? 
_refine.B_iso_max                                ? 
_refine.overall_SU_R_free                        ? 
_refine.pdbx_overall_ESU_R                       ? 
_refine.ls_wR_factor_R_free                      ? 
_refine.ls_wR_factor_R_work                      ? 
_refine.overall_FOM_free_R_set                   ? 
_refine.overall_FOM_work_R_set                   ? 
_refine.pdbx_refine_id                           'X-RAY DIFFRACTION' 
_refine.pdbx_diffrn_id                           1 
_refine.pdbx_TLS_residual_ADP_flag               ? 
_refine.pdbx_overall_phase_error                 ? 
_refine.pdbx_overall_SU_R_free_Cruickshank_DPI   ? 
_refine.pdbx_overall_SU_R_Blow_DPI               ? 
_refine.pdbx_overall_SU_R_free_Blow_DPI          ? 
# 
_refine_hist.pdbx_refine_id                   'X-RAY DIFFRACTION' 
_refine_hist.cycle_id                         LAST 
_refine_hist.pdbx_number_atoms_protein        1047 
_refine_hist.pdbx_number_atoms_nucleic_acid   0 
_refine_hist.pdbx_number_atoms_ligand         30 
_refine_hist.number_atoms_solvent             50 
_refine_hist.number_atoms_total               1127 
_refine_hist.d_res_high                       1.60 
_refine_hist.d_res_low                        44.90 
# 
loop_
_refine_ls_restr.type 
_refine_ls_restr.dev_ideal 
_refine_ls_restr.dev_ideal_target 
_refine_ls_restr.weight 
_refine_ls_restr.number 
_refine_ls_restr.pdbx_refine_id 
_refine_ls_restr.pdbx_restraint_function 
r_bond_refined_d             0.010  0.022  ? 1094 'X-RAY DIFFRACTION' ? 
r_bond_other_d               ?      ?      ? ?    'X-RAY DIFFRACTION' ? 
r_angle_refined_deg          1.377  1.974  ? 1465 'X-RAY DIFFRACTION' ? 
r_angle_other_deg            ?      ?      ? ?    'X-RAY DIFFRACTION' ? 
r_dihedral_angle_1_deg       6.071  5.000  ? 129  'X-RAY DIFFRACTION' ? 
r_dihedral_angle_2_deg       32.415 24.906 ? 53   'X-RAY DIFFRACTION' ? 
r_dihedral_angle_3_deg       12.233 15.000 ? 206  'X-RAY DIFFRACTION' ? 
r_dihedral_angle_4_deg       17.712 15.000 ? 6    'X-RAY DIFFRACTION' ? 
r_chiral_restr               0.096  0.200  ? 156  'X-RAY DIFFRACTION' ? 
r_gen_planes_refined         0.007  0.020  ? 808  'X-RAY DIFFRACTION' ? 
r_gen_planes_other           ?      ?      ? ?    'X-RAY DIFFRACTION' ? 
r_nbd_refined                0.193  0.200  ? 413  'X-RAY DIFFRACTION' ? 
r_nbd_other                  ?      ?      ? ?    'X-RAY DIFFRACTION' ? 
r_nbtor_refined              0.308  0.200  ? 739  'X-RAY DIFFRACTION' ? 
r_nbtor_other                ?      ?      ? ?    'X-RAY DIFFRACTION' ? 
r_xyhbond_nbd_refined        0.110  0.200  ? 61   'X-RAY DIFFRACTION' ? 
r_xyhbond_nbd_other          ?      ?      ? ?    'X-RAY DIFFRACTION' ? 
r_metal_ion_refined          ?      ?      ? ?    'X-RAY DIFFRACTION' ? 
r_metal_ion_other            ?      ?      ? ?    'X-RAY DIFFRACTION' ? 
r_symmetry_vdw_refined       0.157  0.200  ? 20   'X-RAY DIFFRACTION' ? 
r_symmetry_vdw_other         ?      ?      ? ?    'X-RAY DIFFRACTION' ? 
r_symmetry_hbond_refined     0.130  0.200  ? 2    'X-RAY DIFFRACTION' ? 
r_symmetry_hbond_other       ?      ?      ? ?    'X-RAY DIFFRACTION' ? 
r_symmetry_metal_ion_refined ?      ?      ? ?    'X-RAY DIFFRACTION' ? 
r_symmetry_metal_ion_other   ?      ?      ? ?    'X-RAY DIFFRACTION' ? 
r_mcbond_it                  0.960  1.500  ? 654  'X-RAY DIFFRACTION' ? 
r_mcbond_other               ?      ?      ? ?    'X-RAY DIFFRACTION' ? 
r_mcangle_it                 1.615  2.000  ? 1023 'X-RAY DIFFRACTION' ? 
r_scbond_it                  2.456  3.000  ? 512  'X-RAY DIFFRACTION' ? 
r_scangle_it                 3.834  4.500  ? 442  'X-RAY DIFFRACTION' ? 
r_rigid_bond_restr           ?      ?      ? ?    'X-RAY DIFFRACTION' ? 
r_sphericity_free            ?      ?      ? ?    'X-RAY DIFFRACTION' ? 
r_sphericity_bonded          ?      ?      ? ?    'X-RAY DIFFRACTION' ? 
# 
_refine_ls_shell.pdbx_total_number_of_bins_used   20 
_refine_ls_shell.d_res_high                       1.600 
_refine_ls_shell.d_res_low                        1.641 
_refine_ls_shell.number_reflns_R_work             1210 
_refine_ls_shell.R_factor_R_work                  0.246 
_refine_ls_shell.percent_reflns_obs               100.00 
_refine_ls_shell.R_factor_R_free                  0.282 
_refine_ls_shell.R_factor_R_free_error            ? 
_refine_ls_shell.percent_reflns_R_free            ? 
_refine_ls_shell.number_reflns_R_free             63 
_refine_ls_shell.number_reflns_all                ? 
_refine_ls_shell.R_factor_all                     ? 
_refine_ls_shell.number_reflns_obs                ? 
_refine_ls_shell.redundancy_reflns_obs            ? 
_refine_ls_shell.pdbx_refine_id                   'X-RAY DIFFRACTION' 
# 
_struct.entry_id                  3AKN 
_struct.title                     'X-ray structure of iFABP from human and rat with bound fluorescent fatty acid analogue' 
_struct.pdbx_model_details        ? 
_struct.pdbx_CASP_flag            N 
_struct.pdbx_model_type_details   ? 
# 
_struct_keywords.entry_id        3AKN 
_struct_keywords.pdbx_keywords   'TRANSPORT PROTEIN' 
_struct_keywords.text            'beta barrel, lipid binding protein, TRANSPORT PROTEIN' 
# 
loop_
_struct_asym.id 
_struct_asym.pdbx_blank_PDB_chainid_flag 
_struct_asym.pdbx_modified 
_struct_asym.entity_id 
_struct_asym.details 
A N N 1 ? 
B N N 2 ? 
C N N 3 ? 
# 
_struct_biol.id        1 
_struct_biol.details   ? 
# 
loop_
_struct_conf.conf_type_id 
_struct_conf.id 
_struct_conf.pdbx_PDB_helix_id 
_struct_conf.beg_label_comp_id 
_struct_conf.beg_label_asym_id 
_struct_conf.beg_label_seq_id 
_struct_conf.pdbx_beg_PDB_ins_code 
_struct_conf.end_label_comp_id 
_struct_conf.end_label_asym_id 
_struct_conf.end_label_seq_id 
_struct_conf.pdbx_end_PDB_ins_code 
_struct_conf.beg_auth_comp_id 
_struct_conf.beg_auth_asym_id 
_struct_conf.beg_auth_seq_id 
_struct_conf.end_auth_comp_id 
_struct_conf.end_auth_asym_id 
_struct_conf.end_auth_seq_id 
_struct_conf.pdbx_PDB_helix_class 
_struct_conf.details 
_struct_conf.pdbx_PDB_helix_length 
HELX_P HELX_P1 1 ASN A 13 ? MET A 21 ? ASN A 13 MET A 21 1 ? 9 
HELX_P HELX_P2 2 ASN A 24 ? ALA A 32 ? ASN A 24 ALA A 32 1 ? 9 
# 
_struct_conf_type.id          HELX_P 
_struct_conf_type.criteria    ? 
_struct_conf_type.reference   ? 
# 
_struct_sheet.id               A 
_struct_sheet.type             ? 
_struct_sheet.number_strands   10 
_struct_sheet.details          ? 
# 
loop_
_struct_sheet_order.sheet_id 
_struct_sheet_order.range_id_1 
_struct_sheet_order.range_id_2 
_struct_sheet_order.offset 
_struct_sheet_order.sense 
A 1 2  ? anti-parallel 
A 2 3  ? anti-parallel 
A 3 4  ? anti-parallel 
A 4 5  ? anti-parallel 
A 5 6  ? anti-parallel 
A 6 7  ? anti-parallel 
A 7 8  ? anti-parallel 
A 8 9  ? anti-parallel 
A 9 10 ? anti-parallel 
# 
loop_
_struct_sheet_range.sheet_id 
_struct_sheet_range.id 
_struct_sheet_range.beg_label_comp_id 
_struct_sheet_range.beg_label_asym_id 
_struct_sheet_range.beg_label_seq_id 
_struct_sheet_range.pdbx_beg_PDB_ins_code 
_struct_sheet_range.end_label_comp_id 
_struct_sheet_range.end_label_asym_id 
_struct_sheet_range.end_label_seq_id 
_struct_sheet_range.pdbx_end_PDB_ins_code 
_struct_sheet_range.beg_auth_comp_id 
_struct_sheet_range.beg_auth_asym_id 
_struct_sheet_range.beg_auth_seq_id 
_struct_sheet_range.end_auth_comp_id 
_struct_sheet_range.end_auth_asym_id 
_struct_sheet_range.end_auth_seq_id 
A 1  ASN A 57  ? GLU A 63  ? ASN A 57  GLU A 63  
A 2  LYS A 46  ? SER A 52  ? LYS A 46  SER A 52  
A 3  LYS A 37  ? GLU A 43  ? LYS A 37  GLU A 43  
A 4  GLY A 4   ? GLU A 12  ? GLY A 4   GLU A 12  
A 5  VAL A 122 ? LYS A 129 ? VAL A 122 LYS A 129 
A 6  GLU A 112 ? TYR A 119 ? GLU A 112 TYR A 119 
A 7  GLU A 101 ? SER A 109 ? GLU A 101 SER A 109 
A 8  LYS A 88  ? ARG A 95  ? LYS A 88  ARG A 95  
A 9  GLU A 77  ? GLU A 85  ? GLU A 77  GLU A 85  
A 10 PHE A 68  ? SER A 71  ? PHE A 68  SER A 71  
# 
loop_
_pdbx_struct_sheet_hbond.sheet_id 
_pdbx_struct_sheet_hbond.range_id_1 
_pdbx_struct_sheet_hbond.range_id_2 
_pdbx_struct_sheet_hbond.range_1_label_atom_id 
_pdbx_struct_sheet_hbond.range_1_label_comp_id 
_pdbx_struct_sheet_hbond.range_1_label_asym_id 
_pdbx_struct_sheet_hbond.range_1_label_seq_id 
_pdbx_struct_sheet_hbond.range_1_PDB_ins_code 
_pdbx_struct_sheet_hbond.range_1_auth_atom_id 
_pdbx_struct_sheet_hbond.range_1_auth_comp_id 
_pdbx_struct_sheet_hbond.range_1_auth_asym_id 
_pdbx_struct_sheet_hbond.range_1_auth_seq_id 
_pdbx_struct_sheet_hbond.range_2_label_atom_id 
_pdbx_struct_sheet_hbond.range_2_label_comp_id 
_pdbx_struct_sheet_hbond.range_2_label_asym_id 
_pdbx_struct_sheet_hbond.range_2_label_seq_id 
_pdbx_struct_sheet_hbond.range_2_PDB_ins_code 
_pdbx_struct_sheet_hbond.range_2_auth_atom_id 
_pdbx_struct_sheet_hbond.range_2_auth_comp_id 
_pdbx_struct_sheet_hbond.range_2_auth_asym_id 
_pdbx_struct_sheet_hbond.range_2_auth_seq_id 
A 1 2  O VAL A 60  ? O VAL A 60  N VAL A 49  ? N VAL A 49  
A 2 3  O LYS A 46  ? O LYS A 46  N GLU A 43  ? N GLU A 43  
A 3 4  O LEU A 38  ? O LEU A 38  N TRP A 6   ? N TRP A 6   
A 4 5  N ASP A 9   ? N ASP A 9   O ILE A 127 ? O ILE A 127 
A 5 6  O PHE A 128 ? O PHE A 128 N LEU A 113 ? N LEU A 113 
A 6 7  O ILE A 114 ? O ILE A 114 N GLU A 107 ? N GLU A 107 
A 7 8  O ALA A 104 ? O ALA A 104 N GLY A 91  ? N GLY A 91  
A 8 9  O LYS A 88  ? O LYS A 88  N GLU A 85  ? N GLU A 85  
A 9 10 O LEU A 78  ? O LEU A 78  N TYR A 70  ? N TYR A 70  
# 
_struct_site.id                   AC1 
_struct_site.pdbx_evidence_code   Software 
_struct_site.pdbx_auth_asym_id    A 
_struct_site.pdbx_auth_comp_id    11D 
_struct_site.pdbx_auth_seq_id     132 
_struct_site.pdbx_auth_ins_code   ? 
_struct_site.pdbx_num_residues    13 
_struct_site.details              'BINDING SITE FOR RESIDUE 11D A 132' 
# 
loop_
_struct_site_gen.id 
_struct_site_gen.site_id 
_struct_site_gen.pdbx_num_res 
_struct_site_gen.label_comp_id 
_struct_site_gen.label_asym_id 
_struct_site_gen.label_seq_id 
_struct_site_gen.pdbx_auth_ins_code 
_struct_site_gen.auth_comp_id 
_struct_site_gen.auth_asym_id 
_struct_site_gen.auth_seq_id 
_struct_site_gen.label_atom_id 
_struct_site_gen.label_alt_id 
_struct_site_gen.symmetry 
_struct_site_gen.details 
1  AC1 13 TYR A 14  ? TYR A 14  . ? 1_555 ? 
2  AC1 13 PHE A 17  ? PHE A 17  . ? 1_555 ? 
3  AC1 13 MET A 18  ? MET A 18  . ? 1_555 ? 
4  AC1 13 MET A 21  ? MET A 21  . ? 1_555 ? 
5  AC1 13 ILE A 23  ? ILE A 23  . ? 1_555 ? 
6  AC1 13 PHE A 55  ? PHE A 55  . ? 1_555 ? 
7  AC1 13 VAL A 60  ? VAL A 60  . ? 1_555 ? 
8  AC1 13 PHE A 62  ? PHE A 62  . ? 1_555 ? 
9  AC1 13 LEU A 72  ? LEU A 72  . ? 1_555 ? 
10 AC1 13 ALA A 73  ? ALA A 73  . ? 1_555 ? 
11 AC1 13 ASP A 74  ? ASP A 74  . ? 1_555 ? 
12 AC1 13 TRP A 82  ? TRP A 82  . ? 1_555 ? 
13 AC1 13 ARG A 106 ? ARG A 106 . ? 1_555 ? 
# 
_atom_sites.entry_id                    3AKN 
_atom_sites.fract_transf_matrix[1][1]   0.00509892 
_atom_sites.fract_transf_matrix[1][2]   0.01076675 
_atom_sites.fract_transf_matrix[1][3]   -0.01577379 
_atom_sites.fract_transf_matrix[2][1]   0.01319758 
_atom_sites.fract_transf_matrix[2][2]   -0.01378732 
_atom_sites.fract_transf_matrix[2][3]   -0.00514468 
_atom_sites.fract_transf_matrix[3][1]   -0.00716578 
_atom_sites.fract_transf_matrix[3][2]   -0.00477799 
_atom_sites.fract_transf_matrix[3][3]   -0.00557768 
_atom_sites.fract_transf_vector[1]      0.332564 
_atom_sites.fract_transf_vector[2]      -0.268459 
_atom_sites.fract_transf_vector[3]      0.019824 
# 
loop_
_atom_type.symbol 
C 
N 
O 
S 
# 
loop_
_atom_site.group_PDB 
_atom_site.id 
_atom_site.type_symbol 
_atom_site.label_atom_id 
_atom_site.label_alt_id 
_atom_site.label_comp_id 
_atom_site.label_asym_id 
_atom_site.label_entity_id 
_atom_site.label_seq_id 
_atom_site.pdbx_PDB_ins_code 
_atom_site.Cartn_x 
_atom_site.Cartn_y 
_atom_site.Cartn_z 
_atom_site.occupancy 
_atom_site.B_iso_or_equiv 
_atom_site.pdbx_formal_charge 
_atom_site.auth_seq_id 
_atom_site.auth_comp_id 
_atom_site.auth_asym_id 
_atom_site.auth_atom_id 
_atom_site.pdbx_PDB_model_num 
ATOM   1    N N   . ALA A 1 1   ? 14.162  -3.049  8.917   1.00 29.61 ? 1   ALA A N   1 
ATOM   2    C CA  . ALA A 1 1   ? 14.187  -4.207  7.973   1.00 29.93 ? 1   ALA A CA  1 
ATOM   3    C C   . ALA A 1 1   ? 13.526  -3.832  6.652   1.00 29.68 ? 1   ALA A C   1 
ATOM   4    O O   . ALA A 1 1   ? 13.838  -4.394  5.595   1.00 30.43 ? 1   ALA A O   1 
ATOM   5    C CB  . ALA A 1 1   ? 13.483  -5.416  8.593   1.00 30.00 ? 1   ALA A CB  1 
ATOM   6    N N   . PHE A 1 2   ? 12.596  -2.892  6.734   1.00 29.00 ? 2   PHE A N   1 
ATOM   7    C CA  . PHE A 1 2   ? 11.828  -2.432  5.573   1.00 28.58 ? 2   PHE A CA  1 
ATOM   8    C C   . PHE A 1 2   ? 12.525  -1.250  4.896   1.00 28.53 ? 2   PHE A C   1 
ATOM   9    O O   . PHE A 1 2   ? 12.098  -0.785  3.834   1.00 28.93 ? 2   PHE A O   1 
ATOM   10   C CB  . PHE A 1 2   ? 10.411  -2.042  6.014   1.00 28.20 ? 2   PHE A CB  1 
ATOM   11   C CG  . PHE A 1 2   ? 9.559   -3.215  6.414   1.00 27.35 ? 2   PHE A CG  1 
ATOM   12   C CD1 . PHE A 1 2   ? 8.884   -3.969  5.450   1.00 25.95 ? 2   PHE A CD1 1 
ATOM   13   C CD2 . PHE A 1 2   ? 9.427   -3.572  7.755   1.00 28.16 ? 2   PHE A CD2 1 
ATOM   14   C CE1 . PHE A 1 2   ? 8.107   -5.058  5.809   1.00 25.84 ? 2   PHE A CE1 1 
ATOM   15   C CE2 . PHE A 1 2   ? 8.650   -4.656  8.131   1.00 28.36 ? 2   PHE A CE2 1 
ATOM   16   C CZ  . PHE A 1 2   ? 7.980   -5.405  7.157   1.00 27.81 ? 2   PHE A CZ  1 
ATOM   17   N N   . ASP A 1 3   ? 13.600  -0.773  5.516   1.00 27.90 ? 3   ASP A N   1 
ATOM   18   C CA  . ASP A 1 3   ? 14.304  0.429   5.064   1.00 27.37 ? 3   ASP A CA  1 
ATOM   19   C C   . ASP A 1 3   ? 14.822  0.310   3.651   1.00 26.49 ? 3   ASP A C   1 
ATOM   20   O O   . ASP A 1 3   ? 15.285  -0.761  3.225   1.00 26.38 ? 3   ASP A O   1 
ATOM   21   C CB  . ASP A 1 3   ? 15.522  0.722   5.953   1.00 28.37 ? 3   ASP A CB  1 
ATOM   22   C CG  . ASP A 1 3   ? 15.176  1.457   7.229   1.00 29.95 ? 3   ASP A CG  1 
ATOM   23   O OD1 . ASP A 1 3   ? 13.981  1.656   7.554   1.00 31.36 ? 3   ASP A OD1 1 
ATOM   24   O OD2 . ASP A 1 3   ? 16.145  1.823   7.935   1.00 33.98 ? 3   ASP A OD2 1 
ATOM   25   N N   . GLY A 1 4   ? 14.759  1.424   2.936   1.00 24.64 ? 4   GLY A N   1 
ATOM   26   C CA  . GLY A 1 4   ? 15.376  1.517   1.634   1.00 23.28 ? 4   GLY A CA  1 
ATOM   27   C C   . GLY A 1 4   ? 14.418  1.946   0.548   1.00 22.03 ? 4   GLY A C   1 
ATOM   28   O O   . GLY A 1 4   ? 13.292  2.364   0.820   1.00 21.34 ? 4   GLY A O   1 
ATOM   29   N N   . THR A 1 5   ? 14.887  1.820   -0.685  1.00 21.50 ? 5   THR A N   1 
ATOM   30   C CA  . THR A 1 5   ? 14.126  2.282   -1.848  1.00 20.83 ? 5   THR A CA  1 
ATOM   31   C C   . THR A 1 5   ? 13.638  1.070   -2.602  1.00 20.43 ? 5   THR A C   1 
ATOM   32   O O   . THR A 1 5   ? 14.433  0.240   -3.040  1.00 20.95 ? 5   THR A O   1 
ATOM   33   C CB  . THR A 1 5   ? 14.992  3.180   -2.744  1.00 20.85 ? 5   THR A CB  1 
ATOM   34   O OG1 . THR A 1 5   ? 15.319  4.370   -2.015  1.00 22.15 ? 5   THR A OG1 1 
ATOM   35   C CG2 . THR A 1 5   ? 14.256  3.538   -4.049  1.00 20.45 ? 5   THR A CG2 1 
ATOM   36   N N   . TRP A 1 6   ? 12.312  0.941   -2.711  1.00 18.78 ? 6   TRP A N   1 
ATOM   37   C CA  . TRP A 1 6   ? 11.719  -0.225  -3.310  1.00 18.25 ? 6   TRP A CA  1 
ATOM   38   C C   . TRP A 1 6   ? 10.978  0.130   -4.566  1.00 17.31 ? 6   TRP A C   1 
ATOM   39   O O   . TRP A 1 6   ? 10.163  1.049   -4.567  1.00 16.18 ? 6   TRP A O   1 
ATOM   40   C CB  . TRP A 1 6   ? 10.730  -0.848  -2.341  1.00 18.78 ? 6   TRP A CB  1 
ATOM   41   C CG  . TRP A 1 6   ? 11.325  -1.259  -1.048  1.00 18.76 ? 6   TRP A CG  1 
ATOM   42   C CD1 . TRP A 1 6   ? 11.341  -0.550  0.099   1.00 19.24 ? 6   TRP A CD1 1 
ATOM   43   C CD2 . TRP A 1 6   ? 11.941  -2.522  -0.766  1.00 18.42 ? 6   TRP A CD2 1 
ATOM   44   N NE1 . TRP A 1 6   ? 11.960  -1.291  1.099   1.00 20.56 ? 6   TRP A NE1 1 
ATOM   45   C CE2 . TRP A 1 6   ? 12.338  -2.500  0.581   1.00 19.62 ? 6   TRP A CE2 1 
ATOM   46   C CE3 . TRP A 1 6   ? 12.220  -3.654  -1.536  1.00 19.55 ? 6   TRP A CE3 1 
ATOM   47   C CZ2 . TRP A 1 6   ? 12.977  -3.592  1.193   1.00 20.25 ? 6   TRP A CZ2 1 
ATOM   48   C CZ3 . TRP A 1 6   ? 12.860  -4.750  -0.922  1.00 19.90 ? 6   TRP A CZ3 1 
ATOM   49   C CH2 . TRP A 1 6   ? 13.237  -4.692  0.420   1.00 20.64 ? 6   TRP A CH2 1 
ATOM   50   N N   . LYS A 1 7   ? 11.221  -0.636  -5.623  1.00 17.82 ? 7   LYS A N   1 
ATOM   51   C CA  . LYS A 1 7   ? 10.617  -0.339  -6.915  1.00 18.06 ? 7   LYS A CA  1 
ATOM   52   C C   . LYS A 1 7   ? 9.782   -1.523  -7.305  1.00 17.16 ? 7   LYS A C   1 
ATOM   53   O O   . LYS A 1 7   ? 10.248  -2.665  -7.272  1.00 17.28 ? 7   LYS A O   1 
ATOM   54   C CB  . LYS A 1 7   ? 11.693  -0.093  -7.987  1.00 17.93 ? 7   LYS A CB  1 
ATOM   55   C CG  . LYS A 1 7   ? 12.457  1.197   -7.825  1.00 21.72 ? 7   LYS A CG  1 
ATOM   56   C CD  . LYS A 1 7   ? 13.325  1.430   -9.064  1.00 25.11 ? 7   LYS A CD  1 
ATOM   57   C CE  . LYS A 1 7   ? 13.646  2.901   -9.248  1.00 28.72 ? 7   LYS A CE  1 
ATOM   58   N NZ  . LYS A 1 7   ? 13.889  3.227   -10.690 1.00 30.36 ? 7   LYS A NZ  1 
ATOM   59   N N   . VAL A 1 8   ? 8.527   -1.277  -7.675  1.00 16.77 ? 8   VAL A N   1 
ATOM   60   C CA  . VAL A 1 8   ? 7.664   -2.382  -8.011  1.00 16.38 ? 8   VAL A CA  1 
ATOM   61   C C   . VAL A 1 8   ? 8.214   -3.211  -9.182  1.00 16.98 ? 8   VAL A C   1 
ATOM   62   O O   . VAL A 1 8   ? 8.703   -2.664  -10.170 1.00 17.57 ? 8   VAL A O   1 
ATOM   63   C CB  . VAL A 1 8   ? 6.198   -1.917  -8.261  1.00 15.74 ? 8   VAL A CB  1 
ATOM   64   C CG1 . VAL A 1 8   ? 6.105   -1.150  -9.594  1.00 15.55 ? 8   VAL A CG1 1 
ATOM   65   C CG2 . VAL A 1 8   ? 5.272   -3.103  -8.247  1.00 18.00 ? 8   VAL A CG2 1 
ATOM   66   N N   . ASP A 1 9   ? 8.166   -4.527  -9.020  1.00 17.27 ? 9   ASP A N   1 
ATOM   67   C CA  . ASP A 1 9   ? 8.701   -5.480  -9.996  1.00 18.56 ? 9   ASP A CA  1 
ATOM   68   C C   . ASP A 1 9   ? 7.594   -6.229  -10.731 1.00 18.60 ? 9   ASP A C   1 
ATOM   69   O O   . ASP A 1 9   ? 7.667   -6.428  -11.944 1.00 19.20 ? 9   ASP A O   1 
ATOM   70   C CB  . ASP A 1 9   ? 9.591   -6.511  -9.295  1.00 19.20 ? 9   ASP A CB  1 
ATOM   71   C CG  . ASP A 1 9   ? 10.183  -7.518  -10.262 1.00 21.55 ? 9   ASP A CG  1 
ATOM   72   O OD1 . ASP A 1 9   ? 10.943  -7.084  -11.160 1.00 24.90 ? 9   ASP A OD1 1 
ATOM   73   O OD2 . ASP A 1 9   ? 9.865   -8.730  -10.150 1.00 23.29 ? 9   ASP A OD2 1 
ATOM   74   N N   . ARG A 1 10  ? 6.585   -6.684  -9.984  1.00 18.14 ? 10  ARG A N   1 
ATOM   75   C CA  . ARG A 1 10  ? 5.488   -7.447  -10.563 1.00 18.02 ? 10  ARG A CA  1 
ATOM   76   C C   . ARG A 1 10  ? 4.280   -7.408  -9.662  1.00 17.82 ? 10  ARG A C   1 
ATOM   77   O O   . ARG A 1 10  ? 4.396   -7.133  -8.465  1.00 17.93 ? 10  ARG A O   1 
ATOM   78   C CB  . ARG A 1 10  ? 5.865   -8.915  -10.792 1.00 18.86 ? 10  ARG A CB  1 
ATOM   79   C CG  . ARG A 1 10  ? 6.265   -9.665  -9.548  1.00 20.09 ? 10  ARG A CG  1 
ATOM   80   C CD  . ARG A 1 10  ? 7.003   -10.951 -9.896  1.00 22.36 ? 10  ARG A CD  1 
ATOM   81   N NE  . ARG A 1 10  ? 7.265   -11.766 -8.711  1.00 25.68 ? 10  ARG A NE  1 
ATOM   82   C CZ  . ARG A 1 10  ? 8.326   -11.618 -7.926  1.00 24.54 ? 10  ARG A CZ  1 
ATOM   83   N NH1 . ARG A 1 10  ? 9.226   -10.677 -8.181  1.00 25.48 ? 10  ARG A NH1 1 
ATOM   84   N NH2 . ARG A 1 10  ? 8.477   -12.407 -6.872  1.00 27.09 ? 10  ARG A NH2 1 
ATOM   85   N N   . ASN A 1 11  ? 3.137   -7.704  -10.259 1.00 17.75 ? 11  ASN A N   1 
ATOM   86   C CA  . ASN A 1 11  ? 1.871   -7.778  -9.531  1.00 18.41 ? 11  ASN A CA  1 
ATOM   87   C C   . ASN A 1 11  ? 1.245   -9.148  -9.645  1.00 18.43 ? 11  ASN A C   1 
ATOM   88   O O   . ASN A 1 11  ? 1.534   -9.924  -10.573 1.00 19.22 ? 11  ASN A O   1 
ATOM   89   C CB  . ASN A 1 11  ? 0.877   -6.757  -10.072 1.00 18.84 ? 11  ASN A CB  1 
ATOM   90   C CG  . ASN A 1 11  ? 1.436   -5.345  -10.103 1.00 18.96 ? 11  ASN A CG  1 
ATOM   91   O OD1 . ASN A 1 11  ? 2.073   -4.884  -9.153  1.00 20.79 ? 11  ASN A OD1 1 
ATOM   92   N ND2 . ASN A 1 11  ? 1.171   -4.644  -11.202 1.00 22.70 ? 11  ASN A ND2 1 
ATOM   93   N N   . GLU A 1 12  ? 0.390   -9.451  -8.675  1.00 17.45 ? 12  GLU A N   1 
ATOM   94   C CA  . GLU A 1 12  ? -0.450  -10.635 -8.709  1.00 18.20 ? 12  GLU A CA  1 
ATOM   95   C C   . GLU A 1 12  ? -1.859  -10.168 -8.408  1.00 16.34 ? 12  GLU A C   1 
ATOM   96   O O   . GLU A 1 12  ? -2.118  -9.549  -7.377  1.00 16.59 ? 12  GLU A O   1 
ATOM   97   C CB  . GLU A 1 12  ? -0.019  -11.671 -7.666  1.00 18.93 ? 12  GLU A CB  1 
ATOM   98   C CG  . GLU A 1 12  ? 1.311   -12.347 -7.957  1.00 21.42 ? 12  GLU A CG  1 
ATOM   99   C CD  . GLU A 1 12  ? 1.621   -13.528 -7.019  1.00 22.45 ? 12  GLU A CD  1 
ATOM   100  O OE1 . GLU A 1 12  ? 0.768   -13.902 -6.177  1.00 26.60 ? 12  GLU A OE1 1 
ATOM   101  O OE2 . GLU A 1 12  ? 2.747   -14.076 -7.117  1.00 27.94 ? 12  GLU A OE2 1 
ATOM   102  N N   . ASN A 1 13  ? -2.752  -10.438 -9.356  1.00 15.36 ? 13  ASN A N   1 
ATOM   103  C CA  . ASN A 1 13  ? -4.165  -10.192 -9.219  1.00 13.67 ? 13  ASN A CA  1 
ATOM   104  C C   . ASN A 1 13  ? -4.539  -8.726  -8.977  1.00 12.78 ? 13  ASN A C   1 
ATOM   105  O O   . ASN A 1 13  ? -5.642  -8.433  -8.507  1.00 13.08 ? 13  ASN A O   1 
ATOM   106  C CB  . ASN A 1 13  ? -4.779  -11.115 -8.159  1.00 13.70 ? 13  ASN A CB  1 
ATOM   107  C CG  . ASN A 1 13  ? -6.248  -11.378 -8.416  1.00 15.45 ? 13  ASN A CG  1 
ATOM   108  O OD1 . ASN A 1 13  ? -6.658  -11.637 -9.560  1.00 17.59 ? 13  ASN A OD1 1 
ATOM   109  N ND2 . ASN A 1 13  ? -7.063  -11.264 -7.365  1.00 15.82 ? 13  ASN A ND2 1 
ATOM   110  N N   . TYR A 1 14  ? -3.659  -7.818  -9.384  1.00 12.95 ? 14  TYR A N   1 
ATOM   111  C CA  . TYR A 1 14  ? -3.908  -6.414  -9.068  1.00 12.55 ? 14  TYR A CA  1 
ATOM   112  C C   . TYR A 1 14  ? -5.048  -5.816  -9.882  1.00 12.18 ? 14  TYR A C   1 
ATOM   113  O O   . TYR A 1 14  ? -5.839  -5.015  -9.357  1.00 10.83 ? 14  TYR A O   1 
ATOM   114  C CB  . TYR A 1 14  ? -2.587  -5.624  -9.148  1.00 12.02 ? 14  TYR A CB  1 
ATOM   115  C CG  . TYR A 1 14  ? -2.669  -4.207  -8.665  1.00 11.08 ? 14  TYR A CG  1 
ATOM   116  C CD1 . TYR A 1 14  ? -3.357  -3.882  -7.494  1.00 12.15 ? 14  TYR A CD1 1 
ATOM   117  C CD2 . TYR A 1 14  ? -2.033  -3.183  -9.366  1.00 11.67 ? 14  TYR A CD2 1 
ATOM   118  C CE1 . TYR A 1 14  ? -3.424  -2.563  -7.038  1.00 11.00 ? 14  TYR A CE1 1 
ATOM   119  C CE2 . TYR A 1 14  ? -2.098  -1.865  -8.914  1.00 10.70 ? 14  TYR A CE2 1 
ATOM   120  C CZ  . TYR A 1 14  ? -2.800  -1.556  -7.760  1.00 13.06 ? 14  TYR A CZ  1 
ATOM   121  O OH  . TYR A 1 14  ? -2.862  -0.244  -7.319  1.00 9.88  ? 14  TYR A OH  1 
ATOM   122  N N   . GLU A 1 15  ? -5.212  -6.219  -11.149 1.00 13.27 ? 15  GLU A N   1 
ATOM   123  C CA  . GLU A 1 15  ? -6.354  -5.726  -11.909 1.00 14.08 ? 15  GLU A CA  1 
ATOM   124  C C   . GLU A 1 15  ? -7.707  -6.099  -11.310 1.00 13.84 ? 15  GLU A C   1 
ATOM   125  O O   . GLU A 1 15  ? -8.570  -5.250  -11.208 1.00 14.09 ? 15  GLU A O   1 
ATOM   126  C CB  . GLU A 1 15  ? -6.242  -6.093  -13.382 1.00 15.68 ? 15  GLU A CB  1 
ATOM   127  C CG  . GLU A 1 15  ? -5.011  -5.422  -13.971 1.00 19.23 ? 15  GLU A CG  1 
ATOM   128  C CD  . GLU A 1 15  ? -5.029  -5.357  -15.491 1.00 23.29 ? 15  GLU A CD  1 
ATOM   129  O OE1 . GLU A 1 15  ? -6.131  -5.248  -16.080 1.00 29.15 ? 15  GLU A OE1 1 
ATOM   130  O OE2 . GLU A 1 15  ? -3.935  -5.409  -16.083 1.00 27.74 ? 15  GLU A OE2 1 
ATOM   131  N N   . LYS A 1 16  ? -7.860  -7.346  -10.859 1.00 14.08 ? 16  LYS A N   1 
ATOM   132  C CA  . LYS A 1 16  ? -9.107  -7.746  -10.225 1.00 14.75 ? 16  LYS A CA  1 
ATOM   133  C C   . LYS A 1 16  ? -9.350  -7.003  -8.923  1.00 13.57 ? 16  LYS A C   1 
ATOM   134  O O   . LYS A 1 16  ? -10.482 -6.625  -8.633  1.00 13.55 ? 16  LYS A O   1 
ATOM   135  C CB  . LYS A 1 16  ? -9.141  -9.254  -10.007 1.00 16.30 ? 16  LYS A CB  1 
ATOM   136  C CG  . LYS A 1 16  ? -9.459  -10.040 -11.270 1.00 20.83 ? 16  LYS A CG  1 
ATOM   137  C CD  . LYS A 1 16  ? -10.959 -10.043 -11.563 1.00 27.20 ? 16  LYS A CD  1 
ATOM   138  C CE  . LYS A 1 16  ? -11.259 -10.691 -12.926 1.00 30.52 ? 16  LYS A CE  1 
ATOM   139  N NZ  . LYS A 1 16  ? -12.714 -10.976 -13.144 1.00 34.21 ? 16  LYS A NZ  1 
ATOM   140  N N   . PHE A 1 17  ? -8.283  -6.752  -8.163  1.00 12.04 ? 17  PHE A N   1 
ATOM   141  C CA  . PHE A 1 17  ? -8.405  -5.958  -6.946  1.00 11.60 ? 17  PHE A CA  1 
ATOM   142  C C   . PHE A 1 17  ? -8.872  -4.543  -7.273  1.00 10.73 ? 17  PHE A C   1 
ATOM   143  O O   . PHE A 1 17  ? -9.800  -4.007  -6.633  1.00 11.62 ? 17  PHE A O   1 
ATOM   144  C CB  . PHE A 1 17  ? -7.072  -5.942  -6.193  1.00 10.81 ? 17  PHE A CB  1 
ATOM   145  C CG  . PHE A 1 17  ? -7.048  -5.015  -5.022  1.00 9.86  ? 17  PHE A CG  1 
ATOM   146  C CD1 . PHE A 1 17  ? -7.465  -5.467  -3.746  1.00 12.83 ? 17  PHE A CD1 1 
ATOM   147  C CD2 . PHE A 1 17  ? -6.632  -3.688  -5.165  1.00 12.01 ? 17  PHE A CD2 1 
ATOM   148  C CE1 . PHE A 1 17  ? -7.456  -4.582  -2.665  1.00 10.97 ? 17  PHE A CE1 1 
ATOM   149  C CE2 . PHE A 1 17  ? -6.611  -2.818  -4.059  1.00 11.93 ? 17  PHE A CE2 1 
ATOM   150  C CZ  . PHE A 1 17  ? -7.028  -3.283  -2.811  1.00 13.36 ? 17  PHE A CZ  1 
ATOM   151  N N   . MET A 1 18  ? -8.242  -3.911  -8.280  1.00 11.26 ? 18  MET A N   1 
ATOM   152  C CA  . MET A 1 18  ? -8.687  -2.562  -8.652  1.00 11.67 ? 18  MET A CA  1 
ATOM   153  C C   . MET A 1 18  ? -10.144 -2.528  -9.104  1.00 11.50 ? 18  MET A C   1 
ATOM   154  O O   . MET A 1 18  ? -10.895 -1.590  -8.790  1.00 12.41 ? 18  MET A O   1 
ATOM   155  C CB  . MET A 1 18  ? -7.783  -1.970  -9.744  1.00 11.55 ? 18  MET A CB  1 
ATOM   156  C CG  . MET A 1 18  ? -6.399  -1.719  -9.270  1.00 10.29 ? 18  MET A CG  1 
ATOM   157  S SD  . MET A 1 18  ? -5.336  -0.922  -10.505 1.00 12.18 ? 18  MET A SD  1 
ATOM   158  C CE  . MET A 1 18  ? -4.862  -2.329  -11.503 1.00 12.23 ? 18  MET A CE  1 
ATOM   159  N N   . GLU A 1 19  ? -10.536 -3.531  -9.873  1.00 12.23 ? 19  GLU A N   1 
ATOM   160  C CA  . GLU A 1 19  ? -11.906 -3.634  -10.305 1.00 14.25 ? 19  GLU A CA  1 
ATOM   161  C C   . GLU A 1 19  ? -12.850 -3.700  -9.096  1.00 13.42 ? 19  GLU A C   1 
ATOM   162  O O   . GLU A 1 19  ? -13.871 -3.008  -9.050  1.00 15.05 ? 19  GLU A O   1 
ATOM   163  C CB  . GLU A 1 19  ? -12.051 -4.846  -11.193 1.00 14.67 ? 19  GLU A CB  1 
ATOM   164  C CG  . GLU A 1 19  ? -13.379 -4.879  -11.910 1.00 18.49 ? 19  GLU A CG  1 
ATOM   165  C CD  . GLU A 1 19  ? -13.466 -5.989  -12.947 1.00 22.36 ? 19  GLU A CD  1 
ATOM   166  O OE1 . GLU A 1 19  ? -12.451 -6.683  -13.214 1.00 26.85 ? 19  GLU A OE1 1 
ATOM   167  O OE2 . GLU A 1 19  ? -14.575 -6.179  -13.480 1.00 27.38 ? 19  GLU A OE2 1 
ATOM   168  N N   . LYS A 1 20  ? -12.463 -4.473  -8.089  1.00 12.97 ? 20  LYS A N   1 
ATOM   169  C CA  . LYS A 1 20  ? -13.293 -4.590  -6.889  1.00 12.85 ? 20  LYS A CA  1 
ATOM   170  C C   . LYS A 1 20  ? -13.393 -3.256  -6.153  1.00 13.44 ? 20  LYS A C   1 
ATOM   171  O O   . LYS A 1 20  ? -14.434 -2.922  -5.568  1.00 14.13 ? 20  LYS A O   1 
ATOM   172  C CB  . LYS A 1 20  ? -12.731 -5.663  -5.947  1.00 12.68 ? 20  LYS A CB  1 
ATOM   173  C CG  . LYS A 1 20  ? -13.690 -6.094  -4.804  1.00 14.02 ? 20  LYS A CG  1 
ATOM   174  C CD  . LYS A 1 20  ? -14.875 -6.870  -5.346  1.00 17.27 ? 20  LYS A CD  1 
ATOM   175  C CE  . LYS A 1 20  ? -15.764 -7.319  -4.209  1.00 18.77 ? 20  LYS A CE  1 
ATOM   176  N NZ  . LYS A 1 20  ? -17.011 -7.955  -4.794  1.00 25.31 ? 20  LYS A NZ  1 
ATOM   177  N N   . MET A 1 21  ? -12.312 -2.493  -6.189  1.00 13.24 ? 21  MET A N   1 
ATOM   178  C CA  . MET A 1 21  ? -12.300 -1.176  -5.552  1.00 13.61 ? 21  MET A CA  1 
ATOM   179  C C   . MET A 1 21  ? -13.099 -0.134  -6.362  1.00 13.81 ? 21  MET A C   1 
ATOM   180  O O   . MET A 1 21  ? -13.280 0.993   -5.899  1.00 15.03 ? 21  MET A O   1 
ATOM   181  C CB  . MET A 1 21  ? -10.867 -0.672  -5.378  1.00 13.24 ? 21  MET A CB  1 
ATOM   182  C CG  . MET A 1 21  ? -10.130 -1.259  -4.188  1.00 13.71 ? 21  MET A CG  1 
ATOM   183  S SD  . MET A 1 21  ? -10.690 -0.577  -2.603  1.00 14.43 ? 21  MET A SD  1 
ATOM   184  C CE  . MET A 1 21  ? -9.991  1.090   -2.670  1.00 14.04 ? 21  MET A CE  1 
ATOM   185  N N   . GLY A 1 22  ? -13.556 -0.504  -7.554  1.00 14.70 ? 22  GLY A N   1 
ATOM   186  C CA  . GLY A 1 22  ? -14.399 0.375   -8.361  1.00 14.95 ? 22  GLY A CA  1 
ATOM   187  C C   . GLY A 1 22  ? -13.683 1.201   -9.406  1.00 15.64 ? 22  GLY A C   1 
ATOM   188  O O   . GLY A 1 22  ? -14.262 2.153   -9.957  1.00 16.15 ? 22  GLY A O   1 
ATOM   189  N N   . ILE A 1 23  ? -12.441 0.823   -9.678  1.00 14.45 ? 23  ILE A N   1 
ATOM   190  C CA  . ILE A 1 23  ? -11.611 1.510   -10.658 1.00 14.29 ? 23  ILE A CA  1 
ATOM   191  C C   . ILE A 1 23  ? -12.011 1.090   -12.076 1.00 15.80 ? 23  ILE A C   1 
ATOM   192  O O   . ILE A 1 23  ? -12.135 -0.099  -12.365 1.00 15.94 ? 23  ILE A O   1 
ATOM   193  C CB  . ILE A 1 23  ? -10.102 1.231   -10.402 1.00 13.97 ? 23  ILE A CB  1 
ATOM   194  C CG1 . ILE A 1 23  ? -9.704  1.524   -8.936  1.00 13.63 ? 23  ILE A CG1 1 
ATOM   195  C CG2 . ILE A 1 23  ? -9.223  2.058   -11.354 1.00 13.20 ? 23  ILE A CG2 1 
ATOM   196  C CD1 . ILE A 1 23  ? -10.159 2.880   -8.395  1.00 13.47 ? 23  ILE A CD1 1 
ATOM   197  N N   . ASN A 1 24  ? -12.142 2.077   -12.967 1.00 17.49 ? 24  ASN A N   1 
ATOM   198  C CA  . ASN A 1 24  ? -12.531 1.795   -14.358 1.00 18.34 ? 24  ASN A CA  1 
ATOM   199  C C   . ASN A 1 24  ? -11.396 1.180   -15.177 1.00 17.97 ? 24  ASN A C   1 
ATOM   200  O O   . ASN A 1 24  ? -10.255 1.207   -14.729 1.00 16.37 ? 24  ASN A O   1 
ATOM   201  C CB  . ASN A 1 24  ? -13.154 3.044   -15.026 1.00 19.61 ? 24  ASN A CB  1 
ATOM   202  C CG  . ASN A 1 24  ? -12.117 4.083   -15.530 1.00 22.68 ? 24  ASN A CG  1 
ATOM   203  O OD1 . ASN A 1 24  ? -11.040 3.746   -16.002 1.00 26.68 ? 24  ASN A OD1 1 
ATOM   204  N ND2 . ASN A 1 24  ? -12.480 5.363   -15.440 1.00 27.99 ? 24  ASN A ND2 1 
ATOM   205  N N   . VAL A 1 25  ? -11.692 0.626   -16.359 1.00 17.61 ? 25  VAL A N   1 
ATOM   206  C CA  . VAL A 1 25  ? -10.697 -0.178  -17.097 1.00 17.49 ? 25  VAL A CA  1 
ATOM   207  C C   . VAL A 1 25  ? -9.435  0.623   -17.496 1.00 16.30 ? 25  VAL A C   1 
ATOM   208  O O   . VAL A 1 25  ? -8.320  0.134   -17.342 1.00 16.80 ? 25  VAL A O   1 
ATOM   209  C CB  . VAL A 1 25  ? -11.315 -0.960  -18.316 1.00 18.33 ? 25  VAL A CB  1 
ATOM   210  C CG1 . VAL A 1 25  ? -11.867 -0.021  -19.381 1.00 19.84 ? 25  VAL A CG1 1 
ATOM   211  C CG2 . VAL A 1 25  ? -10.314 -1.939  -18.904 1.00 18.73 ? 25  VAL A CG2 1 
ATOM   212  N N   . VAL A 1 26  ? -9.626  1.846   -17.984 1.00 16.03 ? 26  VAL A N   1 
ATOM   213  C CA  . VAL A 1 26  ? -8.478  2.699   -18.347 1.00 14.20 ? 26  VAL A CA  1 
ATOM   214  C C   . VAL A 1 26  ? -7.585  2.891   -17.136 1.00 13.58 ? 26  VAL A C   1 
ATOM   215  O O   . VAL A 1 26  ? -6.379  2.648   -17.229 1.00 13.56 ? 26  VAL A O   1 
ATOM   216  C CB  . VAL A 1 26  ? -8.877  4.096   -18.913 1.00 14.11 ? 26  VAL A CB  1 
ATOM   217  C CG1 . VAL A 1 26  ? -7.651  4.993   -19.062 1.00 13.73 ? 26  VAL A CG1 1 
ATOM   218  C CG2 . VAL A 1 26  ? -9.619  3.948   -20.238 1.00 14.14 ? 26  VAL A CG2 1 
ATOM   219  N N   . LYS A 1 27  ? -8.176  3.290   -16.001 1.00 13.50 ? 27  LYS A N   1 
ATOM   220  C CA  . LYS A 1 27  ? -7.354  3.552   -14.815 1.00 13.85 ? 27  LYS A CA  1 
ATOM   221  C C   . LYS A 1 27  ? -6.721  2.267   -14.261 1.00 13.63 ? 27  LYS A C   1 
ATOM   222  O O   . LYS A 1 27  ? -5.654  2.340   -13.637 1.00 11.81 ? 27  LYS A O   1 
ATOM   223  C CB  . LYS A 1 27  ? -8.143  4.298   -13.736 1.00 15.87 ? 27  LYS A CB  1 
ATOM   224  C CG  . LYS A 1 27  ? -8.533  5.746   -14.082 1.00 17.07 ? 27  LYS A CG  1 
ATOM   225  C CD  . LYS A 1 27  ? -7.375  6.562   -14.629 1.00 22.17 ? 27  LYS A CD  1 
ATOM   226  C CE  . LYS A 1 27  ? -7.702  8.057   -14.692 1.00 23.62 ? 27  LYS A CE  1 
ATOM   227  N NZ  . LYS A 1 27  ? -7.010  8.793   -15.792 1.00 26.24 ? 27  LYS A NZ  1 
ATOM   228  N N   . ARG A 1 28  ? -7.379  1.117   -14.449 1.00 12.71 ? 28  ARG A N   1 
ATOM   229  C CA  . ARG A 1 28  ? -6.769  -0.168  -14.061 1.00 13.86 ? 28  ARG A CA  1 
ATOM   230  C C   . ARG A 1 28  ? -5.517  -0.418  -14.874 1.00 13.77 ? 28  ARG A C   1 
ATOM   231  O O   . ARG A 1 28  ? -4.480  -0.789  -14.335 1.00 13.41 ? 28  ARG A O   1 
ATOM   232  C CB  . ARG A 1 28  ? -7.724  -1.361  -14.182 1.00 13.89 ? 28  ARG A CB  1 
ATOM   233  C CG  . ARG A 1 28  ? -8.959  -1.208  -13.311 1.00 15.14 ? 28  ARG A CG  1 
ATOM   234  C CD  . ARG A 1 28  ? -9.639  -2.542  -13.111 1.00 15.23 ? 28  ARG A CD  1 
ATOM   235  N NE  . ARG A 1 28  ? -10.128 -3.133  -14.361 1.00 17.13 ? 28  ARG A NE  1 
ATOM   236  C CZ  . ARG A 1 28  ? -11.365 -2.995  -14.846 1.00 17.70 ? 28  ARG A CZ  1 
ATOM   237  N NH1 . ARG A 1 28  ? -12.291 -2.259  -14.228 1.00 18.56 ? 28  ARG A NH1 1 
ATOM   238  N NH2 . ARG A 1 28  ? -11.668 -3.619  -15.975 1.00 20.15 ? 28  ARG A NH2 1 
ATOM   239  N N   . LYS A 1 29  ? -5.624  -0.186  -16.183 1.00 14.58 ? 29  LYS A N   1 
ATOM   240  C CA  . LYS A 1 29  ? -4.478  -0.383  -17.043 1.00 15.49 ? 29  LYS A CA  1 
ATOM   241  C C   . LYS A 1 29  ? -3.334  0.574   -16.742 1.00 14.11 ? 29  LYS A C   1 
ATOM   242  O O   . LYS A 1 29  ? -2.168  0.186   -16.849 1.00 15.11 ? 29  LYS A O   1 
ATOM   243  C CB  . LYS A 1 29  ? -4.904  -0.317  -18.516 1.00 16.13 ? 29  LYS A CB  1 
ATOM   244  C CG  . LYS A 1 29  ? -5.863  -1.458  -18.907 1.00 18.13 ? 29  LYS A CG  1 
ATOM   245  C CD  . LYS A 1 29  ? -5.304  -2.822  -18.543 1.00 23.78 ? 29  LYS A CD  1 
ATOM   246  C CE  . LYS A 1 29  ? -6.074  -3.958  -19.219 1.00 27.36 ? 29  LYS A CE  1 
ATOM   247  N NZ  . LYS A 1 29  ? -5.381  -5.281  -19.077 1.00 29.35 ? 29  LYS A NZ  1 
ATOM   248  N N   . LEU A 1 30  ? -3.645  1.814   -16.368 1.00 12.96 ? 30  LEU A N   1 
ATOM   249  C CA  . LEU A 1 30  ? -2.641  2.738   -15.861 1.00 12.36 ? 30  LEU A CA  1 
ATOM   250  C C   . LEU A 1 30  ? -2.060  2.260   -14.551 1.00 12.80 ? 30  LEU A C   1 
ATOM   251  O O   . LEU A 1 30  ? -0.858  2.292   -14.364 1.00 13.70 ? 30  LEU A O   1 
ATOM   252  C CB  . LEU A 1 30  ? -3.214  4.151   -15.669 1.00 11.96 ? 30  LEU A CB  1 
ATOM   253  C CG  . LEU A 1 30  ? -3.628  4.817   -16.983 1.00 13.20 ? 30  LEU A CG  1 
ATOM   254  C CD1 . LEU A 1 30  ? -4.269  6.158   -16.681 1.00 14.89 ? 30  LEU A CD1 1 
ATOM   255  C CD2 . LEU A 1 30  ? -2.419  5.005   -17.936 1.00 13.43 ? 30  LEU A CD2 1 
ATOM   256  N N   . GLY A 1 31  ? -2.946  1.837   -13.641 1.00 11.97 ? 31  GLY A N   1 
ATOM   257  C CA  . GLY A 1 31  ? -2.521  1.413   -12.304 1.00 12.50 ? 31  GLY A CA  1 
ATOM   258  C C   . GLY A 1 31  ? -1.603  0.202   -12.325 1.00 13.22 ? 31  GLY A C   1 
ATOM   259  O O   . GLY A 1 31  ? -0.739  0.085   -11.456 1.00 13.99 ? 31  GLY A O   1 
ATOM   260  N N   . ALA A 1 32  ? -1.803  -0.672  -13.311 1.00 12.59 ? 32  ALA A N   1 
ATOM   261  C CA  . ALA A 1 32  ? -0.959  -1.871  -13.529 1.00 14.55 ? 32  ALA A CA  1 
ATOM   262  C C   . ALA A 1 32  ? 0.495   -1.509  -13.812 1.00 14.44 ? 32  ALA A C   1 
ATOM   263  O O   . ALA A 1 32  ? 1.408   -2.307  -13.572 1.00 15.43 ? 32  ALA A O   1 
ATOM   264  C CB  . ALA A 1 32  ? -1.527  -2.704  -14.675 1.00 15.12 ? 32  ALA A CB  1 
ATOM   265  N N   . HIS A 1 33  ? 0.714   -0.294  -14.312 1.00 14.66 ? 33  HIS A N   1 
ATOM   266  C CA  . HIS A 1 33  ? 2.027   0.161   -14.713 1.00 15.03 ? 33  HIS A CA  1 
ATOM   267  C C   . HIS A 1 33  ? 2.287   1.535   -14.105 1.00 14.51 ? 33  HIS A C   1 
ATOM   268  O O   . HIS A 1 33  ? 2.697   2.483   -14.790 1.00 14.94 ? 33  HIS A O   1 
ATOM   269  C CB  . HIS A 1 33  ? 2.085   0.266   -16.250 1.00 16.14 ? 33  HIS A CB  1 
ATOM   270  C CG  . HIS A 1 33  ? 1.879   -1.032  -16.955 1.00 19.29 ? 33  HIS A CG  1 
ATOM   271  N ND1 . HIS A 1 33  ? 2.887   -1.958  -17.119 1.00 25.05 ? 33  HIS A ND1 1 
ATOM   272  C CD2 . HIS A 1 33  ? 0.785   -1.552  -17.564 1.00 23.50 ? 33  HIS A CD2 1 
ATOM   273  C CE1 . HIS A 1 33  ? 2.413   -3.003  -17.780 1.00 25.16 ? 33  HIS A CE1 1 
ATOM   274  N NE2 . HIS A 1 33  ? 1.144   -2.778  -18.066 1.00 24.47 ? 33  HIS A NE2 1 
ATOM   275  N N   . ASP A 1 34  ? 2.058   1.663   -12.806 1.00 13.37 ? 34  ASP A N   1 
ATOM   276  C CA  . ASP A 1 34  ? 2.156   2.960   -12.156 1.00 13.28 ? 34  ASP A CA  1 
ATOM   277  C C   . ASP A 1 34  ? 3.558   3.361   -11.718 1.00 12.90 ? 34  ASP A C   1 
ATOM   278  O O   . ASP A 1 34  ? 3.733   4.435   -11.171 1.00 12.55 ? 34  ASP A O   1 
ATOM   279  C CB  . ASP A 1 34  ? 1.183   3.056   -10.975 1.00 13.43 ? 34  ASP A CB  1 
ATOM   280  C CG  . ASP A 1 34  ? 1.525   2.092   -9.857  1.00 13.15 ? 34  ASP A CG  1 
ATOM   281  O OD1 . ASP A 1 34  ? 2.504   1.328   -10.003 1.00 12.83 ? 34  ASP A OD1 1 
ATOM   282  O OD2 . ASP A 1 34  ? 0.774   2.059   -8.840  1.00 15.82 ? 34  ASP A OD2 1 
ATOM   283  N N   . ASN A 1 35  ? 4.545   2.486   -11.957 1.00 13.91 ? 35  ASN A N   1 
ATOM   284  C CA  . ASN A 1 35  ? 5.924   2.752   -11.555 1.00 15.30 ? 35  ASN A CA  1 
ATOM   285  C C   . ASN A 1 35  ? 6.060   3.055   -10.070 1.00 14.45 ? 35  ASN A C   1 
ATOM   286  O O   . ASN A 1 35  ? 6.914   3.842   -9.659  1.00 15.96 ? 35  ASN A O   1 
ATOM   287  C CB  . ASN A 1 35  ? 6.534   3.895   -12.377 1.00 15.83 ? 35  ASN A CB  1 
ATOM   288  C CG  . ASN A 1 35  ? 6.783   3.504   -13.794 1.00 21.44 ? 35  ASN A CG  1 
ATOM   289  O OD1 . ASN A 1 35  ? 7.166   2.368   -14.077 1.00 27.90 ? 35  ASN A OD1 1 
ATOM   290  N ND2 . ASN A 1 35  ? 6.538   4.428   -14.714 1.00 26.50 ? 35  ASN A ND2 1 
ATOM   291  N N   . LEU A 1 36  ? 5.214   2.423   -9.258  1.00 13.47 ? 36  LEU A N   1 
ATOM   292  C CA  . LEU A 1 36  ? 5.224   2.711   -7.823  1.00 12.83 ? 36  LEU A CA  1 
ATOM   293  C C   . LEU A 1 36  ? 6.607   2.454   -7.217  1.00 12.87 ? 36  LEU A C   1 
ATOM   294  O O   . LEU A 1 36  ? 7.206   1.384   -7.409  1.00 13.16 ? 36  LEU A O   1 
ATOM   295  C CB  . LEU A 1 36  ? 4.186   1.857   -7.112  1.00 12.45 ? 36  LEU A CB  1 
ATOM   296  C CG  . LEU A 1 36  ? 3.992   2.074   -5.600  1.00 12.40 ? 36  LEU A CG  1 
ATOM   297  C CD1 . LEU A 1 36  ? 3.592   3.521   -5.249  1.00 13.19 ? 36  LEU A CD1 1 
ATOM   298  C CD2 . LEU A 1 36  ? 2.952   1.062   -5.092  1.00 12.33 ? 36  LEU A CD2 1 
ATOM   299  N N   . LYS A 1 37  ? 7.076   3.454   -6.496  1.00 13.86 ? 37  LYS A N   1 
ATOM   300  C CA  . LYS A 1 37  ? 8.355   3.377   -5.782  1.00 15.03 ? 37  LYS A CA  1 
ATOM   301  C C   . LYS A 1 37  ? 8.089   3.832   -4.351  1.00 14.72 ? 37  LYS A C   1 
ATOM   302  O O   . LYS A 1 37  ? 7.396   4.812   -4.107  1.00 13.71 ? 37  LYS A O   1 
ATOM   303  C CB  . LYS A 1 37  ? 9.422   4.231   -6.490  1.00 15.48 ? 37  LYS A CB  1 
ATOM   304  C CG  . LYS A 1 37  ? 10.772  4.225   -5.810  1.00 17.33 ? 37  LYS A CG  1 
ATOM   305  C CD  . LYS A 1 37  ? 11.837  4.965   -6.649  1.00 18.39 ? 37  LYS A CD  1 
ATOM   306  C CE  . LYS A 1 37  ? 11.634  6.463   -6.671  1.00 23.72 ? 37  LYS A CE  1 
ATOM   307  N NZ  . LYS A 1 37  ? 12.722  7.061   -7.534  1.00 25.89 ? 37  LYS A NZ  1 
ATOM   308  N N   . LEU A 1 38  ? 8.594   3.060   -3.386  1.00 15.05 ? 38  LEU A N   1 
ATOM   309  C CA  . LEU A 1 38  ? 8.440   3.428   -1.983  1.00 17.01 ? 38  LEU A CA  1 
ATOM   310  C C   . LEU A 1 38  ? 9.808   3.610   -1.367  1.00 17.52 ? 38  LEU A C   1 
ATOM   311  O O   . LEU A 1 38  ? 10.630  2.680   -1.396  1.00 19.14 ? 38  LEU A O   1 
ATOM   312  C CB  . LEU A 1 38  ? 7.724   2.318   -1.203  1.00 16.44 ? 38  LEU A CB  1 
ATOM   313  C CG  . LEU A 1 38  ? 6.355   1.864   -1.710  1.00 15.55 ? 38  LEU A CG  1 
ATOM   314  C CD1 . LEU A 1 38  ? 5.984   0.643   -0.902  1.00 19.67 ? 38  LEU A CD1 1 
ATOM   315  C CD2 . LEU A 1 38  ? 5.323   2.965   -1.483  1.00 17.29 ? 38  LEU A CD2 1 
ATOM   316  N N   . THR A 1 39  ? 10.054  4.784   -0.808  1.00 18.18 ? 39  THR A N   1 
ATOM   317  C CA  . THR A 1 39  ? 11.309  5.019   -0.086  1.00 18.71 ? 39  THR A CA  1 
ATOM   318  C C   . THR A 1 39  ? 10.943  5.070   1.383   1.00 18.86 ? 39  THR A C   1 
ATOM   319  O O   . THR A 1 39  ? 10.308  6.023   1.830   1.00 17.35 ? 39  THR A O   1 
ATOM   320  C CB  . THR A 1 39  ? 11.976  6.340   -0.514  1.00 19.31 ? 39  THR A CB  1 
ATOM   321  O OG1 . THR A 1 39  ? 12.132  6.344   -1.936  1.00 21.31 ? 39  THR A OG1 1 
ATOM   322  C CG2 . THR A 1 39  ? 13.355  6.490   0.139   1.00 18.58 ? 39  THR A CG2 1 
ATOM   323  N N   . ILE A 1 40  ? 11.365  4.034   2.112   1.00 20.34 ? 40  ILE A N   1 
ATOM   324  C CA  . ILE A 1 40  ? 10.921  3.787   3.496   1.00 21.04 ? 40  ILE A CA  1 
ATOM   325  C C   . ILE A 1 40  ? 12.092  4.005   4.445   1.00 22.26 ? 40  ILE A C   1 
ATOM   326  O O   . ILE A 1 40  ? 13.186  3.470   4.224   1.00 22.73 ? 40  ILE A O   1 
ATOM   327  C CB  . ILE A 1 40  ? 10.400  2.331   3.679   1.00 21.06 ? 40  ILE A CB  1 
ATOM   328  C CG1 . ILE A 1 40  ? 9.229   2.035   2.717   1.00 20.23 ? 40  ILE A CG1 1 
ATOM   329  C CG2 . ILE A 1 40  ? 9.985   2.072   5.148   1.00 21.43 ? 40  ILE A CG2 1 
ATOM   330  C CD1 . ILE A 1 40  ? 8.806   0.556   2.660   1.00 20.96 ? 40  ILE A CD1 1 
ATOM   331  N N   . THR A 1 41  ? 11.855  4.809   5.474   1.00 22.89 ? 41  THR A N   1 
ATOM   332  C CA  . THR A 1 41  ? 12.809  4.948   6.582   1.00 24.22 ? 41  THR A CA  1 
ATOM   333  C C   . THR A 1 41  ? 12.070  4.754   7.898   1.00 24.11 ? 41  THR A C   1 
ATOM   334  O O   . THR A 1 41  ? 11.023  5.370   8.130   1.00 24.02 ? 41  THR A O   1 
ATOM   335  C CB  . THR A 1 41  ? 13.562  6.305   6.546   1.00 24.44 ? 41  THR A CB  1 
ATOM   336  O OG1 . THR A 1 41  ? 12.704  7.357   6.994   1.00 27.72 ? 41  THR A OG1 1 
ATOM   337  C CG2 . THR A 1 41  ? 14.023  6.630   5.136   1.00 24.50 ? 41  THR A CG2 1 
ATOM   338  N N   . GLN A 1 42  ? 12.592  3.857   8.733   1.00 24.64 ? 42  GLN A N   1 
ATOM   339  C CA  . GLN A 1 42  ? 12.027  3.624   10.066  1.00 24.95 ? 42  GLN A CA  1 
ATOM   340  C C   . GLN A 1 42  ? 12.939  4.190   11.156  1.00 25.44 ? 42  GLN A C   1 
ATOM   341  O O   . GLN A 1 42  ? 14.152  3.961   11.142  1.00 26.24 ? 42  GLN A O   1 
ATOM   342  C CB  . GLN A 1 42  ? 11.783  2.129   10.305  1.00 25.23 ? 42  GLN A CB  1 
ATOM   343  C CG  . GLN A 1 42  ? 11.244  1.815   11.711  1.00 25.82 ? 42  GLN A CG  1 
ATOM   344  C CD  . GLN A 1 42  ? 10.965  0.341   11.934  1.00 25.49 ? 42  GLN A CD  1 
ATOM   345  O OE1 . GLN A 1 42  ? 11.310  -0.500  11.098  1.00 28.53 ? 42  GLN A OE1 1 
ATOM   346  N NE2 . GLN A 1 42  ? 10.323  0.016   13.071  1.00 27.88 ? 42  GLN A NE2 1 
ATOM   347  N N   . GLU A 1 43  ? 12.331  4.941   12.068  1.00 25.08 ? 43  GLU A N   1 
ATOM   348  C CA  . GLU A 1 43  ? 13.011  5.515   13.229  1.00 25.95 ? 43  GLU A CA  1 
ATOM   349  C C   . GLU A 1 43  ? 12.205  5.201   14.503  1.00 24.83 ? 43  GLU A C   1 
ATOM   350  O O   . GLU A 1 43  ? 11.185  5.839   14.792  1.00 24.36 ? 43  GLU A O   1 
ATOM   351  C CB  . GLU A 1 43  ? 13.214  7.027   13.019  1.00 26.80 ? 43  GLU A CB  1 
ATOM   352  C CG  . GLU A 1 43  ? 11.919  7.874   12.867  1.00 30.88 ? 43  GLU A CG  1 
ATOM   353  C CD  . GLU A 1 43  ? 11.389  8.067   11.420  1.00 36.23 ? 43  GLU A CD  1 
ATOM   354  O OE1 . GLU A 1 43  ? 11.715  7.283   10.492  1.00 38.95 ? 43  GLU A OE1 1 
ATOM   355  O OE2 . GLU A 1 43  ? 10.601  9.022   11.218  1.00 37.52 ? 43  GLU A OE2 1 
ATOM   356  N N   . GLY A 1 44  ? 12.673  4.214   15.264  1.00 24.23 ? 44  GLY A N   1 
ATOM   357  C CA  . GLY A 1 44  ? 11.888  3.673   16.371  1.00 23.77 ? 44  GLY A CA  1 
ATOM   358  C C   . GLY A 1 44  ? 10.627  3.048   15.800  1.00 22.94 ? 44  GLY A C   1 
ATOM   359  O O   . GLY A 1 44  ? 10.695  2.176   14.930  1.00 23.12 ? 44  GLY A O   1 
ATOM   360  N N   . ASN A 1 45  ? 9.480   3.493   16.290  1.00 21.73 ? 45  ASN A N   1 
ATOM   361  C CA  . ASN A 1 45  ? 8.206   2.961   15.788  1.00 21.27 ? 45  ASN A CA  1 
ATOM   362  C C   . ASN A 1 45  ? 7.583   3.912   14.776  1.00 21.84 ? 45  ASN A C   1 
ATOM   363  O O   . ASN A 1 45  ? 6.376   3.855   14.492  1.00 20.51 ? 45  ASN A O   1 
ATOM   364  C CB  . ASN A 1 45  ? 7.241   2.675   16.946  1.00 21.44 ? 45  ASN A CB  1 
ATOM   365  C CG  . ASN A 1 45  ? 6.708   3.925   17.592  1.00 20.10 ? 45  ASN A CG  1 
ATOM   366  O OD1 . ASN A 1 45  ? 7.307   5.003   17.504  1.00 23.34 ? 45  ASN A OD1 1 
ATOM   367  N ND2 . ASN A 1 45  ? 5.562   3.793   18.254  1.00 22.41 ? 45  ASN A ND2 1 
ATOM   368  N N   . LYS A 1 46  ? 8.414   4.790   14.229  1.00 21.79 ? 46  LYS A N   1 
ATOM   369  C CA  . LYS A 1 46  ? 7.922   5.810   13.310  1.00 22.52 ? 46  LYS A CA  1 
ATOM   370  C C   . LYS A 1 46  ? 8.488   5.570   11.922  1.00 21.68 ? 46  LYS A C   1 
ATOM   371  O O   . LYS A 1 46  ? 9.651   5.252   11.760  1.00 21.93 ? 46  LYS A O   1 
ATOM   372  C CB  . LYS A 1 46  ? 8.230   7.222   13.822  1.00 23.62 ? 46  LYS A CB  1 
ATOM   373  C CG  . LYS A 1 46  ? 7.269   7.643   14.931  1.00 26.36 ? 46  LYS A CG  1 
ATOM   374  C CD  . LYS A 1 46  ? 7.481   9.052   15.425  1.00 30.47 ? 46  LYS A CD  1 
ATOM   375  C CE  . LYS A 1 46  ? 6.331   9.451   16.359  1.00 32.93 ? 46  LYS A CE  1 
ATOM   376  N NZ  . LYS A 1 46  ? 6.233   10.930  16.524  1.00 34.69 ? 46  LYS A NZ  1 
ATOM   377  N N   . PHE A 1 47  ? 7.619   5.686   10.919  1.00 21.52 ? 47  PHE A N   1 
ATOM   378  C CA  . PHE A 1 47  ? 7.997   5.454   9.544   1.00 20.29 ? 47  PHE A CA  1 
ATOM   379  C C   . PHE A 1 47  ? 7.736   6.693   8.716   1.00 20.23 ? 47  PHE A C   1 
ATOM   380  O O   . PHE A 1 47  ? 6.787   7.452   8.963   1.00 19.45 ? 47  PHE A O   1 
ATOM   381  C CB  . PHE A 1 47  ? 7.145   4.324   8.957   1.00 20.37 ? 47  PHE A CB  1 
ATOM   382  C CG  . PHE A 1 47  ? 7.498   2.974   9.459   1.00 17.22 ? 47  PHE A CG  1 
ATOM   383  C CD1 . PHE A 1 47  ? 7.091   2.558   10.730  1.00 19.65 ? 47  PHE A CD1 1 
ATOM   384  C CD2 . PHE A 1 47  ? 8.240   2.098   8.674   1.00 19.75 ? 47  PHE A CD2 1 
ATOM   385  C CE1 . PHE A 1 47  ? 7.426   1.283   11.200  1.00 19.00 ? 47  PHE A CE1 1 
ATOM   386  C CE2 . PHE A 1 47  ? 8.560   0.812   9.127   1.00 20.00 ? 47  PHE A CE2 1 
ATOM   387  C CZ  . PHE A 1 47  ? 8.151   0.410   10.393  1.00 21.27 ? 47  PHE A CZ  1 
ATOM   388  N N   . THR A 1 48  ? 8.609   6.907   7.741   1.00 20.01 ? 48  THR A N   1 
ATOM   389  C CA  . THR A 1 48  ? 8.310   7.863   6.688   1.00 20.85 ? 48  THR A CA  1 
ATOM   390  C C   . THR A 1 48  ? 8.342   7.046   5.411   1.00 19.34 ? 48  THR A C   1 
ATOM   391  O O   . THR A 1 48  ? 9.247   6.232   5.202   1.00 20.17 ? 48  THR A O   1 
ATOM   392  C CB  . THR A 1 48  ? 9.295   9.046   6.639   1.00 21.49 ? 48  THR A CB  1 
ATOM   393  O OG1 . THR A 1 48  ? 10.573  8.578   6.207   1.00 25.53 ? 48  THR A OG1 1 
ATOM   394  C CG2 . THR A 1 48  ? 9.402   9.709   8.005   1.00 21.35 ? 48  THR A CG2 1 
ATOM   395  N N   . VAL A 1 49  ? 7.311   7.202   4.586   1.00 19.85 ? 49  VAL A N   1 
ATOM   396  C CA  . VAL A 1 49  ? 7.262   6.498   3.308   1.00 19.39 ? 49  VAL A CA  1 
ATOM   397  C C   . VAL A 1 49  ? 7.068   7.550   2.227   1.00 19.22 ? 49  VAL A C   1 
ATOM   398  O O   . VAL A 1 49  ? 6.047   8.253   2.223   1.00 19.62 ? 49  VAL A O   1 
ATOM   399  C CB  . VAL A 1 49  ? 6.097   5.476   3.244   1.00 19.65 ? 49  VAL A CB  1 
ATOM   400  C CG1 . VAL A 1 49  ? 6.108   4.765   1.905   1.00 20.27 ? 49  VAL A CG1 1 
ATOM   401  C CG2 . VAL A 1 49  ? 6.232   4.463   4.383   1.00 21.28 ? 49  VAL A CG2 1 
ATOM   402  N N   . LYS A 1 50  ? 8.057   7.694   1.343   1.00 18.86 ? 50  LYS A N   1 
ATOM   403  C CA  . LYS A 1 50  ? 7.860   8.536   0.173   1.00 19.39 ? 50  LYS A CA  1 
ATOM   404  C C   . LYS A 1 50  ? 7.229   7.658   -0.889  1.00 17.93 ? 50  LYS A C   1 
ATOM   405  O O   . LYS A 1 50  ? 7.825   6.667   -1.337  1.00 19.02 ? 50  LYS A O   1 
ATOM   406  C CB  . LYS A 1 50  ? 9.168   9.141   -0.370  1.00 19.71 ? 50  LYS A CB  1 
ATOM   407  C CG  . LYS A 1 50  ? 8.847   10.181  -1.464  1.00 23.07 ? 50  LYS A CG  1 
ATOM   408  C CD  . LYS A 1 50  ? 9.850   10.315  -2.611  1.00 27.13 ? 50  LYS A CD  1 
ATOM   409  C CE  . LYS A 1 50  ? 9.391   11.412  -3.586  1.00 26.96 ? 50  LYS A CE  1 
ATOM   410  N NZ  . LYS A 1 50  ? 7.942   11.295  -3.999  1.00 29.76 ? 50  LYS A NZ  1 
ATOM   411  N N   . GLU A 1 51  ? 5.993   7.982   -1.250  1.00 17.93 ? 51  GLU A N   1 
ATOM   412  C CA  . GLU A 1 51  ? 5.284   7.250   -2.298  1.00 18.08 ? 51  GLU A CA  1 
ATOM   413  C C   . GLU A 1 51  ? 5.410   8.006   -3.618  1.00 17.54 ? 51  GLU A C   1 
ATOM   414  O O   . GLU A 1 51  ? 5.005   9.164   -3.702  1.00 18.13 ? 51  GLU A O   1 
ATOM   415  C CB  . GLU A 1 51  ? 3.815   7.101   -1.906  1.00 18.15 ? 51  GLU A CB  1 
ATOM   416  C CG  . GLU A 1 51  ? 2.928   6.573   -3.001  1.00 19.45 ? 51  GLU A CG  1 
ATOM   417  C CD  . GLU A 1 51  ? 1.483   6.405   -2.542  1.00 20.44 ? 51  GLU A CD  1 
ATOM   418  O OE1 . GLU A 1 51  ? 1.258   6.190   -1.315  1.00 24.44 ? 51  GLU A OE1 1 
ATOM   419  O OE2 . GLU A 1 51  ? 0.584   6.490   -3.412  1.00 19.69 ? 51  GLU A OE2 1 
ATOM   420  N N   . SER A 1 52  ? 6.030   7.378   -4.608  1.00 15.90 ? 52  SER A N   1 
ATOM   421  C CA  . SER A 1 52  ? 6.149   7.975   -5.956  1.00 16.06 ? 52  SER A CA  1 
ATOM   422  C C   . SER A 1 52  ? 5.550   7.047   -6.971  1.00 15.51 ? 52  SER A C   1 
ATOM   423  O O   . SER A 1 52  ? 5.838   5.854   -6.976  1.00 15.63 ? 52  SER A O   1 
ATOM   424  C CB  . SER A 1 52  ? 7.614   8.195   -6.351  1.00 16.21 ? 52  SER A CB  1 
ATOM   425  O OG  . SER A 1 52  ? 8.291   8.911   -5.344  1.00 22.67 ? 52  SER A OG  1 
ATOM   426  N N   . SER A 1 53  ? 4.687   7.585   -7.824  1.00 14.89 ? 53  SER A N   1 
ATOM   427  C CA  . SER A 1 53  ? 4.103   6.796   -8.898  1.00 14.58 ? 53  SER A CA  1 
ATOM   428  C C   . SER A 1 53  ? 3.715   7.759   -9.989  1.00 14.64 ? 53  SER A C   1 
ATOM   429  O O   . SER A 1 53  ? 3.794   8.982   -9.798  1.00 15.02 ? 53  SER A O   1 
ATOM   430  C CB  . SER A 1 53  ? 2.840   6.078   -8.456  1.00 13.72 ? 53  SER A CB  1 
ATOM   431  O OG  . SER A 1 53  ? 1.756   6.995   -8.307  1.00 13.66 ? 53  SER A OG  1 
ATOM   432  N N   . ASN A 1 54  ? 3.241   7.215   -11.097 1.00 14.64 ? 54  ASN A N   1 
ATOM   433  C CA  . ASN A 1 54  ? 2.723   8.081   -12.175 1.00 15.00 ? 54  ASN A CA  1 
ATOM   434  C C   . ASN A 1 54  ? 1.497   8.882   -11.753 1.00 15.51 ? 54  ASN A C   1 
ATOM   435  O O   . ASN A 1 54  ? 1.162   9.887   -12.393 1.00 17.56 ? 54  ASN A O   1 
ATOM   436  C CB  . ASN A 1 54  ? 2.422   7.271   -13.421 1.00 14.20 ? 54  ASN A CB  1 
ATOM   437  C CG  . ASN A 1 54  ? 3.621   6.516   -13.921 1.00 14.87 ? 54  ASN A CG  1 
ATOM   438  O OD1 . ASN A 1 54  ? 4.775   6.934   -13.717 1.00 16.86 ? 54  ASN A OD1 1 
ATOM   439  N ND2 . ASN A 1 54  ? 3.379   5.387   -14.564 1.00 17.88 ? 54  ASN A ND2 1 
ATOM   440  N N   . PHE A 1 55  ? 0.821   8.469   -10.677 1.00 14.71 ? 55  PHE A N   1 
ATOM   441  C CA  . PHE A 1 55  ? -0.368  9.189   -10.236 1.00 14.55 ? 55  PHE A CA  1 
ATOM   442  C C   . PHE A 1 55  ? -0.012  10.345  -9.345  1.00 15.54 ? 55  PHE A C   1 
ATOM   443  O O   . PHE A 1 55  ? -0.668  11.386  -9.401  1.00 16.69 ? 55  PHE A O   1 
ATOM   444  C CB  . PHE A 1 55  ? -1.352  8.277   -9.505  1.00 15.02 ? 55  PHE A CB  1 
ATOM   445  C CG  . PHE A 1 55  ? -1.864  7.161   -10.359 1.00 14.94 ? 55  PHE A CG  1 
ATOM   446  C CD1 . PHE A 1 55  ? -2.484  7.418   -11.583 1.00 15.14 ? 55  PHE A CD1 1 
ATOM   447  C CD2 . PHE A 1 55  ? -1.704  5.856   -9.953  1.00 15.10 ? 55  PHE A CD2 1 
ATOM   448  C CE1 . PHE A 1 55  ? -2.938  6.370   -12.376 1.00 15.06 ? 55  PHE A CE1 1 
ATOM   449  C CE2 . PHE A 1 55  ? -2.137  4.795   -10.750 1.00 14.22 ? 55  PHE A CE2 1 
ATOM   450  C CZ  . PHE A 1 55  ? -2.776  5.042   -11.936 1.00 15.60 ? 55  PHE A CZ  1 
ATOM   451  N N   . ARG A 1 56  ? 0.967   10.142  -8.467  1.00 15.51 ? 56  ARG A N   1 
ATOM   452  C CA  . ARG A 1 56  ? 1.371   11.209  -7.539  1.00 15.54 ? 56  ARG A CA  1 
ATOM   453  C C   . ARG A 1 56  ? 2.634   10.858  -6.785  1.00 15.65 ? 56  ARG A C   1 
ATOM   454  O O   . ARG A 1 56  ? 2.978   9.678   -6.641  1.00 16.26 ? 56  ARG A O   1 
ATOM   455  C CB  . ARG A 1 56  ? 0.267   11.543  -6.522  1.00 15.66 ? 56  ARG A CB  1 
ATOM   456  C CG  . ARG A 1 56  ? 0.131   10.584  -5.320  1.00 17.31 ? 56  ARG A CG  1 
ATOM   457  C CD  . ARG A 1 56  ? -0.888  9.504   -5.613  1.00 18.55 ? 56  ARG A CD  1 
ATOM   458  N NE  . ARG A 1 56  ? -1.064  8.620   -4.457  1.00 19.62 ? 56  ARG A NE  1 
ATOM   459  C CZ  . ARG A 1 56  ? -1.922  8.838   -3.465  1.00 19.15 ? 56  ARG A CZ  1 
ATOM   460  N NH1 . ARG A 1 56  ? -2.705  9.911   -3.464  1.00 16.44 ? 56  ARG A NH1 1 
ATOM   461  N NH2 . ARG A 1 56  ? -1.990  7.963   -2.470  1.00 17.39 ? 56  ARG A NH2 1 
ATOM   462  N N   . ASN A 1 57  ? 3.313   11.909  -6.342  1.00 16.20 ? 57  ASN A N   1 
ATOM   463  C CA  . ASN A 1 57  ? 4.424   11.823  -5.412  1.00 16.90 ? 57  ASN A CA  1 
ATOM   464  C C   . ASN A 1 57  ? 3.936   12.441  -4.110  1.00 17.01 ? 57  ASN A C   1 
ATOM   465  O O   . ASN A 1 57  ? 3.585   13.622  -4.084  1.00 17.39 ? 57  ASN A O   1 
ATOM   466  C CB  . ASN A 1 57  ? 5.609   12.648  -5.916  1.00 17.89 ? 57  ASN A CB  1 
ATOM   467  C CG  . ASN A 1 57  ? 6.284   12.051  -7.121  1.00 21.03 ? 57  ASN A CG  1 
ATOM   468  O OD1 . ASN A 1 57  ? 5.932   10.828  -7.470  1.00 27.18 ? 57  ASN A OD1 1 
ATOM   469  N ND2 . ASN A 1 57  ? 7.153   12.692  -7.719  1.00 21.36 ? 57  ASN A ND2 1 
ATOM   470  N N   . ILE A 1 58  ? 3.903   11.657  -3.032  1.00 16.25 ? 58  ILE A N   1 
ATOM   471  C CA  . ILE A 1 58  ? 3.486   12.159  -1.727  1.00 17.63 ? 58  ILE A CA  1 
ATOM   472  C C   . ILE A 1 58  ? 4.358   11.560  -0.637  1.00 17.41 ? 58  ILE A C   1 
ATOM   473  O O   . ILE A 1 58  ? 4.954   10.514  -0.829  1.00 18.44 ? 58  ILE A O   1 
ATOM   474  C CB  . ILE A 1 58  ? 2.020   11.798  -1.417  1.00 18.54 ? 58  ILE A CB  1 
ATOM   475  C CG1 . ILE A 1 58  ? 1.766   10.283  -1.581  1.00 20.31 ? 58  ILE A CG1 1 
ATOM   476  C CG2 . ILE A 1 58  ? 1.109   12.647  -2.263  1.00 19.58 ? 58  ILE A CG2 1 
ATOM   477  C CD1 . ILE A 1 58  ? 0.553   9.761   -0.862  1.00 24.24 ? 58  ILE A CD1 1 
ATOM   478  N N   . ASP A 1 59  ? 4.454   12.257  0.488   1.00 18.48 ? 59  ASP A N   1 
ATOM   479  C CA  . ASP A 1 59  ? 5.178   11.761  1.643   1.00 19.86 ? 59  ASP A CA  1 
ATOM   480  C C   . ASP A 1 59  ? 4.183   11.368  2.729   1.00 20.30 ? 59  ASP A C   1 
ATOM   481  O O   . ASP A 1 59  ? 3.314   12.161  3.094   1.00 22.61 ? 59  ASP A O   1 
ATOM   482  C CB  . ASP A 1 59  ? 6.141   12.844  2.135   1.00 20.31 ? 59  ASP A CB  1 
ATOM   483  C CG  . ASP A 1 59  ? 7.299   13.058  1.184   1.00 23.12 ? 59  ASP A CG  1 
ATOM   484  O OD1 . ASP A 1 59  ? 7.954   12.061  0.817   1.00 27.65 ? 59  ASP A OD1 1 
ATOM   485  O OD2 . ASP A 1 59  ? 7.558   14.223  0.804   1.00 31.19 ? 59  ASP A OD2 1 
ATOM   486  N N   . VAL A 1 60  ? 4.298   10.131  3.207   1.00 20.08 ? 60  VAL A N   1 
ATOM   487  C CA  . VAL A 1 60  ? 3.446   9.602   4.274   1.00 20.81 ? 60  VAL A CA  1 
ATOM   488  C C   . VAL A 1 60  ? 4.284   9.473   5.532   1.00 20.22 ? 60  VAL A C   1 
ATOM   489  O O   . VAL A 1 60  ? 5.405   8.974   5.482   1.00 20.87 ? 60  VAL A O   1 
ATOM   490  C CB  . VAL A 1 60  ? 2.907   8.204   3.909   1.00 20.69 ? 60  VAL A CB  1 
ATOM   491  C CG1 . VAL A 1 60  ? 2.007   7.648   5.019   1.00 22.07 ? 60  VAL A CG1 1 
ATOM   492  C CG2 . VAL A 1 60  ? 2.155   8.241   2.585   1.00 20.74 ? 60  VAL A CG2 1 
ATOM   493  N N   . VAL A 1 61  ? 3.730   9.899   6.658   1.00 20.86 ? 61  VAL A N   1 
ATOM   494  C CA  . VAL A 1 61  ? 4.396   9.685   7.938   1.00 20.48 ? 61  VAL A CA  1 
ATOM   495  C C   . VAL A 1 61  ? 3.371   9.019   8.848   1.00 19.94 ? 61  VAL A C   1 
ATOM   496  O O   . VAL A 1 61  ? 2.208   9.444   8.892   1.00 20.80 ? 61  VAL A O   1 
ATOM   497  C CB  . VAL A 1 61  ? 4.884   11.015  8.553   1.00 21.35 ? 61  VAL A CB  1 
ATOM   498  C CG1 . VAL A 1 61  ? 5.572   10.757  9.891   1.00 22.44 ? 61  VAL A CG1 1 
ATOM   499  C CG2 . VAL A 1 61  ? 5.844   11.709  7.599   1.00 22.74 ? 61  VAL A CG2 1 
ATOM   500  N N   . PHE A 1 62  ? 3.794   7.964   9.531   1.00 18.64 ? 62  PHE A N   1 
ATOM   501  C CA  . PHE A 1 62  ? 2.933   7.300   10.499  1.00 18.79 ? 62  PHE A CA  1 
ATOM   502  C C   . PHE A 1 62  ? 3.752   6.732   11.645  1.00 18.83 ? 62  PHE A C   1 
ATOM   503  O O   . PHE A 1 62  ? 4.955   6.480   11.516  1.00 19.30 ? 62  PHE A O   1 
ATOM   504  C CB  . PHE A 1 62  ? 2.053   6.212   9.835   1.00 18.35 ? 62  PHE A CB  1 
ATOM   505  C CG  . PHE A 1 62  ? 2.812   5.062   9.253   1.00 18.10 ? 62  PHE A CG  1 
ATOM   506  C CD1 . PHE A 1 62  ? 3.205   3.990   10.052  1.00 16.80 ? 62  PHE A CD1 1 
ATOM   507  C CD2 . PHE A 1 62  ? 3.084   5.003   7.882   1.00 17.05 ? 62  PHE A CD2 1 
ATOM   508  C CE1 . PHE A 1 62  ? 3.901   2.910   9.521   1.00 16.57 ? 62  PHE A CE1 1 
ATOM   509  C CE2 . PHE A 1 62  ? 3.766   3.922   7.355   1.00 17.07 ? 62  PHE A CE2 1 
ATOM   510  C CZ  . PHE A 1 62  ? 4.171   2.866   8.163   1.00 17.25 ? 62  PHE A CZ  1 
ATOM   511  N N   . GLU A 1 63  ? 3.066   6.530   12.761  1.00 20.01 ? 63  GLU A N   1 
ATOM   512  C CA  . GLU A 1 63  ? 3.634   5.895   13.922  1.00 20.67 ? 63  GLU A CA  1 
ATOM   513  C C   . GLU A 1 63  ? 2.860   4.598   14.140  1.00 19.48 ? 63  GLU A C   1 
ATOM   514  O O   . GLU A 1 63  ? 1.639   4.593   14.027  1.00 19.52 ? 63  GLU A O   1 
ATOM   515  C CB  . GLU A 1 63  ? 3.479   6.807   15.144  1.00 20.95 ? 63  GLU A CB  1 
ATOM   516  C CG  . GLU A 1 63  ? 3.901   6.122   16.435  1.00 22.81 ? 63  GLU A CG  1 
ATOM   517  C CD  . GLU A 1 63  ? 3.773   6.971   17.677  1.00 23.53 ? 63  GLU A CD  1 
ATOM   518  O OE1 . GLU A 1 63  ? 3.400   8.165   17.582  1.00 27.71 ? 63  GLU A OE1 1 
ATOM   519  O OE2 . GLU A 1 63  ? 4.066   6.418   18.774  1.00 25.83 ? 63  GLU A OE2 1 
ATOM   520  N N   . LEU A 1 64  ? 3.579   3.514   14.423  1.00 19.37 ? 64  LEU A N   1 
ATOM   521  C CA  . LEU A 1 64  ? 2.933   2.237   14.718  1.00 19.00 ? 64  LEU A CA  1 
ATOM   522  C C   . LEU A 1 64  ? 1.878   2.408   15.812  1.00 18.79 ? 64  LEU A C   1 
ATOM   523  O O   . LEU A 1 64  ? 2.138   3.008   16.859  1.00 19.08 ? 64  LEU A O   1 
ATOM   524  C CB  . LEU A 1 64  ? 3.950   1.169   15.100  1.00 19.80 ? 64  LEU A CB  1 
ATOM   525  C CG  . LEU A 1 64  ? 4.905   0.747   13.993  1.00 18.27 ? 64  LEU A CG  1 
ATOM   526  C CD1 . LEU A 1 64  ? 5.840   -0.337  14.510  1.00 20.98 ? 64  LEU A CD1 1 
ATOM   527  C CD2 . LEU A 1 64  ? 4.116   0.243   12.779  1.00 18.45 ? 64  LEU A CD2 1 
ATOM   528  N N   . GLY A 1 65  ? 0.685   1.890   15.545  1.00 19.22 ? 65  GLY A N   1 
ATOM   529  C CA  . GLY A 1 65  ? -0.390  1.906   16.531  1.00 19.40 ? 65  GLY A CA  1 
ATOM   530  C C   . GLY A 1 65  ? -1.222  3.174   16.556  1.00 19.63 ? 65  GLY A C   1 
ATOM   531  O O   . GLY A 1 65  ? -2.224  3.249   17.267  1.00 21.36 ? 65  GLY A O   1 
ATOM   532  N N   . VAL A 1 66  ? -0.835  4.177   15.776  1.00 20.00 ? 66  VAL A N   1 
ATOM   533  C CA  . VAL A 1 66  ? -1.530  5.464   15.793  1.00 20.99 ? 66  VAL A CA  1 
ATOM   534  C C   . VAL A 1 66  ? -2.310  5.666   14.506  1.00 21.51 ? 66  VAL A C   1 
ATOM   535  O O   . VAL A 1 66  ? -1.728  5.608   13.424  1.00 20.88 ? 66  VAL A O   1 
ATOM   536  C CB  . VAL A 1 66  ? -0.535  6.642   15.977  1.00 21.47 ? 66  VAL A CB  1 
ATOM   537  C CG1 . VAL A 1 66  ? -1.256  7.978   15.948  1.00 22.79 ? 66  VAL A CG1 1 
ATOM   538  C CG2 . VAL A 1 66  ? 0.240   6.471   17.287  1.00 22.71 ? 66  VAL A CG2 1 
ATOM   539  N N   . ASP A 1 67  ? -3.612  5.917   14.647  1.00 21.50 ? 67  ASP A N   1 
ATOM   540  C CA  . ASP A 1 67  ? -4.529  6.134   13.535  1.00 22.63 ? 67  ASP A CA  1 
ATOM   541  C C   . ASP A 1 67  ? -4.136  7.376   12.743  1.00 21.84 ? 67  ASP A C   1 
ATOM   542  O O   . ASP A 1 67  ? -3.802  8.410   13.329  1.00 21.83 ? 67  ASP A O   1 
ATOM   543  C CB  . ASP A 1 67  ? -5.942  6.305   14.099  1.00 23.64 ? 67  ASP A CB  1 
ATOM   544  C CG  . ASP A 1 67  ? -7.018  5.963   13.101  1.00 28.59 ? 67  ASP A CG  1 
ATOM   545  O OD1 . ASP A 1 67  ? -7.510  4.803   13.133  1.00 32.45 ? 67  ASP A OD1 1 
ATOM   546  O OD2 . ASP A 1 67  ? -7.375  6.849   12.286  1.00 32.13 ? 67  ASP A OD2 1 
ATOM   547  N N   . PHE A 1 68  ? -4.179  7.284   11.413  1.00 20.30 ? 68  PHE A N   1 
ATOM   548  C CA  . PHE A 1 68  ? -3.922  8.445   10.559  1.00 20.30 ? 68  PHE A CA  1 
ATOM   549  C C   . PHE A 1 68  ? -4.831  8.371   9.321   1.00 19.86 ? 68  PHE A C   1 
ATOM   550  O O   . PHE A 1 68  ? -5.433  7.313   9.051   1.00 19.18 ? 68  PHE A O   1 
ATOM   551  C CB  . PHE A 1 68  ? -2.436  8.540   10.196  1.00 19.90 ? 68  PHE A CB  1 
ATOM   552  C CG  . PHE A 1 68  ? -1.958  7.477   9.238   1.00 19.17 ? 68  PHE A CG  1 
ATOM   553  C CD1 . PHE A 1 68  ? -1.703  6.178   9.679   1.00 16.71 ? 68  PHE A CD1 1 
ATOM   554  C CD2 . PHE A 1 68  ? -1.757  7.780   7.883   1.00 17.90 ? 68  PHE A CD2 1 
ATOM   555  C CE1 . PHE A 1 68  ? -1.266  5.198   8.833   1.00 18.26 ? 68  PHE A CE1 1 
ATOM   556  C CE2 . PHE A 1 68  ? -1.304  6.803   7.014   1.00 18.94 ? 68  PHE A CE2 1 
ATOM   557  C CZ  . PHE A 1 68  ? -1.064  5.496   7.480   1.00 19.96 ? 68  PHE A CZ  1 
ATOM   558  N N   . ALA A 1 69  ? -4.950  9.502   8.614   1.00 19.91 ? 69  ALA A N   1 
ATOM   559  C CA  . ALA A 1 69  ? -5.758  9.620   7.401   1.00 19.74 ? 69  ALA A CA  1 
ATOM   560  C C   . ALA A 1 69  ? -4.863  9.591   6.170   1.00 19.58 ? 69  ALA A C   1 
ATOM   561  O O   . ALA A 1 69  ? -3.741  10.101  6.193   1.00 20.22 ? 69  ALA A O   1 
ATOM   562  C CB  . ALA A 1 69  ? -6.583  10.890  7.419   1.00 20.67 ? 69  ALA A CB  1 
ATOM   563  N N   . TYR A 1 70  ? -5.345  8.953   5.101   1.00 18.56 ? 70  TYR A N   1 
ATOM   564  C CA  . TYR A 1 70  ? -4.553  8.761   3.904   1.00 17.42 ? 70  TYR A CA  1 
ATOM   565  C C   . TYR A 1 70  ? -5.497  8.775   2.726   1.00 17.52 ? 70  TYR A C   1 
ATOM   566  O O   . TYR A 1 70  ? -6.534  8.123   2.769   1.00 18.30 ? 70  TYR A O   1 
ATOM   567  C CB  . TYR A 1 70  ? -3.839  7.421   3.956   1.00 18.27 ? 70  TYR A CB  1 
ATOM   568  C CG  . TYR A 1 70  ? -3.147  6.991   2.702   1.00 16.52 ? 70  TYR A CG  1 
ATOM   569  C CD1 . TYR A 1 70  ? -1.830  7.373   2.439   1.00 17.98 ? 70  TYR A CD1 1 
ATOM   570  C CD2 . TYR A 1 70  ? -3.774  6.130   1.801   1.00 16.02 ? 70  TYR A CD2 1 
ATOM   571  C CE1 . TYR A 1 70  ? -1.173  6.956   1.275   1.00 15.52 ? 70  TYR A CE1 1 
ATOM   572  C CE2 . TYR A 1 70  ? -3.128  5.677   0.676   1.00 16.14 ? 70  TYR A CE2 1 
ATOM   573  C CZ  . TYR A 1 70  ? -1.821  6.091   0.407   1.00 18.21 ? 70  TYR A CZ  1 
ATOM   574  O OH  . TYR A 1 70  ? -1.176  5.652   -0.721  1.00 17.51 ? 70  TYR A OH  1 
ATOM   575  N N   . SER A 1 71  ? -5.124  9.469   1.654   1.00 16.33 ? 71  SER A N   1 
ATOM   576  C CA  . SER A 1 71  ? -6.020  9.591   0.524   1.00 17.26 ? 71  SER A CA  1 
ATOM   577  C C   . SER A 1 71  ? -5.413  8.851   -0.647  1.00 15.46 ? 71  SER A C   1 
ATOM   578  O O   . SER A 1 71  ? -4.216  8.982   -0.913  1.00 15.92 ? 71  SER A O   1 
ATOM   579  C CB  . SER A 1 71  ? -6.215  11.053  0.170   1.00 18.10 ? 71  SER A CB  1 
ATOM   580  O OG  . SER A 1 71  ? -7.114  11.673  1.077   1.00 23.33 ? 71  SER A OG  1 
ATOM   581  N N   . LEU A 1 72  ? -6.242  8.068   -1.337  1.00 14.92 ? 72  LEU A N   1 
ATOM   582  C CA  . LEU A 1 72  ? -5.807  7.276   -2.479  1.00 14.40 ? 72  LEU A CA  1 
ATOM   583  C C   . LEU A 1 72  ? -5.700  8.179   -3.714  1.00 14.11 ? 72  LEU A C   1 
ATOM   584  O O   . LEU A 1 72  ? -6.055  9.353   -3.634  1.00 14.90 ? 72  LEU A O   1 
ATOM   585  C CB  . LEU A 1 72  ? -6.817  6.163   -2.741  1.00 15.02 ? 72  LEU A CB  1 
ATOM   586  C CG  . LEU A 1 72  ? -6.888  5.140   -1.608  1.00 14.61 ? 72  LEU A CG  1 
ATOM   587  C CD1 . LEU A 1 72  ? -8.125  4.262   -1.787  1.00 16.34 ? 72  LEU A CD1 1 
ATOM   588  C CD2 . LEU A 1 72  ? -5.644  4.280   -1.598  1.00 19.39 ? 72  LEU A CD2 1 
ATOM   589  N N   . ALA A 1 73  ? -5.246  7.623   -4.829  1.00 14.11 ? 73  ALA A N   1 
ATOM   590  C CA  . ALA A 1 73  ? -4.921  8.424   -6.031  1.00 14.71 ? 73  ALA A CA  1 
ATOM   591  C C   . ALA A 1 73  ? -6.096  9.181   -6.640  1.00 16.41 ? 73  ALA A C   1 
ATOM   592  O O   . ALA A 1 73  ? -5.896  10.143  -7.415  1.00 17.86 ? 73  ALA A O   1 
ATOM   593  C CB  . ALA A 1 73  ? -4.280  7.527   -7.079  1.00 14.68 ? 73  ALA A CB  1 
ATOM   594  N N   . ASP A 1 74  ? -7.316  8.764   -6.314  1.00 16.76 ? 74  ASP A N   1 
ATOM   595  C CA  . ASP A 1 74  ? -8.502  9.434   -6.835  1.00 17.30 ? 74  ASP A CA  1 
ATOM   596  C C   . ASP A 1 74  ? -9.222  10.268  -5.773  1.00 17.64 ? 74  ASP A C   1 
ATOM   597  O O   . ASP A 1 74  ? -10.346 10.731  -6.002  1.00 18.90 ? 74  ASP A O   1 
ATOM   598  C CB  . ASP A 1 74  ? -9.467  8.414   -7.441  1.00 17.59 ? 74  ASP A CB  1 
ATOM   599  C CG  . ASP A 1 74  ? -10.031 7.455   -6.399  1.00 19.21 ? 74  ASP A CG  1 
ATOM   600  O OD1 . ASP A 1 74  ? -9.678  7.575   -5.206  1.00 17.10 ? 74  ASP A OD1 1 
ATOM   601  O OD2 . ASP A 1 74  ? -10.840 6.577   -6.770  1.00 21.94 ? 74  ASP A OD2 1 
ATOM   602  N N   . GLY A 1 75  ? -8.570  10.452  -4.625  1.00 17.59 ? 75  GLY A N   1 
ATOM   603  C CA  . GLY A 1 75  ? -9.131  11.239  -3.532  1.00 17.92 ? 75  GLY A CA  1 
ATOM   604  C C   . GLY A 1 75  ? -9.930  10.454  -2.510  1.00 18.04 ? 75  GLY A C   1 
ATOM   605  O O   . GLY A 1 75  ? -10.375 11.020  -1.496  1.00 19.40 ? 75  GLY A O   1 
ATOM   606  N N   . THR A 1 76  ? -10.112 9.158   -2.749  1.00 17.68 ? 76  THR A N   1 
ATOM   607  C CA  . THR A 1 76  ? -10.817 8.280   -1.808  1.00 16.63 ? 76  THR A CA  1 
ATOM   608  C C   . THR A 1 76  ? -10.022 8.244   -0.512  1.00 16.51 ? 76  THR A C   1 
ATOM   609  O O   . THR A 1 76  ? -8.826  7.907   -0.510  1.00 16.23 ? 76  THR A O   1 
ATOM   610  C CB  . THR A 1 76  ? -10.946 6.854   -2.372  1.00 17.13 ? 76  THR A CB  1 
ATOM   611  O OG1 . THR A 1 76  ? -11.757 6.899   -3.542  1.00 17.31 ? 76  THR A OG1 1 
ATOM   612  C CG2 . THR A 1 76  ? -11.623 5.895   -1.384  1.00 16.90 ? 76  THR A CG2 1 
ATOM   613  N N   . GLU A 1 77  ? -10.682 8.628   0.578   1.00 16.99 ? 77  GLU A N   1 
ATOM   614  C CA  . GLU A 1 77  ? -10.031 8.739   1.873   1.00 17.29 ? 77  GLU A CA  1 
ATOM   615  C C   . GLU A 1 77  ? -10.105 7.454   2.678   1.00 16.45 ? 77  GLU A C   1 
ATOM   616  O O   . GLU A 1 77  ? -11.172 6.797   2.732   1.00 16.74 ? 77  GLU A O   1 
ATOM   617  C CB  . GLU A 1 77  ? -10.692 9.827   2.697   1.00 18.14 ? 77  GLU A CB  1 
ATOM   618  C CG  . GLU A 1 77  ? -10.646 11.218  2.084   1.00 22.88 ? 77  GLU A CG  1 
ATOM   619  C CD  . GLU A 1 77  ? -11.118 12.266  3.060   1.00 30.54 ? 77  GLU A CD  1 
ATOM   620  O OE1 . GLU A 1 77  ? -11.848 11.896  4.013   1.00 32.17 ? 77  GLU A OE1 1 
ATOM   621  O OE2 . GLU A 1 77  ? -10.742 13.455  2.886   1.00 35.26 ? 77  GLU A OE2 1 
ATOM   622  N N   . LEU A 1 78  ? -8.972  7.106   3.273   1.00 16.20 ? 78  LEU A N   1 
ATOM   623  C CA  . LEU A 1 78  ? -8.904  6.021   4.243   1.00 15.89 ? 78  LEU A CA  1 
ATOM   624  C C   . LEU A 1 78  ? -8.487  6.547   5.601   1.00 16.86 ? 78  LEU A C   1 
ATOM   625  O O   . LEU A 1 78  ? -7.768  7.546   5.691   1.00 17.63 ? 78  LEU A O   1 
ATOM   626  C CB  . LEU A 1 78  ? -7.871  5.006   3.819   1.00 15.46 ? 78  LEU A CB  1 
ATOM   627  C CG  . LEU A 1 78  ? -7.869  4.451   2.393   1.00 14.21 ? 78  LEU A CG  1 
ATOM   628  C CD1 . LEU A 1 78  ? -6.775  3.414   2.241   1.00 15.17 ? 78  LEU A CD1 1 
ATOM   629  C CD2 . LEU A 1 78  ? -9.238  3.867   2.076   1.00 16.05 ? 78  LEU A CD2 1 
ATOM   630  N N   . THR A 1 79  ? -8.923  5.853   6.654   1.00 16.37 ? 79  THR A N   1 
ATOM   631  C CA  . THR A 1 79  ? -8.338  6.046   7.972   1.00 16.98 ? 79  THR A CA  1 
ATOM   632  C C   . THR A 1 79  ? -7.915  4.685   8.483   1.00 15.61 ? 79  THR A C   1 
ATOM   633  O O   . THR A 1 79  ? -8.561  3.669   8.195   1.00 17.24 ? 79  THR A O   1 
ATOM   634  C CB  . THR A 1 79  ? -9.286  6.736   8.970   1.00 17.55 ? 79  THR A CB  1 
ATOM   635  O OG1 . THR A 1 79  ? -10.435 5.902   9.182   1.00 21.39 ? 79  THR A OG1 1 
ATOM   636  C CG2 . THR A 1 79  ? -9.728  8.081   8.448   1.00 18.28 ? 79  THR A CG2 1 
ATOM   637  N N   . GLY A 1 80  ? -6.822  4.635   9.224   1.00 16.14 ? 80  GLY A N   1 
ATOM   638  C CA  . GLY A 1 80  ? -6.369  3.349   9.742   1.00 15.35 ? 80  GLY A CA  1 
ATOM   639  C C   . GLY A 1 80  ? -5.039  3.418   10.430  1.00 15.30 ? 80  GLY A C   1 
ATOM   640  O O   . GLY A 1 80  ? -4.526  4.509   10.677  1.00 15.41 ? 80  GLY A O   1 
ATOM   641  N N   . THR A 1 81  ? -4.481  2.245   10.705  1.00 14.95 ? 81  THR A N   1 
ATOM   642  C CA  . THR A 1 81  ? -3.289  2.128   11.509  1.00 16.59 ? 81  THR A CA  1 
ATOM   643  C C   . THR A 1 81  ? -2.399  1.026   10.956  1.00 16.71 ? 81  THR A C   1 
ATOM   644  O O   . THR A 1 81  ? -2.912  -0.023  10.543  1.00 17.28 ? 81  THR A O   1 
ATOM   645  C CB  . THR A 1 81  ? -3.708  1.713   12.944  1.00 17.75 ? 81  THR A CB  1 
ATOM   646  O OG1 . THR A 1 81  ? -4.585  2.706   13.503  1.00 20.20 ? 81  THR A OG1 1 
ATOM   647  C CG2 . THR A 1 81  ? -2.501  1.542   13.817  1.00 17.98 ? 81  THR A CG2 1 
ATOM   648  N N   . TRP A 1 82  ? -1.080  1.249   10.960  1.00 15.99 ? 82  TRP A N   1 
ATOM   649  C CA  . TRP A 1 82  ? -0.093  0.196   10.750  1.00 16.25 ? 82  TRP A CA  1 
ATOM   650  C C   . TRP A 1 82  ? 0.355   -0.298  12.116  1.00 17.30 ? 82  TRP A C   1 
ATOM   651  O O   . TRP A 1 82  ? 0.565   0.516   13.025  1.00 17.00 ? 82  TRP A O   1 
ATOM   652  C CB  . TRP A 1 82  ? 1.151   0.734   10.038  1.00 15.85 ? 82  TRP A CB  1 
ATOM   653  C CG  . TRP A 1 82  ? 0.987   1.004   8.574   1.00 14.71 ? 82  TRP A CG  1 
ATOM   654  C CD1 . TRP A 1 82  ? 0.824   2.218   7.978   1.00 14.46 ? 82  TRP A CD1 1 
ATOM   655  C CD2 . TRP A 1 82  ? 1.032   0.037   7.519   1.00 14.89 ? 82  TRP A CD2 1 
ATOM   656  N NE1 . TRP A 1 82  ? 0.744   2.066   6.605   1.00 15.12 ? 82  TRP A NE1 1 
ATOM   657  C CE2 . TRP A 1 82  ? 0.866   0.738   6.300   1.00 15.49 ? 82  TRP A CE2 1 
ATOM   658  C CE3 . TRP A 1 82  ? 1.178   -1.350  7.482   1.00 16.58 ? 82  TRP A CE3 1 
ATOM   659  C CZ2 . TRP A 1 82  ? 0.857   0.083   5.060   1.00 14.73 ? 82  TRP A CZ2 1 
ATOM   660  C CZ3 . TRP A 1 82  ? 1.162   -2.003  6.247   1.00 15.12 ? 82  TRP A CZ3 1 
ATOM   661  C CH2 . TRP A 1 82  ? 1.002   -1.277  5.058   1.00 15.50 ? 82  TRP A CH2 1 
ATOM   662  N N   . THR A 1 83  ? 0.470   -1.611  12.250  1.00 18.11 ? 83  THR A N   1 
ATOM   663  C CA  . THR A 1 83  ? 1.058   -2.241  13.434  1.00 19.98 ? 83  THR A CA  1 
ATOM   664  C C   . THR A 1 83  ? 2.048   -3.317  12.978  1.00 22.01 ? 83  THR A C   1 
ATOM   665  O O   . THR A 1 83  ? 1.962   -3.802  11.845  1.00 20.93 ? 83  THR A O   1 
ATOM   666  C CB  . THR A 1 83  ? -0.026  -2.899  14.319  1.00 21.13 ? 83  THR A CB  1 
ATOM   667  O OG1 . THR A 1 83  ? -0.777  -3.824  13.524  1.00 20.75 ? 83  THR A OG1 1 
ATOM   668  C CG2 . THR A 1 83  ? -0.955  -1.856  14.930  1.00 20.71 ? 83  THR A CG2 1 
ATOM   669  N N   . MET A 1 84  ? 2.997   -3.673  13.850  1.00 23.61 ? 84  MET A N   1 
ATOM   670  C CA  . MET A 1 84  ? 3.958   -4.722  13.547  1.00 26.30 ? 84  MET A CA  1 
ATOM   671  C C   . MET A 1 84  ? 3.461   -6.026  14.145  1.00 27.47 ? 84  MET A C   1 
ATOM   672  O O   . MET A 1 84  ? 3.311   -6.145  15.365  1.00 28.86 ? 84  MET A O   1 
ATOM   673  C CB  . MET A 1 84  ? 5.354   -4.369  14.072  1.00 25.86 ? 84  MET A CB  1 
ATOM   674  C CG  . MET A 1 84  ? 6.459   -5.211  13.462  1.00 29.13 ? 84  MET A CG  1 
ATOM   675  S SD  . MET A 1 84  ? 6.714   -4.862  11.702  1.00 34.11 ? 84  MET A SD  1 
ATOM   676  C CE  . MET A 1 84  ? 7.777   -3.412  11.796  1.00 33.40 ? 84  MET A CE  1 
ATOM   677  N N   . GLU A 1 85  ? 3.163   -6.990  13.287  1.00 29.01 ? 85  GLU A N   1 
ATOM   678  C CA  . GLU A 1 85  ? 2.704   -8.296  13.753  1.00 30.49 ? 85  GLU A CA  1 
ATOM   679  C C   . GLU A 1 85  ? 3.733   -9.325  13.342  1.00 30.79 ? 85  GLU A C   1 
ATOM   680  O O   . GLU A 1 85  ? 3.876   -9.653  12.155  1.00 30.34 ? 85  GLU A O   1 
ATOM   681  C CB  . GLU A 1 85  ? 1.291   -8.608  13.245  1.00 30.19 ? 85  GLU A CB  1 
ATOM   682  C CG  . GLU A 1 85  ? 0.265   -7.577  13.731  1.00 31.52 ? 85  GLU A CG  1 
ATOM   683  C CD  . GLU A 1 85  ? -1.195  -7.962  13.498  1.00 32.49 ? 85  GLU A CD  1 
ATOM   684  O OE1 . GLU A 1 85  ? -1.477  -8.993  12.832  1.00 35.87 ? 85  GLU A OE1 1 
ATOM   685  O OE2 . GLU A 1 85  ? -2.074  -7.198  13.973  1.00 36.18 ? 85  GLU A OE2 1 
ATOM   686  N N   . GLY A 1 86  ? 4.468   -9.817  14.338  1.00 31.37 ? 86  GLY A N   1 
ATOM   687  C CA  . GLY A 1 86  ? 5.676   -10.593 14.093  1.00 31.94 ? 86  GLY A CA  1 
ATOM   688  C C   . GLY A 1 86  ? 6.635   -9.741  13.282  1.00 32.19 ? 86  GLY A C   1 
ATOM   689  O O   . GLY A 1 86  ? 6.935   -8.599  13.656  1.00 33.20 ? 86  GLY A O   1 
ATOM   690  N N   . ASN A 1 87  ? 7.098   -10.287 12.162  1.00 32.00 ? 87  ASN A N   1 
ATOM   691  C CA  . ASN A 1 87  ? 7.955   -9.544  11.245  1.00 31.33 ? 87  ASN A CA  1 
ATOM   692  C C   . ASN A 1 87  ? 7.206   -8.845  10.095  1.00 29.75 ? 87  ASN A C   1 
ATOM   693  O O   . ASN A 1 87  ? 7.839   -8.336  9.168   1.00 29.70 ? 87  ASN A O   1 
ATOM   694  C CB  . ASN A 1 87  ? 9.113   -10.411 10.711  1.00 32.55 ? 87  ASN A CB  1 
ATOM   695  C CG  . ASN A 1 87  ? 8.791   -11.903 10.682  1.00 34.59 ? 87  ASN A CG  1 
ATOM   696  O OD1 . ASN A 1 87  ? 7.740   -12.331 10.193  1.00 38.26 ? 87  ASN A OD1 1 
ATOM   697  N ND2 . ASN A 1 87  ? 9.717   -12.707 11.204  1.00 36.70 ? 87  ASN A ND2 1 
ATOM   698  N N   . LYS A 1 88  ? 5.873   -8.829  10.170  1.00 27.91 ? 88  LYS A N   1 
ATOM   699  C CA  . LYS A 1 88  ? 5.009   -8.208  9.126   1.00 25.82 ? 88  LYS A CA  1 
ATOM   700  C C   . LYS A 1 88  ? 4.430   -6.863  9.560   1.00 24.10 ? 88  LYS A C   1 
ATOM   701  O O   . LYS A 1 88  ? 4.059   -6.673  10.721  1.00 24.32 ? 88  LYS A O   1 
ATOM   702  C CB  . LYS A 1 88  ? 3.834   -9.128  8.750   1.00 26.02 ? 88  LYS A CB  1 
ATOM   703  C CG  . LYS A 1 88  ? 4.213   -10.455 8.102   1.00 27.05 ? 88  LYS A CG  1 
ATOM   704  C CD  . LYS A 1 88  ? 2.964   -11.260 7.732   1.00 27.73 ? 88  LYS A CD  1 
ATOM   705  C CE  . LYS A 1 88  ? 3.302   -12.720 7.472   1.00 31.25 ? 88  LYS A CE  1 
ATOM   706  N NZ  . LYS A 1 88  ? 3.463   -13.434 8.766   1.00 33.22 ? 88  LYS A NZ  1 
ATOM   707  N N   . LEU A 1 89  ? 4.344   -5.918  8.625   1.00 20.67 ? 89  LEU A N   1 
ATOM   708  C CA  . LEU A 1 89  ? 3.590   -4.698  8.864   1.00 19.81 ? 89  LEU A CA  1 
ATOM   709  C C   . LEU A 1 89  ? 2.161   -4.958  8.415   1.00 18.76 ? 89  LEU A C   1 
ATOM   710  O O   . LEU A 1 89  ? 1.941   -5.395  7.294   1.00 18.81 ? 89  LEU A O   1 
ATOM   711  C CB  . LEU A 1 89  ? 4.185   -3.519  8.082   1.00 20.15 ? 89  LEU A CB  1 
ATOM   712  C CG  . LEU A 1 89  ? 5.367   -2.732  8.645   1.00 22.58 ? 89  LEU A CG  1 
ATOM   713  C CD1 . LEU A 1 89  ? 5.944   -1.811  7.573   1.00 21.97 ? 89  LEU A CD1 1 
ATOM   714  C CD2 . LEU A 1 89  ? 4.908   -1.912  9.826   1.00 24.60 ? 89  LEU A CD2 1 
ATOM   715  N N   . VAL A 1 90  ? 1.207   -4.721  9.306   1.00 17.84 ? 90  VAL A N   1 
ATOM   716  C CA  . VAL A 1 90  ? -0.211  -4.959  8.976   1.00 16.94 ? 90  VAL A CA  1 
ATOM   717  C C   . VAL A 1 90  ? -0.934  -3.617  9.043   1.00 16.30 ? 90  VAL A C   1 
ATOM   718  O O   . VAL A 1 90  ? -0.938  -2.960  10.086  1.00 16.95 ? 90  VAL A O   1 
ATOM   719  C CB  . VAL A 1 90  ? -0.882  -6.002  9.910   1.00 17.75 ? 90  VAL A CB  1 
ATOM   720  C CG1 . VAL A 1 90  ? -2.356  -6.152  9.539   1.00 18.61 ? 90  VAL A CG1 1 
ATOM   721  C CG2 . VAL A 1 90  ? -0.179  -7.351  9.809   1.00 17.78 ? 90  VAL A CG2 1 
ATOM   722  N N   . GLY A 1 91  ? -1.521  -3.196  7.913   1.00 15.89 ? 91  GLY A N   1 
ATOM   723  C CA  . GLY A 1 91  ? -2.201  -1.916  7.836   1.00 15.03 ? 91  GLY A CA  1 
ATOM   724  C C   . GLY A 1 91  ? -3.696  -2.138  7.772   1.00 15.00 ? 91  GLY A C   1 
ATOM   725  O O   . GLY A 1 91  ? -4.198  -2.716  6.818   1.00 14.89 ? 91  GLY A O   1 
ATOM   726  N N   . LYS A 1 92  ? -4.396  -1.715  8.813   1.00 13.98 ? 92  LYS A N   1 
ATOM   727  C CA  . LYS A 1 92  ? -5.827  -1.956  8.933   1.00 15.09 ? 92  LYS A CA  1 
ATOM   728  C C   . LYS A 1 92  ? -6.519  -0.626  8.671   1.00 14.79 ? 92  LYS A C   1 
ATOM   729  O O   . LYS A 1 92  ? -6.484  0.308   9.512   1.00 14.86 ? 92  LYS A O   1 
ATOM   730  C CB  . LYS A 1 92  ? -6.148  -2.521  10.330  1.00 15.55 ? 92  LYS A CB  1 
ATOM   731  C CG  . LYS A 1 92  ? -5.558  -3.892  10.592  1.00 18.27 ? 92  LYS A CG  1 
ATOM   732  C CD  . LYS A 1 92  ? -5.695  -4.276  12.088  1.00 19.85 ? 92  LYS A CD  1 
ATOM   733  C CE  . LYS A 1 92  ? -5.000  -5.596  12.376  1.00 26.36 ? 92  LYS A CE  1 
ATOM   734  N NZ  . LYS A 1 92  ? -5.816  -6.768  11.919  1.00 31.13 ? 92  LYS A NZ  1 
ATOM   735  N N   . PHE A 1 93  ? -7.090  -0.519  7.469   1.00 13.78 ? 93  PHE A N   1 
ATOM   736  C CA  . PHE A 1 93  ? -7.734  0.723   7.020   1.00 13.21 ? 93  PHE A CA  1 
ATOM   737  C C   . PHE A 1 93  ? -9.200  0.538   6.742   1.00 13.37 ? 93  PHE A C   1 
ATOM   738  O O   . PHE A 1 93  ? -9.676  -0.581  6.613   1.00 13.65 ? 93  PHE A O   1 
ATOM   739  C CB  . PHE A 1 93  ? -7.021  1.290   5.785   1.00 13.38 ? 93  PHE A CB  1 
ATOM   740  C CG  . PHE A 1 93  ? -5.599  1.623   6.055   1.00 13.70 ? 93  PHE A CG  1 
ATOM   741  C CD1 . PHE A 1 93  ? -4.602  0.662   5.872   1.00 15.78 ? 93  PHE A CD1 1 
ATOM   742  C CD2 . PHE A 1 93  ? -5.262  2.882   6.542   1.00 16.00 ? 93  PHE A CD2 1 
ATOM   743  C CE1 . PHE A 1 93  ? -3.274  0.961   6.185   1.00 18.69 ? 93  PHE A CE1 1 
ATOM   744  C CE2 . PHE A 1 93  ? -3.931  3.190   6.856   1.00 16.76 ? 93  PHE A CE2 1 
ATOM   745  C CZ  . PHE A 1 93  ? -2.955  2.224   6.667   1.00 16.40 ? 93  PHE A CZ  1 
ATOM   746  N N   . LYS A 1 94  ? -9.913  1.649   6.706   1.00 13.81 ? 94  LYS A N   1 
ATOM   747  C CA  . LYS A 1 94  ? -11.317 1.639   6.304   1.00 15.21 ? 94  LYS A CA  1 
ATOM   748  C C   . LYS A 1 94  ? -11.536 2.793   5.366   1.00 15.30 ? 94  LYS A C   1 
ATOM   749  O O   . LYS A 1 94  ? -10.998 3.891   5.576   1.00 15.17 ? 94  LYS A O   1 
ATOM   750  C CB  . LYS A 1 94  ? -12.262 1.738   7.507   1.00 16.69 ? 94  LYS A CB  1 
ATOM   751  C CG  . LYS A 1 94  ? -12.489 0.392   8.207   1.00 21.72 ? 94  LYS A CG  1 
ATOM   752  C CD  . LYS A 1 94  ? -13.514 0.509   9.311   1.00 27.47 ? 94  LYS A CD  1 
ATOM   753  C CE  . LYS A 1 94  ? -13.771 -0.852  9.951   1.00 29.57 ? 94  LYS A CE  1 
ATOM   754  N NZ  . LYS A 1 94  ? -14.612 -0.740  11.179  1.00 33.50 ? 94  LYS A NZ  1 
ATOM   755  N N   . ARG A 1 95  ? -12.290 2.517   4.308   1.00 14.24 ? 95  ARG A N   1 
ATOM   756  C CA  . ARG A 1 95  ? -12.709 3.577   3.395   1.00 14.96 ? 95  ARG A CA  1 
ATOM   757  C C   . ARG A 1 95  ? -13.688 4.476   4.100   1.00 15.48 ? 95  ARG A C   1 
ATOM   758  O O   . ARG A 1 95  ? -14.645 4.001   4.703   1.00 15.65 ? 95  ARG A O   1 
ATOM   759  C CB  . ARG A 1 95  ? -13.339 3.004   2.131   1.00 14.47 ? 95  ARG A CB  1 
ATOM   760  C CG  . ARG A 1 95  ? -12.363 2.273   1.234   1.00 13.39 ? 95  ARG A CG  1 
ATOM   761  C CD  . ARG A 1 95  ? -13.061 1.613   0.050   1.00 14.51 ? 95  ARG A CD  1 
ATOM   762  N NE  . ARG A 1 95  ? -13.771 2.595   -0.777  1.00 15.61 ? 95  ARG A NE  1 
ATOM   763  C CZ  . ARG A 1 95  ? -13.935 2.501   -2.094  1.00 17.93 ? 95  ARG A CZ  1 
ATOM   764  N NH1 . ARG A 1 95  ? -13.391 1.492   -2.772  1.00 19.77 ? 95  ARG A NH1 1 
ATOM   765  N NH2 . ARG A 1 95  ? -14.607 3.458   -2.740  1.00 20.54 ? 95  ARG A NH2 1 
ATOM   766  N N   . VAL A 1 96  ? -13.449 5.784   4.042   1.00 15.92 ? 96  VAL A N   1 
ATOM   767  C CA  . VAL A 1 96  ? -14.358 6.749   4.672   1.00 17.17 ? 96  VAL A CA  1 
ATOM   768  C C   . VAL A 1 96  ? -15.716 6.769   3.986   1.00 17.43 ? 96  VAL A C   1 
ATOM   769  O O   . VAL A 1 96  ? -16.757 6.856   4.664   1.00 18.88 ? 96  VAL A O   1 
ATOM   770  C CB  . VAL A 1 96  ? -13.701 8.156   4.766   1.00 17.50 ? 96  VAL A CB  1 
ATOM   771  C CG1 . VAL A 1 96  ? -14.706 9.206   5.197   1.00 18.73 ? 96  VAL A CG1 1 
ATOM   772  C CG2 . VAL A 1 96  ? -12.554 8.102   5.752   1.00 16.89 ? 96  VAL A CG2 1 
ATOM   773  N N   . ASP A 1 97  ? -15.707 6.607   2.665   1.00 17.45 ? 97  ASP A N   1 
ATOM   774  C CA  . ASP A 1 97  ? -16.922 6.725   1.836   1.00 17.61 ? 97  ASP A CA  1 
ATOM   775  C C   . ASP A 1 97  ? -17.945 5.616   2.053   1.00 18.24 ? 97  ASP A C   1 
ATOM   776  O O   . ASP A 1 97  ? -19.130 5.878   1.997   1.00 19.15 ? 97  ASP A O   1 
ATOM   777  C CB  . ASP A 1 97  ? -16.600 6.912   0.339   1.00 18.83 ? 97  ASP A CB  1 
ATOM   778  C CG  . ASP A 1 97  ? -15.948 5.700   -0.314  1.00 19.16 ? 97  ASP A CG  1 
ATOM   779  O OD1 . ASP A 1 97  ? -15.492 4.757   0.375   1.00 18.64 ? 97  ASP A OD1 1 
ATOM   780  O OD2 . ASP A 1 97  ? -15.866 5.716   -1.564  1.00 22.16 ? 97  ASP A OD2 1 
ATOM   781  N N   . ASN A 1 98  ? -17.490 4.394   2.326   1.00 17.48 ? 98  ASN A N   1 
ATOM   782  C CA  . ASN A 1 98  ? -18.414 3.258   2.528   1.00 16.96 ? 98  ASN A CA  1 
ATOM   783  C C   . ASN A 1 98  ? -18.178 2.440   3.789   1.00 16.92 ? 98  ASN A C   1 
ATOM   784  O O   . ASN A 1 98  ? -18.939 1.511   4.077   1.00 17.68 ? 98  ASN A O   1 
ATOM   785  C CB  . ASN A 1 98  ? -18.453 2.361   1.276   1.00 16.93 ? 98  ASN A CB  1 
ATOM   786  C CG  . ASN A 1 98  ? -17.116 1.693   0.970   1.00 16.96 ? 98  ASN A CG  1 
ATOM   787  O OD1 . ASN A 1 98  ? -16.241 1.629   1.818   1.00 16.48 ? 98  ASN A OD1 1 
ATOM   788  N ND2 . ASN A 1 98  ? -16.979 1.163   -0.242  1.00 18.60 ? 98  ASN A ND2 1 
ATOM   789  N N   . GLY A 1 99  ? -17.106 2.748   4.522   1.00 16.49 ? 99  GLY A N   1 
ATOM   790  C CA  . GLY A 1 99  ? -16.838 2.113   5.799   1.00 15.70 ? 99  GLY A CA  1 
ATOM   791  C C   . GLY A 1 99  ? -16.228 0.724   5.686   1.00 15.45 ? 99  GLY A C   1 
ATOM   792  O O   . GLY A 1 99  ? -16.015 0.039   6.711   1.00 16.90 ? 99  GLY A O   1 
ATOM   793  N N   . LYS A 1 100 ? -15.907 0.320   4.458   1.00 14.68 ? 100 LYS A N   1 
ATOM   794  C CA  . LYS A 1 100 ? -15.374 -1.030  4.211   1.00 14.34 ? 100 LYS A CA  1 
ATOM   795  C C   . LYS A 1 100 ? -13.888 -1.121  4.454   1.00 15.05 ? 100 LYS A C   1 
ATOM   796  O O   . LYS A 1 100 ? -13.151 -0.172  4.211   1.00 14.57 ? 100 LYS A O   1 
ATOM   797  C CB  . LYS A 1 100 ? -15.694 -1.515  2.801   1.00 15.52 ? 100 LYS A CB  1 
ATOM   798  C CG  . LYS A 1 100 ? -17.147 -1.947  2.641   1.00 16.81 ? 100 LYS A CG  1 
ATOM   799  C CD  . LYS A 1 100 ? -17.464 -2.150  1.166   1.00 20.72 ? 100 LYS A CD  1 
ATOM   800  C CE  . LYS A 1 100 ? -18.930 -2.483  0.929   1.00 22.77 ? 100 LYS A CE  1 
ATOM   801  N NZ  . LYS A 1 100 ? -19.391 -3.653  1.727   1.00 27.05 ? 100 LYS A NZ  1 
ATOM   802  N N   . GLU A 1 101 ? -13.472 -2.285  4.927   1.00 14.79 ? 101 GLU A N   1 
ATOM   803  C CA  . GLU A 1 101 ? -12.106 -2.532  5.364   1.00 15.28 ? 101 GLU A CA  1 
ATOM   804  C C   . GLU A 1 101 ? -11.216 -2.708  4.153   1.00 14.87 ? 101 GLU A C   1 
ATOM   805  O O   . GLU A 1 101 ? -11.588 -3.404  3.215   1.00 16.42 ? 101 GLU A O   1 
ATOM   806  C CB  . GLU A 1 101 ? -12.053 -3.823  6.184   1.00 15.78 ? 101 GLU A CB  1 
ATOM   807  C CG  . GLU A 1 101 ? -12.543 -3.670  7.602   1.00 22.20 ? 101 GLU A CG  1 
ATOM   808  C CD  . GLU A 1 101 ? -12.154 -4.841  8.494   1.00 27.23 ? 101 GLU A CD  1 
ATOM   809  O OE1 . GLU A 1 101 ? -13.035 -5.334  9.238   1.00 31.98 ? 101 GLU A OE1 1 
ATOM   810  O OE2 . GLU A 1 101 ? -10.975 -5.275  8.456   1.00 30.09 ? 101 GLU A OE2 1 
ATOM   811  N N   . LEU A 1 102 ? -10.039 -2.092  4.192   1.00 13.87 ? 102 LEU A N   1 
ATOM   812  C CA  . LEU A 1 102 ? -9.009  -2.318  3.181   1.00 14.44 ? 102 LEU A CA  1 
ATOM   813  C C   . LEU A 1 102 ? -7.763  -2.624  4.015   1.00 13.95 ? 102 LEU A C   1 
ATOM   814  O O   . LEU A 1 102 ? -7.390  -1.830  4.867   1.00 13.50 ? 102 LEU A O   1 
ATOM   815  C CB  . LEU A 1 102 ? -8.795  -1.041  2.327   1.00 14.96 ? 102 LEU A CB  1 
ATOM   816  C CG  . LEU A 1 102 ? -7.877  -1.203  1.100   1.00 18.31 ? 102 LEU A CG  1 
ATOM   817  C CD1 . LEU A 1 102 ? -7.919  0.012   0.217   1.00 21.10 ? 102 LEU A CD1 1 
ATOM   818  C CD2 . LEU A 1 102 ? -6.411  -1.457  1.478   1.00 22.76 ? 102 LEU A CD2 1 
ATOM   819  N N   . ILE A 1 103 ? -7.159  -3.779  3.787   1.00 14.19 ? 103 ILE A N   1 
ATOM   820  C CA  . ILE A 1 103 ? -5.991  -4.204  4.553   1.00 14.80 ? 103 ILE A CA  1 
ATOM   821  C C   . ILE A 1 103 ? -4.801  -4.195  3.609   1.00 14.41 ? 103 ILE A C   1 
ATOM   822  O O   . ILE A 1 103 ? -4.928  -4.584  2.448   1.00 14.90 ? 103 ILE A O   1 
ATOM   823  C CB  . ILE A 1 103 ? -6.147  -5.633  5.116   1.00 15.14 ? 103 ILE A CB  1 
ATOM   824  C CG1 . ILE A 1 103 ? -7.462  -5.777  5.900   1.00 15.44 ? 103 ILE A CG1 1 
ATOM   825  C CG2 . ILE A 1 103 ? -4.976  -6.001  6.038   1.00 17.47 ? 103 ILE A CG2 1 
ATOM   826  C CD1 . ILE A 1 103 ? -7.575  -4.901  7.115   1.00 19.54 ? 103 ILE A CD1 1 
ATOM   827  N N   . ALA A 1 104 ? -3.658  -3.746  4.124   1.00 14.22 ? 104 ALA A N   1 
ATOM   828  C CA  . ALA A 1 104 ? -2.374  -3.908  3.443   1.00 13.66 ? 104 ALA A CA  1 
ATOM   829  C C   . ALA A 1 104 ? -1.418  -4.602  4.380   1.00 14.08 ? 104 ALA A C   1 
ATOM   830  O O   . ALA A 1 104 ? -1.399  -4.314  5.572   1.00 16.23 ? 104 ALA A O   1 
ATOM   831  C CB  . ALA A 1 104 ? -1.790  -2.540  2.979   1.00 14.30 ? 104 ALA A CB  1 
ATOM   832  N N   . VAL A 1 105 ? -0.659  -5.543  3.850   1.00 13.79 ? 105 VAL A N   1 
ATOM   833  C CA  . VAL A 1 105 ? 0.381   -6.195  4.627   1.00 14.03 ? 105 VAL A CA  1 
ATOM   834  C C   . VAL A 1 105 ? 1.714   -5.990  3.939   1.00 15.46 ? 105 VAL A C   1 
ATOM   835  O O   . VAL A 1 105 ? 1.801   -6.057  2.720   1.00 14.62 ? 105 VAL A O   1 
ATOM   836  C CB  . VAL A 1 105 ? 0.059   -7.685  4.759   1.00 15.05 ? 105 VAL A CB  1 
ATOM   837  C CG1 . VAL A 1 105 ? 1.179   -8.416  5.509   1.00 16.14 ? 105 VAL A CG1 1 
ATOM   838  C CG2 . VAL A 1 105 ? -1.284  -7.838  5.500   1.00 13.72 ? 105 VAL A CG2 1 
ATOM   839  N N   . ARG A 1 106 ? 2.744   -5.686  4.717   1.00 15.82 ? 106 ARG A N   1 
ATOM   840  C CA  . ARG A 1 106 ? 4.080   -5.601  4.148   1.00 17.32 ? 106 ARG A CA  1 
ATOM   841  C C   . ARG A 1 106 ? 4.987   -6.632  4.785   1.00 18.82 ? 106 ARG A C   1 
ATOM   842  O O   . ARG A 1 106 ? 5.050   -6.744  6.007   1.00 19.45 ? 106 ARG A O   1 
ATOM   843  C CB  . ARG A 1 106 ? 4.664   -4.209  4.343   1.00 17.21 ? 106 ARG A CB  1 
ATOM   844  C CG  . ARG A 1 106 ? 3.978   -3.177  3.481   1.00 15.91 ? 106 ARG A CG  1 
ATOM   845  C CD  . ARG A 1 106 ? 4.441   -1.760  3.799   1.00 17.13 ? 106 ARG A CD  1 
ATOM   846  N NE  . ARG A 1 106 ? 3.976   -0.822  2.769   1.00 18.17 ? 106 ARG A NE  1 
ATOM   847  C CZ  . ARG A 1 106 ? 3.762   0.470   2.941   1.00 15.59 ? 106 ARG A CZ  1 
ATOM   848  N NH1 . ARG A 1 106 ? 3.960   1.054   4.110   1.00 16.05 ? 106 ARG A NH1 1 
ATOM   849  N NH2 . ARG A 1 106 ? 3.346   1.207   1.917   1.00 15.64 ? 106 ARG A NH2 1 
ATOM   850  N N   . GLU A 1 107 ? 5.678   -7.389  3.947   1.00 20.20 ? 107 GLU A N   1 
ATOM   851  C CA  . GLU A 1 107 ? 6.620   -8.365  4.463   1.00 23.12 ? 107 GLU A CA  1 
ATOM   852  C C   . GLU A 1 107 ? 7.850   -8.454  3.596   1.00 23.71 ? 107 GLU A C   1 
ATOM   853  O O   . GLU A 1 107 ? 7.785   -8.218  2.388   1.00 23.02 ? 107 GLU A O   1 
ATOM   854  C CB  . GLU A 1 107 ? 5.947   -9.728  4.601   1.00 22.91 ? 107 GLU A CB  1 
ATOM   855  C CG  . GLU A 1 107 ? 5.499   -10.372 3.310   1.00 25.77 ? 107 GLU A CG  1 
ATOM   856  C CD  . GLU A 1 107 ? 4.517   -11.519 3.533   1.00 26.83 ? 107 GLU A CD  1 
ATOM   857  O OE1 . GLU A 1 107 ? 3.331   -11.371 3.159   1.00 30.34 ? 107 GLU A OE1 1 
ATOM   858  O OE2 . GLU A 1 107 ? 4.928   -12.565 4.107   1.00 31.06 ? 107 GLU A OE2 1 
ATOM   859  N N   . ILE A 1 108 ? 8.975   -8.787  4.229   1.00 24.66 ? 108 ILE A N   1 
ATOM   860  C CA  . ILE A 1 108 ? 10.186  -9.116  3.498   1.00 26.39 ? 108 ILE A CA  1 
ATOM   861  C C   . ILE A 1 108 ? 10.206  -10.616 3.226   1.00 28.06 ? 108 ILE A C   1 
ATOM   862  O O   . ILE A 1 108 ? 10.030  -11.437 4.136   1.00 28.49 ? 108 ILE A O   1 
ATOM   863  C CB  . ILE A 1 108 ? 11.470  -8.652  4.237   1.00 26.69 ? 108 ILE A CB  1 
ATOM   864  C CG1 . ILE A 1 108 ? 11.407  -7.156  4.576   1.00 25.84 ? 108 ILE A CG1 1 
ATOM   865  C CG2 . ILE A 1 108 ? 12.722  -8.991  3.409   1.00 26.33 ? 108 ILE A CG2 1 
ATOM   866  C CD1 . ILE A 1 108 ? 11.269  -6.214  3.372   1.00 28.17 ? 108 ILE A CD1 1 
ATOM   867  N N   . SER A 1 109 ? 10.362  -10.965 1.961   1.00 29.11 ? 109 SER A N   1 
ATOM   868  C CA  . SER A 1 109 ? 10.532  -12.348 1.564   1.00 30.77 ? 109 SER A CA  1 
ATOM   869  C C   . SER A 1 109 ? 11.806  -12.377 0.761   1.00 31.08 ? 109 SER A C   1 
ATOM   870  O O   . SER A 1 109 ? 11.823  -11.960 -0.400  1.00 31.31 ? 109 SER A O   1 
ATOM   871  C CB  . SER A 1 109 ? 9.341   -12.827 0.733   1.00 30.97 ? 109 SER A CB  1 
ATOM   872  O OG  . SER A 1 109 ? 9.437   -14.206 0.419   1.00 32.86 ? 109 SER A OG  1 
ATOM   873  N N   . GLY A 1 110 ? 12.880  -12.843 1.395   1.00 31.45 ? 110 GLY A N   1 
ATOM   874  C CA  . GLY A 1 110 ? 14.193  -12.894 0.761   1.00 31.41 ? 110 GLY A CA  1 
ATOM   875  C C   . GLY A 1 110 ? 14.733  -11.503 0.502   1.00 31.11 ? 110 GLY A C   1 
ATOM   876  O O   . GLY A 1 110 ? 14.982  -10.743 1.440   1.00 31.84 ? 110 GLY A O   1 
ATOM   877  N N   . ASN A 1 111 ? 14.897  -11.157 -0.773  1.00 30.79 ? 111 ASN A N   1 
ATOM   878  C CA  . ASN A 1 111 ? 15.341  -9.807  -1.147  1.00 30.47 ? 111 ASN A CA  1 
ATOM   879  C C   . ASN A 1 111 ? 14.205  -8.915  -1.685  1.00 29.18 ? 111 ASN A C   1 
ATOM   880  O O   . ASN A 1 111 ? 14.448  -7.840  -2.234  1.00 29.47 ? 111 ASN A O   1 
ATOM   881  C CB  . ASN A 1 111 ? 16.535  -9.853  -2.119  1.00 31.27 ? 111 ASN A CB  1 
ATOM   882  C CG  . ASN A 1 111 ? 16.402  -10.943 -3.175  1.00 33.92 ? 111 ASN A CG  1 
ATOM   883  O OD1 . ASN A 1 111 ? 15.207  -11.087 -3.755  1.00 38.25 ? 111 ASN A OD1 1 
ATOM   884  N ND2 . ASN A 1 111 ? 17.372  -11.655 -3.463  1.00 35.26 ? 111 ASN A ND2 1 
ATOM   885  N N   . GLU A 1 112 ? 12.970  -9.369  -1.508  1.00 27.61 ? 112 GLU A N   1 
ATOM   886  C CA  . GLU A 1 112 ? 11.803  -8.649  -2.023  1.00 25.59 ? 112 GLU A CA  1 
ATOM   887  C C   . GLU A 1 112 ? 10.874  -8.175  -0.904  1.00 23.95 ? 112 GLU A C   1 
ATOM   888  O O   . GLU A 1 112 ? 10.759  -8.839  0.147   1.00 23.48 ? 112 GLU A O   1 
ATOM   889  C CB  . GLU A 1 112 ? 11.041  -9.525  -3.027  1.00 25.64 ? 112 GLU A CB  1 
ATOM   890  C CG  . GLU A 1 112 ? 11.829  -9.801  -4.317  1.00 26.38 ? 112 GLU A CG  1 
ATOM   891  C CD  . GLU A 1 112 ? 11.148  -10.775 -5.254  1.00 25.93 ? 112 GLU A CD  1 
ATOM   892  O OE1 . GLU A 1 112 ? 10.349  -11.626 -4.803  1.00 28.82 ? 112 GLU A OE1 1 
ATOM   893  O OE2 . GLU A 1 112 ? 11.429  -10.701 -6.468  1.00 29.77 ? 112 GLU A OE2 1 
ATOM   894  N N   . LEU A 1 113 ? 10.227  -7.022  -1.128  1.00 22.19 ? 113 LEU A N   1 
ATOM   895  C CA  . LEU A 1 113 ? 9.150   -6.543  -0.256  1.00 21.04 ? 113 LEU A CA  1 
ATOM   896  C C   . LEU A 1 113 ? 7.841   -6.948  -0.909  1.00 19.82 ? 113 LEU A C   1 
ATOM   897  O O   . LEU A 1 113 ? 7.577   -6.599  -2.076  1.00 18.13 ? 113 LEU A O   1 
ATOM   898  C CB  . LEU A 1 113 ? 9.193   -5.013  -0.055  1.00 20.45 ? 113 LEU A CB  1 
ATOM   899  C CG  . LEU A 1 113 ? 8.066   -4.311  0.738   1.00 21.90 ? 113 LEU A CG  1 
ATOM   900  C CD1 . LEU A 1 113 ? 7.883   -4.876  2.125   1.00 24.91 ? 113 LEU A CD1 1 
ATOM   901  C CD2 . LEU A 1 113 ? 8.265   -2.778  0.813   1.00 22.99 ? 113 LEU A CD2 1 
ATOM   902  N N   . ILE A 1 114 ? 7.047   -7.717  -0.168  1.00 18.52 ? 114 ILE A N   1 
ATOM   903  C CA  . ILE A 1 114 ? 5.750   -8.166  -0.644  1.00 18.71 ? 114 ILE A CA  1 
ATOM   904  C C   . ILE A 1 114 ? 4.665   -7.314  0.016   1.00 16.89 ? 114 ILE A C   1 
ATOM   905  O O   . ILE A 1 114 ? 4.503   -7.320  1.236   1.00 16.30 ? 114 ILE A O   1 
ATOM   906  C CB  . ILE A 1 114 ? 5.494   -9.661  -0.339  1.00 19.29 ? 114 ILE A CB  1 
ATOM   907  C CG1 . ILE A 1 114 ? 6.626   -10.534 -0.907  1.00 20.34 ? 114 ILE A CG1 1 
ATOM   908  C CG2 . ILE A 1 114 ? 4.158   -10.088 -0.946  1.00 19.49 ? 114 ILE A CG2 1 
ATOM   909  C CD1 . ILE A 1 114 ? 6.482   -12.020 -0.527  1.00 21.54 ? 114 ILE A CD1 1 
ATOM   910  N N   . GLN A 1 115 ? 3.938   -6.562  -0.809  1.00 15.44 ? 115 GLN A N   1 
ATOM   911  C CA  . GLN A 1 115 ? 2.855   -5.726  -0.317  1.00 14.27 ? 115 GLN A CA  1 
ATOM   912  C C   . GLN A 1 115 ? 1.554   -6.358  -0.776  1.00 14.02 ? 115 GLN A C   1 
ATOM   913  O O   . GLN A 1 115 ? 1.277   -6.404  -1.968  1.00 14.56 ? 115 GLN A O   1 
ATOM   914  C CB  . GLN A 1 115 ? 3.006   -4.294  -0.875  1.00 13.88 ? 115 GLN A CB  1 
ATOM   915  C CG  . GLN A 1 115 ? 1.944   -3.327  -0.407  1.00 15.63 ? 115 GLN A CG  1 
ATOM   916  C CD  . GLN A 1 115 ? 2.415   -1.865  -0.525  1.00 17.14 ? 115 GLN A CD  1 
ATOM   917  O OE1 . GLN A 1 115 ? 3.250   -1.410  0.251   1.00 17.50 ? 115 GLN A OE1 1 
ATOM   918  N NE2 . GLN A 1 115 ? 1.853   -1.125  -1.485  1.00 16.12 ? 115 GLN A NE2 1 
ATOM   919  N N   . THR A 1 116 ? 0.775   -6.880  0.181   1.00 12.99 ? 116 THR A N   1 
ATOM   920  C CA  . THR A 1 116 ? -0.467  -7.565  -0.139  1.00 12.76 ? 116 THR A CA  1 
ATOM   921  C C   . THR A 1 116 ? -1.645  -6.686  0.243   1.00 12.73 ? 116 THR A C   1 
ATOM   922  O O   . THR A 1 116 ? -1.615  -6.038  1.272   1.00 13.33 ? 116 THR A O   1 
ATOM   923  C CB  . THR A 1 116 ? -0.581  -8.916  0.626   1.00 12.22 ? 116 THR A CB  1 
ATOM   924  O OG1 . THR A 1 116 ? 0.567   -9.730  0.320   1.00 13.99 ? 116 THR A OG1 1 
ATOM   925  C CG2 . THR A 1 116 ? -1.842  -9.640  0.221   1.00 13.58 ? 116 THR A CG2 1 
ATOM   926  N N   . TYR A 1 117 ? -2.655  -6.630  -0.620  1.00 11.42 ? 117 TYR A N   1 
ATOM   927  C CA  . TYR A 1 117 ? -3.886  -5.905  -0.300  1.00 11.21 ? 117 TYR A CA  1 
ATOM   928  C C   . TYR A 1 117 ? -5.015  -6.882  -0.186  1.00 11.76 ? 117 TYR A C   1 
ATOM   929  O O   . TYR A 1 117 ? -5.042  -7.864  -0.926  1.00 11.66 ? 117 TYR A O   1 
ATOM   930  C CB  . TYR A 1 117 ? -4.278  -4.956  -1.423  1.00 11.60 ? 117 TYR A CB  1 
ATOM   931  C CG  . TYR A 1 117 ? -3.269  -3.926  -1.812  1.00 11.89 ? 117 TYR A CG  1 
ATOM   932  C CD1 . TYR A 1 117 ? -2.485  -3.255  -0.846  1.00 13.04 ? 117 TYR A CD1 1 
ATOM   933  C CD2 . TYR A 1 117 ? -3.111  -3.592  -3.164  1.00 11.33 ? 117 TYR A CD2 1 
ATOM   934  C CE1 . TYR A 1 117 ? -1.552  -2.278  -1.235  1.00 12.32 ? 117 TYR A CE1 1 
ATOM   935  C CE2 . TYR A 1 117 ? -2.181  -2.613  -3.561  1.00 12.16 ? 117 TYR A CE2 1 
ATOM   936  C CZ  . TYR A 1 117 ? -1.420  -1.974  -2.598  1.00 13.32 ? 117 TYR A CZ  1 
ATOM   937  O OH  . TYR A 1 117 ? -0.528  -0.992  -2.973  1.00 15.06 ? 117 TYR A OH  1 
ATOM   938  N N   . THR A 1 118 ? -5.969  -6.565  0.692   1.00 10.97 ? 118 THR A N   1 
ATOM   939  C CA  . THR A 1 118 ? -7.267  -7.257  0.668   1.00 10.62 ? 118 THR A CA  1 
ATOM   940  C C   . THR A 1 118 ? -8.410  -6.273  0.684   1.00 10.81 ? 118 THR A C   1 
ATOM   941  O O   . THR A 1 118 ? -8.375  -5.301  1.422   1.00 11.63 ? 118 THR A O   1 
ATOM   942  C CB  . THR A 1 118 ? -7.446  -8.294  1.837   1.00 11.60 ? 118 THR A CB  1 
ATOM   943  O OG1 . THR A 1 118 ? -7.633  -7.638  3.090   1.00 12.68 ? 118 THR A OG1 1 
ATOM   944  C CG2 . THR A 1 118 ? -6.290  -9.250  1.918   1.00 11.82 ? 118 THR A CG2 1 
ATOM   945  N N   . TYR A 1 119 ? -9.435  -6.533  -0.122  1.00 10.25 ? 119 TYR A N   1 
ATOM   946  C CA  . TYR A 1 119 ? -10.630 -5.722  -0.068  1.00 10.49 ? 119 TYR A CA  1 
ATOM   947  C C   . TYR A 1 119 ? -11.801 -6.570  -0.514  1.00 11.15 ? 119 TYR A C   1 
ATOM   948  O O   . TYR A 1 119 ? -11.778 -7.112  -1.621  1.00 11.77 ? 119 TYR A O   1 
ATOM   949  C CB  . TYR A 1 119 ? -10.497 -4.507  -1.000  1.00 10.35 ? 119 TYR A CB  1 
ATOM   950  C CG  . TYR A 1 119 ? -11.712 -3.615  -1.024  1.00 10.19 ? 119 TYR A CG  1 
ATOM   951  C CD1 . TYR A 1 119 ? -11.979 -2.762  0.063   1.00 10.97 ? 119 TYR A CD1 1 
ATOM   952  C CD2 . TYR A 1 119 ? -12.556 -3.596  -2.130  1.00 11.27 ? 119 TYR A CD2 1 
ATOM   953  C CE1 . TYR A 1 119 ? -13.076 -1.924  0.058   1.00 10.80 ? 119 TYR A CE1 1 
ATOM   954  C CE2 . TYR A 1 119 ? -13.679 -2.756  -2.143  1.00 11.53 ? 119 TYR A CE2 1 
ATOM   955  C CZ  . TYR A 1 119 ? -13.920 -1.930  -1.044  1.00 12.96 ? 119 TYR A CZ  1 
ATOM   956  O OH  . TYR A 1 119 ? -15.005 -1.072  -1.023  1.00 15.01 ? 119 TYR A OH  1 
ATOM   957  N N   . GLU A 1 120 ? -12.796 -6.682  0.371   1.00 11.40 ? 120 GLU A N   1 
ATOM   958  C CA  . GLU A 1 120 ? -14.039 -7.393  0.050   1.00 12.72 ? 120 GLU A CA  1 
ATOM   959  C C   . GLU A 1 120 ? -13.774 -8.773  -0.517  1.00 12.26 ? 120 GLU A C   1 
ATOM   960  O O   . GLU A 1 120 ? -14.421 -9.238  -1.478  1.00 13.82 ? 120 GLU A O   1 
ATOM   961  C CB  . GLU A 1 120 ? -14.928 -6.541  -0.872  1.00 13.41 ? 120 GLU A CB  1 
ATOM   962  C CG  . GLU A 1 120 ? -15.359 -5.232  -0.230  1.00 15.69 ? 120 GLU A CG  1 
ATOM   963  C CD  . GLU A 1 120 ? -16.378 -5.431  0.864   1.00 21.54 ? 120 GLU A CD  1 
ATOM   964  O OE1 . GLU A 1 120 ? -17.566 -5.642  0.509   1.00 24.03 ? 120 GLU A OE1 1 
ATOM   965  O OE2 . GLU A 1 120 ? -16.006 -5.390  2.056   1.00 20.20 ? 120 GLU A OE2 1 
ATOM   966  N N   . GLY A 1 121 ? -12.829 -9.459  0.099   1.00 12.23 ? 121 GLY A N   1 
ATOM   967  C CA  . GLY A 1 121 ? -12.513 -10.828 -0.293  1.00 13.10 ? 121 GLY A CA  1 
ATOM   968  C C   . GLY A 1 121 ? -11.614 -11.038 -1.484  1.00 12.54 ? 121 GLY A C   1 
ATOM   969  O O   . GLY A 1 121 ? -11.427 -12.173 -1.927  1.00 14.34 ? 121 GLY A O   1 
ATOM   970  N N   . VAL A 1 122 ? -11.068 -9.948  -2.023  1.00 12.30 ? 122 VAL A N   1 
ATOM   971  C CA  . VAL A 1 122 ? -10.180 -10.040 -3.180  1.00 11.69 ? 122 VAL A CA  1 
ATOM   972  C C   . VAL A 1 122 ? -8.774  -9.667  -2.725  1.00 12.04 ? 122 VAL A C   1 
ATOM   973  O O   . VAL A 1 122 ? -8.619  -8.697  -2.005  1.00 11.46 ? 122 VAL A O   1 
ATOM   974  C CB  . VAL A 1 122 ? -10.639 -9.076  -4.307  1.00 12.61 ? 122 VAL A CB  1 
ATOM   975  C CG1 . VAL A 1 122 ? -9.693  -9.162  -5.504  1.00 13.43 ? 122 VAL A CG1 1 
ATOM   976  C CG2 . VAL A 1 122 ? -12.063 -9.384  -4.714  1.00 12.57 ? 122 VAL A CG2 1 
ATOM   977  N N   . GLU A 1 123 ? -7.785  -10.462 -3.122  1.00 12.86 ? 123 GLU A N   1 
ATOM   978  C CA  . GLU A 1 123 ? -6.382  -10.272 -2.746  1.00 13.30 ? 123 GLU A CA  1 
ATOM   979  C C   . GLU A 1 123 ? -5.604  -9.740  -3.948  1.00 13.92 ? 123 GLU A C   1 
ATOM   980  O O   . GLU A 1 123 ? -5.860  -10.104 -5.089  1.00 14.30 ? 123 GLU A O   1 
ATOM   981  C CB  . GLU A 1 123 ? -5.758  -11.637 -2.398  1.00 14.00 ? 123 GLU A CB  1 
ATOM   982  C CG  . GLU A 1 123 ? -4.399  -11.558 -1.755  1.00 15.60 ? 123 GLU A CG  1 
ATOM   983  C CD  . GLU A 1 123 ? -3.726  -12.911 -1.585  1.00 17.65 ? 123 GLU A CD  1 
ATOM   984  O OE1 . GLU A 1 123 ? -4.426  -13.932 -1.444  1.00 24.77 ? 123 GLU A OE1 1 
ATOM   985  O OE2 . GLU A 1 123 ? -2.488  -12.943 -1.566  1.00 26.50 ? 123 GLU A OE2 1 
ATOM   986  N N   . ALA A 1 124 ? -4.616  -8.911  -3.673  1.00 12.53 ? 124 ALA A N   1 
ATOM   987  C CA  . ALA A 1 124 ? -3.617  -8.575  -4.685  1.00 13.09 ? 124 ALA A CA  1 
ATOM   988  C C   . ALA A 1 124 ? -2.267  -8.482  -4.014  1.00 13.42 ? 124 ALA A C   1 
ATOM   989  O O   . ALA A 1 124 ? -2.178  -8.197  -2.833  1.00 12.74 ? 124 ALA A O   1 
ATOM   990  C CB  . ALA A 1 124 ? -3.933  -7.256  -5.315  1.00 13.49 ? 124 ALA A CB  1 
ATOM   991  N N   . LYS A 1 125 ? -1.216  -8.704  -4.795  1.00 14.05 ? 125 LYS A N   1 
ATOM   992  C CA  . LYS A 1 125 ? 0.143   -8.478  -4.303  1.00 15.31 ? 125 LYS A CA  1 
ATOM   993  C C   . LYS A 1 125 ? 0.874   -7.592  -5.282  1.00 16.02 ? 125 LYS A C   1 
ATOM   994  O O   . LYS A 1 125 ? 0.712   -7.722  -6.502  1.00 17.66 ? 125 LYS A O   1 
ATOM   995  C CB  . LYS A 1 125 ? 0.906   -9.792  -4.140  1.00 17.25 ? 125 LYS A CB  1 
ATOM   996  C CG  . LYS A 1 125 ? 0.305   -10.721 -3.125  1.00 19.40 ? 125 LYS A CG  1 
ATOM   997  C CD  . LYS A 1 125 ? 1.315   -11.762 -2.702  1.00 23.81 ? 125 LYS A CD  1 
ATOM   998  C CE  . LYS A 1 125 ? 0.687   -12.851 -1.852  1.00 26.45 ? 125 LYS A CE  1 
ATOM   999  N NZ  . LYS A 1 125 ? 0.238   -12.374 -0.516  1.00 27.05 ? 125 LYS A NZ  1 
ATOM   1000 N N   . ARG A 1 126 ? 1.661   -6.692  -4.717  1.00 15.37 ? 126 ARG A N   1 
ATOM   1001 C CA  . ARG A 1 126 ? 2.646   -5.915  -5.458  1.00 15.06 ? 126 ARG A CA  1 
ATOM   1002 C C   . ARG A 1 126 ? 3.975   -6.212  -4.819  1.00 15.67 ? 126 ARG A C   1 
ATOM   1003 O O   . ARG A 1 126 ? 4.152   -6.016  -3.610  1.00 14.65 ? 126 ARG A O   1 
ATOM   1004 C CB  . ARG A 1 126 ? 2.287   -4.453  -5.388  1.00 15.43 ? 126 ARG A CB  1 
ATOM   1005 C CG  . ARG A 1 126 ? 0.862   -4.287  -5.932  1.00 15.78 ? 126 ARG A CG  1 
ATOM   1006 C CD  . ARG A 1 126 ? 0.664   -2.931  -6.427  1.00 14.58 ? 126 ARG A CD  1 
ATOM   1007 N NE  . ARG A 1 126 ? 1.367   -2.727  -7.684  1.00 14.32 ? 126 ARG A NE  1 
ATOM   1008 C CZ  . ARG A 1 126 ? 1.517   -1.524  -8.217  1.00 14.54 ? 126 ARG A CZ  1 
ATOM   1009 N NH1 . ARG A 1 126 ? 1.001   -0.471  -7.595  1.00 13.73 ? 126 ARG A NH1 1 
ATOM   1010 N NH2 . ARG A 1 126 ? 2.161   -1.354  -9.363  1.00 12.64 ? 126 ARG A NH2 1 
ATOM   1011 N N   . ILE A 1 127 ? 4.890   -6.727  -5.646  1.00 16.48 ? 127 ILE A N   1 
ATOM   1012 C CA  . ILE A 1 127 ? 6.163   -7.237  -5.174  1.00 16.86 ? 127 ILE A CA  1 
ATOM   1013 C C   . ILE A 1 127 ? 7.263   -6.299  -5.658  1.00 16.38 ? 127 ILE A C   1 
ATOM   1014 O O   . ILE A 1 127 ? 7.347   -5.984  -6.864  1.00 16.50 ? 127 ILE A O   1 
ATOM   1015 C CB  . ILE A 1 127 ? 6.365   -8.700  -5.637  1.00 17.09 ? 127 ILE A CB  1 
ATOM   1016 C CG1 . ILE A 1 127 ? 5.304   -9.601  -4.975  1.00 19.15 ? 127 ILE A CG1 1 
ATOM   1017 C CG2 . ILE A 1 127 ? 7.777   -9.193  -5.273  1.00 18.73 ? 127 ILE A CG2 1 
ATOM   1018 C CD1 . ILE A 1 127 ? 5.177   -10.985 -5.552  1.00 22.90 ? 127 ILE A CD1 1 
ATOM   1019 N N   . PHE A 1 128 ? 8.050   -5.812  -4.705  1.00 16.29 ? 128 PHE A N   1 
ATOM   1020 C CA  . PHE A 1 128 ? 9.095   -4.813  -4.973  1.00 17.27 ? 128 PHE A CA  1 
ATOM   1021 C C   . PHE A 1 128 ? 10.484  -5.431  -4.868  1.00 19.02 ? 128 PHE A C   1 
ATOM   1022 O O   . PHE A 1 128 ? 10.691  -6.351  -4.087  1.00 18.67 ? 128 PHE A O   1 
ATOM   1023 C CB  . PHE A 1 128 ? 9.033   -3.691  -3.950  1.00 16.29 ? 128 PHE A CB  1 
ATOM   1024 C CG  . PHE A 1 128 ? 7.725   -2.919  -3.949  1.00 14.29 ? 128 PHE A CG  1 
ATOM   1025 C CD1 . PHE A 1 128 ? 6.567   -3.468  -3.389  1.00 13.49 ? 128 PHE A CD1 1 
ATOM   1026 C CD2 . PHE A 1 128 ? 7.681   -1.631  -4.450  1.00 13.19 ? 128 PHE A CD2 1 
ATOM   1027 C CE1 . PHE A 1 128 ? 5.374   -2.748  -3.370  1.00 14.95 ? 128 PHE A CE1 1 
ATOM   1028 C CE2 . PHE A 1 128 ? 6.482   -0.901  -4.449  1.00 13.09 ? 128 PHE A CE2 1 
ATOM   1029 C CZ  . PHE A 1 128 ? 5.334   -1.469  -3.910  1.00 15.61 ? 128 PHE A CZ  1 
ATOM   1030 N N   . LYS A 1 129 ? 11.406  -4.925  -5.680  1.00 21.37 ? 129 LYS A N   1 
ATOM   1031 C CA  . LYS A 1 129 ? 12.841  -5.191  -5.496  1.00 23.37 ? 129 LYS A CA  1 
ATOM   1032 C C   . LYS A 1 129 ? 13.513  -3.918  -4.989  1.00 24.46 ? 129 LYS A C   1 
ATOM   1033 O O   . LYS A 1 129 ? 13.061  -2.797  -5.266  1.00 23.75 ? 129 LYS A O   1 
ATOM   1034 C CB  . LYS A 1 129 ? 13.470  -5.640  -6.806  1.00 24.29 ? 129 LYS A CB  1 
ATOM   1035 C CG  . LYS A 1 129 ? 13.092  -7.059  -7.199  1.00 25.79 ? 129 LYS A CG  1 
ATOM   1036 C CD  . LYS A 1 129 ? 13.618  -7.406  -8.587  1.00 28.49 ? 129 LYS A CD  1 
ATOM   1037 C CE  . LYS A 1 129 ? 13.257  -8.838  -8.974  1.00 30.46 ? 129 LYS A CE  1 
ATOM   1038 N NZ  . LYS A 1 129 ? 13.683  -9.817  -7.938  1.00 32.53 ? 129 LYS A NZ  1 
ATOM   1039 N N   . LYS A 1 130 ? 14.605  -4.080  -4.249  1.00 26.30 ? 130 LYS A N   1 
ATOM   1040 C CA  . LYS A 1 130 ? 15.333  -2.936  -3.716  1.00 28.62 ? 130 LYS A CA  1 
ATOM   1041 C C   . LYS A 1 130 ? 16.398  -2.473  -4.718  1.00 29.65 ? 130 LYS A C   1 
ATOM   1042 O O   . LYS A 1 130 ? 16.265  -2.701  -5.939  1.00 31.49 ? 130 LYS A O   1 
ATOM   1043 C CB  . LYS A 1 130 ? 15.957  -3.272  -2.345  1.00 29.03 ? 130 LYS A CB  1 
ATOM   1044 C CG  . LYS A 1 130 ? 16.435  -2.049  -1.544  1.00 31.24 ? 130 LYS A CG  1 
ATOM   1045 C CD  . LYS A 1 130 ? 15.998  -2.075  -0.083  1.00 33.94 ? 130 LYS A CD  1 
ATOM   1046 C CE  . LYS A 1 130 ? 16.877  -2.961  0.794   1.00 34.46 ? 130 LYS A CE  1 
ATOM   1047 N NZ  . LYS A 1 130 ? 16.496  -4.394  0.657   1.00 34.24 ? 130 LYS A NZ  1 
HETATM 1048 C C1  . 11D B 2 .   ? -7.607  5.072   -6.987  1.00 14.56 ? 132 11D A C1  1 
HETATM 1049 C C2  . 11D B 2 .   ? -6.880  4.255   -7.866  1.00 14.02 ? 132 11D A C2  1 
HETATM 1050 C C3  . 11D B 2 .   ? -6.527  2.857   -7.497  1.00 13.44 ? 132 11D A C3  1 
HETATM 1051 C C4  . 11D B 2 .   ? -6.967  2.357   -6.158  1.00 13.68 ? 132 11D A C4  1 
HETATM 1052 C C5  . 11D B 2 .   ? -7.711  3.247   -5.369  1.00 13.49 ? 132 11D A C5  1 
HETATM 1053 C C6  . 11D B 2 .   ? -8.005  4.550   -5.766  1.00 13.94 ? 132 11D A C6  1 
HETATM 1054 C C7  . 11D B 2 .   ? -6.412  4.754   -9.177  1.00 13.68 ? 132 11D A C7  1 
HETATM 1055 C C8  . 11D B 2 .   ? -5.716  3.882   -10.010 1.00 14.64 ? 132 11D A C8  1 
HETATM 1056 C C9  . 11D B 2 .   ? -5.415  2.564   -9.624  1.00 13.83 ? 132 11D A C9  1 
HETATM 1057 C C10 . 11D B 2 .   ? -5.804  2.051   -8.379  1.00 14.20 ? 132 11D A C10 1 
HETATM 1058 N N11 . 11D B 2 .   ? -6.734  6.005   -9.704  1.00 15.14 ? 132 11D A N11 1 
HETATM 1059 C C12 . 11D B 2 .   ? -8.138  6.310   -9.880  1.00 14.31 ? 132 11D A C12 1 
HETATM 1060 C C13 . 11D B 2 .   ? -5.770  6.898   -10.341 1.00 17.75 ? 132 11D A C13 1 
HETATM 1061 S S14 . 11D B 2 .   ? -6.658  0.851   -5.651  1.00 13.54 ? 132 11D A S14 1 
HETATM 1062 O O15 . 11D B 2 .   ? -7.142  -0.127  -6.588  1.00 12.94 ? 132 11D A O15 1 
HETATM 1063 O O16 . 11D B 2 .   ? -7.222  0.692   -4.339  1.00 15.33 ? 132 11D A O16 1 
HETATM 1064 N N17 . 11D B 2 .   ? -5.082  0.654   -5.450  1.00 13.04 ? 132 11D A N17 1 
HETATM 1065 C C18 . 11D B 2 .   ? -4.351  1.389   -4.428  1.00 14.76 ? 132 11D A C18 1 
HETATM 1066 C C19 . 11D B 2 .   ? -4.297  0.623   -3.103  1.00 16.98 ? 132 11D A C19 1 
HETATM 1067 C C20 . 11D B 2 .   ? -3.462  1.376   -2.083  1.00 20.15 ? 132 11D A C20 1 
HETATM 1068 C C21 . 11D B 2 .   ? -3.681  0.854   -0.659  1.00 19.24 ? 132 11D A C21 1 
HETATM 1069 C C22 . 11D B 2 .   ? -2.780  1.667   0.280   1.00 23.74 ? 132 11D A C22 1 
HETATM 1070 C C23 . 11D B 2 .   ? -2.676  1.082   1.692   1.00 25.13 ? 132 11D A C23 1 
HETATM 1071 C C24 . 11D B 2 .   ? -2.417  2.168   2.748   1.00 24.42 ? 132 11D A C24 1 
HETATM 1072 C C25 . 11D B 2 .   ? -1.065  2.862   2.584   1.00 26.99 ? 132 11D A C25 1 
HETATM 1073 C C26 . 11D B 2 .   ? -0.796  3.783   3.772   1.00 26.35 ? 132 11D A C26 1 
HETATM 1074 C C27 . 11D B 2 .   ? 0.498   4.581   3.632   1.00 24.61 ? 132 11D A C27 1 
HETATM 1075 C C28 . 11D B 2 .   ? 1.745   3.725   3.591   1.00 25.87 ? 132 11D A C28 1 
HETATM 1076 O O29 . 11D B 2 .   ? 2.016   3.038   4.587   1.00 23.31 ? 132 11D A O29 1 
HETATM 1077 O O30 . 11D B 2 .   ? 2.476   3.717   2.568   1.00 24.08 ? 132 11D A O30 1 
HETATM 1078 O O   . HOH C 3 .   ? -11.121 -9.074  2.335   1.00 13.14 ? 133 HOH A O   1 
HETATM 1079 O O   . HOH C 3 .   ? 5.154   -0.319  -13.048 1.00 14.98 ? 134 HOH A O   1 
HETATM 1080 O O   . HOH C 3 .   ? -10.475 -6.598  3.593   1.00 16.46 ? 135 HOH A O   1 
HETATM 1081 O O   . HOH C 3 .   ? -13.223 -5.426  2.779   1.00 15.40 ? 136 HOH A O   1 
HETATM 1082 O O   . HOH C 3 .   ? -1.934  1.615   -8.926  1.00 13.29 ? 137 HOH A O   1 
HETATM 1083 O O   . HOH C 3 .   ? -0.284  3.761   12.112  1.00 16.64 ? 138 HOH A O   1 
HETATM 1084 O O   . HOH C 3 .   ? -0.816  0.093   -5.366  1.00 11.92 ? 139 HOH A O   1 
HETATM 1085 O O   . HOH C 3 .   ? -4.055  5.081   -4.795  1.00 16.20 ? 140 HOH A O   1 
HETATM 1086 O O   . HOH C 3 .   ? -12.618 -14.000 0.134   1.00 15.84 ? 141 HOH A O   1 
HETATM 1087 O O   . HOH C 3 .   ? 2.436   -9.089  2.130   1.00 17.96 ? 142 HOH A O   1 
HETATM 1088 O O   . HOH C 3 .   ? -15.786 -4.158  6.246   1.00 19.90 ? 143 HOH A O   1 
HETATM 1089 O O   . HOH C 3 .   ? -11.734 4.994   -12.089 1.00 22.44 ? 144 HOH A O   1 
HETATM 1090 O O   . HOH C 3 .   ? -3.459  11.248  -7.837  1.00 19.17 ? 145 HOH A O   1 
HETATM 1091 O O   . HOH C 3 .   ? -13.689 9.676   0.369   1.00 23.14 ? 146 HOH A O   1 
HETATM 1092 O O   . HOH C 3 .   ? -0.543  6.003   -6.384  1.00 21.01 ? 147 HOH A O   1 
HETATM 1093 O O   . HOH C 3 .   ? -2.865  -2.491  12.269  1.00 21.39 ? 148 HOH A O   1 
HETATM 1094 O O   . HOH C 3 .   ? 0.340   7.391   12.664  1.00 20.81 ? 149 HOH A O   1 
HETATM 1095 O O   . HOH C 3 .   ? 0.436   -14.049 9.591   1.00 24.34 ? 150 HOH A O   1 
HETATM 1096 O O   . HOH C 3 .   ? -1.735  4.662   -3.231  1.00 20.41 ? 151 HOH A O   1 
HETATM 1097 O O   . HOH C 3 .   ? -0.325  2.585   -4.347  1.00 19.95 ? 152 HOH A O   1 
HETATM 1098 O O   . HOH C 3 .   ? -10.047 -12.417 -7.213  1.00 19.69 ? 153 HOH A O   1 
HETATM 1099 O O   . HOH C 3 .   ? -12.677 3.335   -18.488 1.00 28.03 ? 154 HOH A O   1 
HETATM 1100 O O   . HOH C 3 .   ? -3.035  12.292  -5.203  1.00 19.64 ? 155 HOH A O   1 
HETATM 1101 O O   . HOH C 3 .   ? 1.526   1.860   -1.575  1.00 27.36 ? 156 HOH A O   1 
HETATM 1102 O O   . HOH C 3 .   ? -3.066  3.880   -7.224  1.00 18.29 ? 157 HOH A O   1 
HETATM 1103 O O   . HOH C 3 .   ? -8.474  -12.946 -4.695  1.00 17.30 ? 158 HOH A O   1 
HETATM 1104 O O   . HOH C 3 .   ? 3.515   -2.422  -11.765 1.00 19.40 ? 159 HOH A O   1 
HETATM 1105 O O   . HOH C 3 .   ? 9.369   -0.202  -11.170 1.00 23.17 ? 160 HOH A O   1 
HETATM 1106 O O   . HOH C 3 .   ? 12.304  -0.607  8.372   1.00 32.40 ? 161 HOH A O   1 
HETATM 1107 O O   . HOH C 3 .   ? 9.690   7.016   -3.456  1.00 27.00 ? 162 HOH A O   1 
HETATM 1108 O O   . HOH C 3 .   ? -1.132  9.883   5.028   1.00 24.93 ? 163 HOH A O   1 
HETATM 1109 O O   . HOH C 3 .   ? -13.455 6.901   1.078   1.00 26.00 ? 164 HOH A O   1 
HETATM 1110 O O   . HOH C 3 .   ? -17.644 -5.195  4.098   1.00 26.26 ? 165 HOH A O   1 
HETATM 1111 O O   . HOH C 3 .   ? 7.850   6.450   -9.411  1.00 22.16 ? 166 HOH A O   1 
HETATM 1112 O O   . HOH C 3 .   ? 12.023  -3.635  -9.282  1.00 25.59 ? 167 HOH A O   1 
HETATM 1113 O O   . HOH C 3 .   ? -2.725  -12.047 -11.896 1.00 23.20 ? 168 HOH A O   1 
HETATM 1114 O O   . HOH C 3 .   ? 3.148   -7.749  -13.139 1.00 26.01 ? 169 HOH A O   1 
HETATM 1115 O O   . HOH C 3 .   ? -8.567  -4.707  -15.999 1.00 30.49 ? 170 HOH A O   1 
HETATM 1116 O O   . HOH C 3 .   ? -17.192 -1.628  -2.582  1.00 26.02 ? 171 HOH A O   1 
HETATM 1117 O O   . HOH C 3 .   ? 6.597   7.731   -11.628 1.00 26.03 ? 172 HOH A O   1 
HETATM 1118 O O   . HOH C 3 .   ? -20.970 -0.337  3.084   1.00 27.64 ? 173 HOH A O   1 
HETATM 1119 O O   . HOH C 3 .   ? -0.002  3.554   -6.779  1.00 23.62 ? 174 HOH A O   1 
HETATM 1120 O O   . HOH C 3 .   ? -13.669 3.611   -6.526  1.00 30.07 ? 175 HOH A O   1 
HETATM 1121 O O   . HOH C 3 .   ? -12.859 -7.857  -9.138  1.00 28.07 ? 176 HOH A O   1 
HETATM 1122 O O   . HOH C 3 .   ? -11.519 6.426   -9.722  1.00 36.88 ? 177 HOH A O   1 
HETATM 1123 O O   . HOH C 3 .   ? 11.421  8.088   3.592   1.00 36.83 ? 178 HOH A O   1 
HETATM 1124 O O   . HOH C 3 .   ? -15.366 -6.749  -8.958  1.00 27.55 ? 179 HOH A O   1 
HETATM 1125 O O   . HOH C 3 .   ? 9.533   1.988   -9.447  1.00 25.57 ? 180 HOH A O   1 
HETATM 1126 O O   . HOH C 3 .   ? 8.990   -9.226  7.110   1.00 38.79 ? 181 HOH A O   1 
HETATM 1127 O O   . HOH C 3 .   ? 15.634  -6.900  -4.001  1.00 34.19 ? 182 HOH A O   1 
# 
loop_
_pdbx_poly_seq_scheme.asym_id 
_pdbx_poly_seq_scheme.entity_id 
_pdbx_poly_seq_scheme.seq_id 
_pdbx_poly_seq_scheme.mon_id 
_pdbx_poly_seq_scheme.ndb_seq_num 
_pdbx_poly_seq_scheme.pdb_seq_num 
_pdbx_poly_seq_scheme.auth_seq_num 
_pdbx_poly_seq_scheme.pdb_mon_id 
_pdbx_poly_seq_scheme.auth_mon_id 
_pdbx_poly_seq_scheme.pdb_strand_id 
_pdbx_poly_seq_scheme.pdb_ins_code 
_pdbx_poly_seq_scheme.hetero 
A 1 1   ALA 1   1   1   ALA ALA A . n 
A 1 2   PHE 2   2   2   PHE PHE A . n 
A 1 3   ASP 3   3   3   ASP ASP A . n 
A 1 4   GLY 4   4   4   GLY GLY A . n 
A 1 5   THR 5   5   5   THR THR A . n 
A 1 6   TRP 6   6   6   TRP TRP A . n 
A 1 7   LYS 7   7   7   LYS LYS A . n 
A 1 8   VAL 8   8   8   VAL VAL A . n 
A 1 9   ASP 9   9   9   ASP ASP A . n 
A 1 10  ARG 10  10  10  ARG ARG A . n 
A 1 11  ASN 11  11  11  ASN ASN A . n 
A 1 12  GLU 12  12  12  GLU GLU A . n 
A 1 13  ASN 13  13  13  ASN ASN A . n 
A 1 14  TYR 14  14  14  TYR TYR A . n 
A 1 15  GLU 15  15  15  GLU GLU A . n 
A 1 16  LYS 16  16  16  LYS LYS A . n 
A 1 17  PHE 17  17  17  PHE PHE A . n 
A 1 18  MET 18  18  18  MET MET A . n 
A 1 19  GLU 19  19  19  GLU GLU A . n 
A 1 20  LYS 20  20  20  LYS LYS A . n 
A 1 21  MET 21  21  21  MET MET A . n 
A 1 22  GLY 22  22  22  GLY GLY A . n 
A 1 23  ILE 23  23  23  ILE ILE A . n 
A 1 24  ASN 24  24  24  ASN ASN A . n 
A 1 25  VAL 25  25  25  VAL VAL A . n 
A 1 26  VAL 26  26  26  VAL VAL A . n 
A 1 27  LYS 27  27  27  LYS LYS A . n 
A 1 28  ARG 28  28  28  ARG ARG A . n 
A 1 29  LYS 29  29  29  LYS LYS A . n 
A 1 30  LEU 30  30  30  LEU LEU A . n 
A 1 31  GLY 31  31  31  GLY GLY A . n 
A 1 32  ALA 32  32  32  ALA ALA A . n 
A 1 33  HIS 33  33  33  HIS HIS A . n 
A 1 34  ASP 34  34  34  ASP ASP A . n 
A 1 35  ASN 35  35  35  ASN ASN A . n 
A 1 36  LEU 36  36  36  LEU LEU A . n 
A 1 37  LYS 37  37  37  LYS LYS A . n 
A 1 38  LEU 38  38  38  LEU LEU A . n 
A 1 39  THR 39  39  39  THR THR A . n 
A 1 40  ILE 40  40  40  ILE ILE A . n 
A 1 41  THR 41  41  41  THR THR A . n 
A 1 42  GLN 42  42  42  GLN GLN A . n 
A 1 43  GLU 43  43  43  GLU GLU A . n 
A 1 44  GLY 44  44  44  GLY GLY A . n 
A 1 45  ASN 45  45  45  ASN ASN A . n 
A 1 46  LYS 46  46  46  LYS LYS A . n 
A 1 47  PHE 47  47  47  PHE PHE A . n 
A 1 48  THR 48  48  48  THR THR A . n 
A 1 49  VAL 49  49  49  VAL VAL A . n 
A 1 50  LYS 50  50  50  LYS LYS A . n 
A 1 51  GLU 51  51  51  GLU GLU A . n 
A 1 52  SER 52  52  52  SER SER A . n 
A 1 53  SER 53  53  53  SER SER A . n 
A 1 54  ASN 54  54  54  ASN ASN A . n 
A 1 55  PHE 55  55  55  PHE PHE A . n 
A 1 56  ARG 56  56  56  ARG ARG A . n 
A 1 57  ASN 57  57  57  ASN ASN A . n 
A 1 58  ILE 58  58  58  ILE ILE A . n 
A 1 59  ASP 59  59  59  ASP ASP A . n 
A 1 60  VAL 60  60  60  VAL VAL A . n 
A 1 61  VAL 61  61  61  VAL VAL A . n 
A 1 62  PHE 62  62  62  PHE PHE A . n 
A 1 63  GLU 63  63  63  GLU GLU A . n 
A 1 64  LEU 64  64  64  LEU LEU A . n 
A 1 65  GLY 65  65  65  GLY GLY A . n 
A 1 66  VAL 66  66  66  VAL VAL A . n 
A 1 67  ASP 67  67  67  ASP ASP A . n 
A 1 68  PHE 68  68  68  PHE PHE A . n 
A 1 69  ALA 69  69  69  ALA ALA A . n 
A 1 70  TYR 70  70  70  TYR TYR A . n 
A 1 71  SER 71  71  71  SER SER A . n 
A 1 72  LEU 72  72  72  LEU LEU A . n 
A 1 73  ALA 73  73  73  ALA ALA A . n 
A 1 74  ASP 74  74  74  ASP ASP A . n 
A 1 75  GLY 75  75  75  GLY GLY A . n 
A 1 76  THR 76  76  76  THR THR A . n 
A 1 77  GLU 77  77  77  GLU GLU A . n 
A 1 78  LEU 78  78  78  LEU LEU A . n 
A 1 79  THR 79  79  79  THR THR A . n 
A 1 80  GLY 80  80  80  GLY GLY A . n 
A 1 81  THR 81  81  81  THR THR A . n 
A 1 82  TRP 82  82  82  TRP TRP A . n 
A 1 83  THR 83  83  83  THR THR A . n 
A 1 84  MET 84  84  84  MET MET A . n 
A 1 85  GLU 85  85  85  GLU GLU A . n 
A 1 86  GLY 86  86  86  GLY GLY A . n 
A 1 87  ASN 87  87  87  ASN ASN A . n 
A 1 88  LYS 88  88  88  LYS LYS A . n 
A 1 89  LEU 89  89  89  LEU LEU A . n 
A 1 90  VAL 90  90  90  VAL VAL A . n 
A 1 91  GLY 91  91  91  GLY GLY A . n 
A 1 92  LYS 92  92  92  LYS LYS A . n 
A 1 93  PHE 93  93  93  PHE PHE A . n 
A 1 94  LYS 94  94  94  LYS LYS A . n 
A 1 95  ARG 95  95  95  ARG ARG A . n 
A 1 96  VAL 96  96  96  VAL VAL A . n 
A 1 97  ASP 97  97  97  ASP ASP A . n 
A 1 98  ASN 98  98  98  ASN ASN A . n 
A 1 99  GLY 99  99  99  GLY GLY A . n 
A 1 100 LYS 100 100 100 LYS LYS A . n 
A 1 101 GLU 101 101 101 GLU GLU A . n 
A 1 102 LEU 102 102 102 LEU LEU A . n 
A 1 103 ILE 103 103 103 ILE ILE A . n 
A 1 104 ALA 104 104 104 ALA ALA A . n 
A 1 105 VAL 105 105 105 VAL VAL A . n 
A 1 106 ARG 106 106 106 ARG ARG A . n 
A 1 107 GLU 107 107 107 GLU GLU A . n 
A 1 108 ILE 108 108 108 ILE ILE A . n 
A 1 109 SER 109 109 109 SER SER A . n 
A 1 110 GLY 110 110 110 GLY GLY A . n 
A 1 111 ASN 111 111 111 ASN ASN A . n 
A 1 112 GLU 112 112 112 GLU GLU A . n 
A 1 113 LEU 113 113 113 LEU LEU A . n 
A 1 114 ILE 114 114 114 ILE ILE A . n 
A 1 115 GLN 115 115 115 GLN GLN A . n 
A 1 116 THR 116 116 116 THR THR A . n 
A 1 117 TYR 117 117 117 TYR TYR A . n 
A 1 118 THR 118 118 118 THR THR A . n 
A 1 119 TYR 119 119 119 TYR TYR A . n 
A 1 120 GLU 120 120 120 GLU GLU A . n 
A 1 121 GLY 121 121 121 GLY GLY A . n 
A 1 122 VAL 122 122 122 VAL VAL A . n 
A 1 123 GLU 123 123 123 GLU GLU A . n 
A 1 124 ALA 124 124 124 ALA ALA A . n 
A 1 125 LYS 125 125 125 LYS LYS A . n 
A 1 126 ARG 126 126 126 ARG ARG A . n 
A 1 127 ILE 127 127 127 ILE ILE A . n 
A 1 128 PHE 128 128 128 PHE PHE A . n 
A 1 129 LYS 129 129 129 LYS LYS A . n 
A 1 130 LYS 130 130 130 LYS LYS A . n 
A 1 131 GLU 131 131 ?   ?   ?   A . n 
# 
loop_
_pdbx_nonpoly_scheme.asym_id 
_pdbx_nonpoly_scheme.entity_id 
_pdbx_nonpoly_scheme.mon_id 
_pdbx_nonpoly_scheme.ndb_seq_num 
_pdbx_nonpoly_scheme.pdb_seq_num 
_pdbx_nonpoly_scheme.auth_seq_num 
_pdbx_nonpoly_scheme.pdb_mon_id 
_pdbx_nonpoly_scheme.auth_mon_id 
_pdbx_nonpoly_scheme.pdb_strand_id 
_pdbx_nonpoly_scheme.pdb_ins_code 
B 2 11D 1  132 1  11D DAU A . 
C 3 HOH 1  133 1  HOH HOH A . 
C 3 HOH 2  134 2  HOH HOH A . 
C 3 HOH 3  135 3  HOH HOH A . 
C 3 HOH 4  136 4  HOH HOH A . 
C 3 HOH 5  137 5  HOH HOH A . 
C 3 HOH 6  138 6  HOH HOH A . 
C 3 HOH 7  139 7  HOH HOH A . 
C 3 HOH 8  140 8  HOH HOH A . 
C 3 HOH 9  141 9  HOH HOH A . 
C 3 HOH 10 142 10 HOH HOH A . 
C 3 HOH 11 143 11 HOH HOH A . 
C 3 HOH 12 144 12 HOH HOH A . 
C 3 HOH 13 145 13 HOH HOH A . 
C 3 HOH 14 146 14 HOH HOH A . 
C 3 HOH 15 147 15 HOH HOH A . 
C 3 HOH 16 148 16 HOH HOH A . 
C 3 HOH 17 149 17 HOH HOH A . 
C 3 HOH 18 150 18 HOH HOH A . 
C 3 HOH 19 151 19 HOH HOH A . 
C 3 HOH 20 152 20 HOH HOH A . 
C 3 HOH 21 153 21 HOH HOH A . 
C 3 HOH 22 154 22 HOH HOH A . 
C 3 HOH 23 155 23 HOH HOH A . 
C 3 HOH 24 156 24 HOH HOH A . 
C 3 HOH 25 157 25 HOH HOH A . 
C 3 HOH 26 158 26 HOH HOH A . 
C 3 HOH 27 159 27 HOH HOH A . 
C 3 HOH 28 160 28 HOH HOH A . 
C 3 HOH 29 161 29 HOH HOH A . 
C 3 HOH 30 162 30 HOH HOH A . 
C 3 HOH 31 163 31 HOH HOH A . 
C 3 HOH 32 164 32 HOH HOH A . 
C 3 HOH 33 165 33 HOH HOH A . 
C 3 HOH 34 166 34 HOH HOH A . 
C 3 HOH 35 167 35 HOH HOH A . 
C 3 HOH 36 168 36 HOH HOH A . 
C 3 HOH 37 169 37 HOH HOH A . 
C 3 HOH 38 170 38 HOH HOH A . 
C 3 HOH 39 171 39 HOH HOH A . 
C 3 HOH 40 172 40 HOH HOH A . 
C 3 HOH 41 173 41 HOH HOH A . 
C 3 HOH 42 174 42 HOH HOH A . 
C 3 HOH 43 175 43 HOH HOH A . 
C 3 HOH 44 176 44 HOH HOH A . 
C 3 HOH 45 177 45 HOH HOH A . 
C 3 HOH 46 178 46 HOH HOH A . 
C 3 HOH 47 179 47 HOH HOH A . 
C 3 HOH 48 180 48 HOH HOH A . 
C 3 HOH 49 181 49 HOH HOH A . 
C 3 HOH 50 182 50 HOH HOH A . 
# 
_pdbx_struct_assembly.id                   1 
_pdbx_struct_assembly.details              author_and_software_defined_assembly 
_pdbx_struct_assembly.method_details       PISA 
_pdbx_struct_assembly.oligomeric_details   monomeric 
_pdbx_struct_assembly.oligomeric_count     1 
# 
_pdbx_struct_assembly_gen.assembly_id       1 
_pdbx_struct_assembly_gen.oper_expression   1 
_pdbx_struct_assembly_gen.asym_id_list      A,B,C 
# 
_pdbx_struct_oper_list.id                   1 
_pdbx_struct_oper_list.type                 'identity operation' 
_pdbx_struct_oper_list.name                 1_555 
_pdbx_struct_oper_list.symmetry_operation   x,y,z 
_pdbx_struct_oper_list.matrix[1][1]         1.0000000000 
_pdbx_struct_oper_list.matrix[1][2]         0.0000000000 
_pdbx_struct_oper_list.matrix[1][3]         0.0000000000 
_pdbx_struct_oper_list.vector[1]            0.0000000000 
_pdbx_struct_oper_list.matrix[2][1]         0.0000000000 
_pdbx_struct_oper_list.matrix[2][2]         1.0000000000 
_pdbx_struct_oper_list.matrix[2][3]         0.0000000000 
_pdbx_struct_oper_list.vector[2]            0.0000000000 
_pdbx_struct_oper_list.matrix[3][1]         0.0000000000 
_pdbx_struct_oper_list.matrix[3][2]         0.0000000000 
_pdbx_struct_oper_list.matrix[3][3]         1.0000000000 
_pdbx_struct_oper_list.vector[3]            0.0000000000 
# 
loop_
_pdbx_audit_revision_history.ordinal 
_pdbx_audit_revision_history.data_content_type 
_pdbx_audit_revision_history.major_revision 
_pdbx_audit_revision_history.minor_revision 
_pdbx_audit_revision_history.revision_date 
1 'Structure model' 1 0 2011-07-20 
2 'Structure model' 1 1 2023-11-01 
# 
_pdbx_audit_revision_details.ordinal             1 
_pdbx_audit_revision_details.revision_ordinal    1 
_pdbx_audit_revision_details.data_content_type   'Structure model' 
_pdbx_audit_revision_details.provider            repository 
_pdbx_audit_revision_details.type                'Initial release' 
_pdbx_audit_revision_details.description         ? 
_pdbx_audit_revision_details.details             ? 
# 
loop_
_pdbx_audit_revision_group.ordinal 
_pdbx_audit_revision_group.revision_ordinal 
_pdbx_audit_revision_group.data_content_type 
_pdbx_audit_revision_group.group 
1 2 'Structure model' 'Data collection'        
2 2 'Structure model' 'Database references'    
3 2 'Structure model' 'Derived calculations'   
4 2 'Structure model' 'Refinement description' 
# 
loop_
_pdbx_audit_revision_category.ordinal 
_pdbx_audit_revision_category.revision_ordinal 
_pdbx_audit_revision_category.data_content_type 
_pdbx_audit_revision_category.category 
1 2 'Structure model' chem_comp_atom                
2 2 'Structure model' chem_comp_bond                
3 2 'Structure model' database_2                    
4 2 'Structure model' pdbx_initial_refinement_model 
5 2 'Structure model' struct_site                   
# 
loop_
_pdbx_audit_revision_item.ordinal 
_pdbx_audit_revision_item.revision_ordinal 
_pdbx_audit_revision_item.data_content_type 
_pdbx_audit_revision_item.item 
1 2 'Structure model' '_database_2.pdbx_DOI'                
2 2 'Structure model' '_database_2.pdbx_database_accession' 
3 2 'Structure model' '_struct_site.pdbx_auth_asym_id'      
4 2 'Structure model' '_struct_site.pdbx_auth_comp_id'      
5 2 'Structure model' '_struct_site.pdbx_auth_seq_id'       
# 
loop_
_software.name 
_software.classification 
_software.version 
_software.citation_id 
_software.pdbx_ordinal 
Blu-Ice 'data collection' .        ? 1 
AMoRE   phasing           .        ? 2 
REFMAC  refinement        5.2.0019 ? 3 
MOSFLM  'data reduction'  .        ? 4 
SCALA   'data scaling'    .        ? 5 
# 
_pdbx_unobs_or_zero_occ_residues.id               1 
_pdbx_unobs_or_zero_occ_residues.PDB_model_num    1 
_pdbx_unobs_or_zero_occ_residues.polymer_flag     Y 
_pdbx_unobs_or_zero_occ_residues.occupancy_flag   1 
_pdbx_unobs_or_zero_occ_residues.auth_asym_id     A 
_pdbx_unobs_or_zero_occ_residues.auth_comp_id     GLU 
_pdbx_unobs_or_zero_occ_residues.auth_seq_id      131 
_pdbx_unobs_or_zero_occ_residues.PDB_ins_code     ? 
_pdbx_unobs_or_zero_occ_residues.label_asym_id    A 
_pdbx_unobs_or_zero_occ_residues.label_comp_id    GLU 
_pdbx_unobs_or_zero_occ_residues.label_seq_id     131 
# 
loop_
_chem_comp_atom.comp_id 
_chem_comp_atom.atom_id 
_chem_comp_atom.type_symbol 
_chem_comp_atom.pdbx_aromatic_flag 
_chem_comp_atom.pdbx_stereo_config 
_chem_comp_atom.pdbx_ordinal 
11D C1   C Y N 1   
11D C2   C Y N 2   
11D C3   C Y N 3   
11D C4   C Y N 4   
11D C5   C Y N 5   
11D C6   C Y N 6   
11D C7   C Y N 7   
11D C8   C Y N 8   
11D C9   C Y N 9   
11D C10  C Y N 10  
11D N11  N N N 11  
11D C12  C N N 12  
11D C13  C N N 13  
11D S14  S N N 14  
11D O15  O N N 15  
11D O16  O N N 16  
11D N17  N N N 17  
11D C18  C N N 18  
11D C19  C N N 19  
11D C20  C N N 20  
11D C21  C N N 21  
11D C22  C N N 22  
11D C23  C N N 23  
11D C24  C N N 24  
11D C25  C N N 25  
11D C26  C N N 26  
11D C27  C N N 27  
11D C28  C N N 28  
11D O29  O N N 29  
11D O30  O N N 30  
11D H1   H N N 31  
11D H5   H N N 32  
11D H6   H N N 33  
11D H8   H N N 34  
11D H9   H N N 35  
11D H10  H N N 36  
11D H12  H N N 37  
11D H12A H N N 38  
11D H12B H N N 39  
11D H13  H N N 40  
11D H13A H N N 41  
11D H13B H N N 42  
11D HN17 H N N 43  
11D H18  H N N 44  
11D H18A H N N 45  
11D H19  H N N 46  
11D H19A H N N 47  
11D H20  H N N 48  
11D H20A H N N 49  
11D H21  H N N 50  
11D H21A H N N 51  
11D H22  H N N 52  
11D H22A H N N 53  
11D H23  H N N 54  
11D H23A H N N 55  
11D H24  H N N 56  
11D H24A H N N 57  
11D H25  H N N 58  
11D H25A H N N 59  
11D H26  H N N 60  
11D H26A H N N 61  
11D H27  H N N 62  
11D H27A H N N 63  
11D HO30 H N N 64  
ALA N    N N N 65  
ALA CA   C N S 66  
ALA C    C N N 67  
ALA O    O N N 68  
ALA CB   C N N 69  
ALA OXT  O N N 70  
ALA H    H N N 71  
ALA H2   H N N 72  
ALA HA   H N N 73  
ALA HB1  H N N 74  
ALA HB2  H N N 75  
ALA HB3  H N N 76  
ALA HXT  H N N 77  
ARG N    N N N 78  
ARG CA   C N S 79  
ARG C    C N N 80  
ARG O    O N N 81  
ARG CB   C N N 82  
ARG CG   C N N 83  
ARG CD   C N N 84  
ARG NE   N N N 85  
ARG CZ   C N N 86  
ARG NH1  N N N 87  
ARG NH2  N N N 88  
ARG OXT  O N N 89  
ARG H    H N N 90  
ARG H2   H N N 91  
ARG HA   H N N 92  
ARG HB2  H N N 93  
ARG HB3  H N N 94  
ARG HG2  H N N 95  
ARG HG3  H N N 96  
ARG HD2  H N N 97  
ARG HD3  H N N 98  
ARG HE   H N N 99  
ARG HH11 H N N 100 
ARG HH12 H N N 101 
ARG HH21 H N N 102 
ARG HH22 H N N 103 
ARG HXT  H N N 104 
ASN N    N N N 105 
ASN CA   C N S 106 
ASN C    C N N 107 
ASN O    O N N 108 
ASN CB   C N N 109 
ASN CG   C N N 110 
ASN OD1  O N N 111 
ASN ND2  N N N 112 
ASN OXT  O N N 113 
ASN H    H N N 114 
ASN H2   H N N 115 
ASN HA   H N N 116 
ASN HB2  H N N 117 
ASN HB3  H N N 118 
ASN HD21 H N N 119 
ASN HD22 H N N 120 
ASN HXT  H N N 121 
ASP N    N N N 122 
ASP CA   C N S 123 
ASP C    C N N 124 
ASP O    O N N 125 
ASP CB   C N N 126 
ASP CG   C N N 127 
ASP OD1  O N N 128 
ASP OD2  O N N 129 
ASP OXT  O N N 130 
ASP H    H N N 131 
ASP H2   H N N 132 
ASP HA   H N N 133 
ASP HB2  H N N 134 
ASP HB3  H N N 135 
ASP HD2  H N N 136 
ASP HXT  H N N 137 
GLN N    N N N 138 
GLN CA   C N S 139 
GLN C    C N N 140 
GLN O    O N N 141 
GLN CB   C N N 142 
GLN CG   C N N 143 
GLN CD   C N N 144 
GLN OE1  O N N 145 
GLN NE2  N N N 146 
GLN OXT  O N N 147 
GLN H    H N N 148 
GLN H2   H N N 149 
GLN HA   H N N 150 
GLN HB2  H N N 151 
GLN HB3  H N N 152 
GLN HG2  H N N 153 
GLN HG3  H N N 154 
GLN HE21 H N N 155 
GLN HE22 H N N 156 
GLN HXT  H N N 157 
GLU N    N N N 158 
GLU CA   C N S 159 
GLU C    C N N 160 
GLU O    O N N 161 
GLU CB   C N N 162 
GLU CG   C N N 163 
GLU CD   C N N 164 
GLU OE1  O N N 165 
GLU OE2  O N N 166 
GLU OXT  O N N 167 
GLU H    H N N 168 
GLU H2   H N N 169 
GLU HA   H N N 170 
GLU HB2  H N N 171 
GLU HB3  H N N 172 
GLU HG2  H N N 173 
GLU HG3  H N N 174 
GLU HE2  H N N 175 
GLU HXT  H N N 176 
GLY N    N N N 177 
GLY CA   C N N 178 
GLY C    C N N 179 
GLY O    O N N 180 
GLY OXT  O N N 181 
GLY H    H N N 182 
GLY H2   H N N 183 
GLY HA2  H N N 184 
GLY HA3  H N N 185 
GLY HXT  H N N 186 
HIS N    N N N 187 
HIS CA   C N S 188 
HIS C    C N N 189 
HIS O    O N N 190 
HIS CB   C N N 191 
HIS CG   C Y N 192 
HIS ND1  N Y N 193 
HIS CD2  C Y N 194 
HIS CE1  C Y N 195 
HIS NE2  N Y N 196 
HIS OXT  O N N 197 
HIS H    H N N 198 
HIS H2   H N N 199 
HIS HA   H N N 200 
HIS HB2  H N N 201 
HIS HB3  H N N 202 
HIS HD1  H N N 203 
HIS HD2  H N N 204 
HIS HE1  H N N 205 
HIS HE2  H N N 206 
HIS HXT  H N N 207 
HOH O    O N N 208 
HOH H1   H N N 209 
HOH H2   H N N 210 
ILE N    N N N 211 
ILE CA   C N S 212 
ILE C    C N N 213 
ILE O    O N N 214 
ILE CB   C N S 215 
ILE CG1  C N N 216 
ILE CG2  C N N 217 
ILE CD1  C N N 218 
ILE OXT  O N N 219 
ILE H    H N N 220 
ILE H2   H N N 221 
ILE HA   H N N 222 
ILE HB   H N N 223 
ILE HG12 H N N 224 
ILE HG13 H N N 225 
ILE HG21 H N N 226 
ILE HG22 H N N 227 
ILE HG23 H N N 228 
ILE HD11 H N N 229 
ILE HD12 H N N 230 
ILE HD13 H N N 231 
ILE HXT  H N N 232 
LEU N    N N N 233 
LEU CA   C N S 234 
LEU C    C N N 235 
LEU O    O N N 236 
LEU CB   C N N 237 
LEU CG   C N N 238 
LEU CD1  C N N 239 
LEU CD2  C N N 240 
LEU OXT  O N N 241 
LEU H    H N N 242 
LEU H2   H N N 243 
LEU HA   H N N 244 
LEU HB2  H N N 245 
LEU HB3  H N N 246 
LEU HG   H N N 247 
LEU HD11 H N N 248 
LEU HD12 H N N 249 
LEU HD13 H N N 250 
LEU HD21 H N N 251 
LEU HD22 H N N 252 
LEU HD23 H N N 253 
LEU HXT  H N N 254 
LYS N    N N N 255 
LYS CA   C N S 256 
LYS C    C N N 257 
LYS O    O N N 258 
LYS CB   C N N 259 
LYS CG   C N N 260 
LYS CD   C N N 261 
LYS CE   C N N 262 
LYS NZ   N N N 263 
LYS OXT  O N N 264 
LYS H    H N N 265 
LYS H2   H N N 266 
LYS HA   H N N 267 
LYS HB2  H N N 268 
LYS HB3  H N N 269 
LYS HG2  H N N 270 
LYS HG3  H N N 271 
LYS HD2  H N N 272 
LYS HD3  H N N 273 
LYS HE2  H N N 274 
LYS HE3  H N N 275 
LYS HZ1  H N N 276 
LYS HZ2  H N N 277 
LYS HZ3  H N N 278 
LYS HXT  H N N 279 
MET N    N N N 280 
MET CA   C N S 281 
MET C    C N N 282 
MET O    O N N 283 
MET CB   C N N 284 
MET CG   C N N 285 
MET SD   S N N 286 
MET CE   C N N 287 
MET OXT  O N N 288 
MET H    H N N 289 
MET H2   H N N 290 
MET HA   H N N 291 
MET HB2  H N N 292 
MET HB3  H N N 293 
MET HG2  H N N 294 
MET HG3  H N N 295 
MET HE1  H N N 296 
MET HE2  H N N 297 
MET HE3  H N N 298 
MET HXT  H N N 299 
PHE N    N N N 300 
PHE CA   C N S 301 
PHE C    C N N 302 
PHE O    O N N 303 
PHE CB   C N N 304 
PHE CG   C Y N 305 
PHE CD1  C Y N 306 
PHE CD2  C Y N 307 
PHE CE1  C Y N 308 
PHE CE2  C Y N 309 
PHE CZ   C Y N 310 
PHE OXT  O N N 311 
PHE H    H N N 312 
PHE H2   H N N 313 
PHE HA   H N N 314 
PHE HB2  H N N 315 
PHE HB3  H N N 316 
PHE HD1  H N N 317 
PHE HD2  H N N 318 
PHE HE1  H N N 319 
PHE HE2  H N N 320 
PHE HZ   H N N 321 
PHE HXT  H N N 322 
SER N    N N N 323 
SER CA   C N S 324 
SER C    C N N 325 
SER O    O N N 326 
SER CB   C N N 327 
SER OG   O N N 328 
SER OXT  O N N 329 
SER H    H N N 330 
SER H2   H N N 331 
SER HA   H N N 332 
SER HB2  H N N 333 
SER HB3  H N N 334 
SER HG   H N N 335 
SER HXT  H N N 336 
THR N    N N N 337 
THR CA   C N S 338 
THR C    C N N 339 
THR O    O N N 340 
THR CB   C N R 341 
THR OG1  O N N 342 
THR CG2  C N N 343 
THR OXT  O N N 344 
THR H    H N N 345 
THR H2   H N N 346 
THR HA   H N N 347 
THR HB   H N N 348 
THR HG1  H N N 349 
THR HG21 H N N 350 
THR HG22 H N N 351 
THR HG23 H N N 352 
THR HXT  H N N 353 
TRP N    N N N 354 
TRP CA   C N S 355 
TRP C    C N N 356 
TRP O    O N N 357 
TRP CB   C N N 358 
TRP CG   C Y N 359 
TRP CD1  C Y N 360 
TRP CD2  C Y N 361 
TRP NE1  N Y N 362 
TRP CE2  C Y N 363 
TRP CE3  C Y N 364 
TRP CZ2  C Y N 365 
TRP CZ3  C Y N 366 
TRP CH2  C Y N 367 
TRP OXT  O N N 368 
TRP H    H N N 369 
TRP H2   H N N 370 
TRP HA   H N N 371 
TRP HB2  H N N 372 
TRP HB3  H N N 373 
TRP HD1  H N N 374 
TRP HE1  H N N 375 
TRP HE3  H N N 376 
TRP HZ2  H N N 377 
TRP HZ3  H N N 378 
TRP HH2  H N N 379 
TRP HXT  H N N 380 
TYR N    N N N 381 
TYR CA   C N S 382 
TYR C    C N N 383 
TYR O    O N N 384 
TYR CB   C N N 385 
TYR CG   C Y N 386 
TYR CD1  C Y N 387 
TYR CD2  C Y N 388 
TYR CE1  C Y N 389 
TYR CE2  C Y N 390 
TYR CZ   C Y N 391 
TYR OH   O N N 392 
TYR OXT  O N N 393 
TYR H    H N N 394 
TYR H2   H N N 395 
TYR HA   H N N 396 
TYR HB2  H N N 397 
TYR HB3  H N N 398 
TYR HD1  H N N 399 
TYR HD2  H N N 400 
TYR HE1  H N N 401 
TYR HE2  H N N 402 
TYR HH   H N N 403 
TYR HXT  H N N 404 
VAL N    N N N 405 
VAL CA   C N S 406 
VAL C    C N N 407 
VAL O    O N N 408 
VAL CB   C N N 409 
VAL CG1  C N N 410 
VAL CG2  C N N 411 
VAL OXT  O N N 412 
VAL H    H N N 413 
VAL H2   H N N 414 
VAL HA   H N N 415 
VAL HB   H N N 416 
VAL HG11 H N N 417 
VAL HG12 H N N 418 
VAL HG13 H N N 419 
VAL HG21 H N N 420 
VAL HG22 H N N 421 
VAL HG23 H N N 422 
VAL HXT  H N N 423 
# 
loop_
_chem_comp_bond.comp_id 
_chem_comp_bond.atom_id_1 
_chem_comp_bond.atom_id_2 
_chem_comp_bond.value_order 
_chem_comp_bond.pdbx_aromatic_flag 
_chem_comp_bond.pdbx_stereo_config 
_chem_comp_bond.pdbx_ordinal 
11D C2  C1   doub Y N 1   
11D C1  C6   sing Y N 2   
11D C1  H1   sing N N 3   
11D C7  C2   sing Y N 4   
11D C3  C2   sing Y N 5   
11D C10 C3   sing Y N 6   
11D C3  C4   doub Y N 7   
11D S14 C4   sing N N 8   
11D C4  C5   sing Y N 9   
11D C5  C6   doub Y N 10  
11D C5  H5   sing N N 11  
11D C6  H6   sing N N 12  
11D C8  C7   doub Y N 13  
11D C7  N11  sing N N 14  
11D C9  C8   sing Y N 15  
11D C8  H8   sing N N 16  
11D C9  C10  doub Y N 17  
11D C9  H9   sing N N 18  
11D C10 H10  sing N N 19  
11D C13 N11  sing N N 20  
11D N11 C12  sing N N 21  
11D C12 H12  sing N N 22  
11D C12 H12A sing N N 23  
11D C12 H12B sing N N 24  
11D C13 H13  sing N N 25  
11D C13 H13A sing N N 26  
11D C13 H13B sing N N 27  
11D N17 S14  sing N N 28  
11D S14 O16  doub N N 29  
11D S14 O15  doub N N 30  
11D C18 N17  sing N N 31  
11D N17 HN17 sing N N 32  
11D C18 C19  sing N N 33  
11D C18 H18  sing N N 34  
11D C18 H18A sing N N 35  
11D C20 C19  sing N N 36  
11D C19 H19  sing N N 37  
11D C19 H19A sing N N 38  
11D C20 C21  sing N N 39  
11D C20 H20  sing N N 40  
11D C20 H20A sing N N 41  
11D C22 C21  sing N N 42  
11D C21 H21  sing N N 43  
11D C21 H21A sing N N 44  
11D C23 C22  sing N N 45  
11D C22 H22  sing N N 46  
11D C22 H22A sing N N 47  
11D C24 C23  sing N N 48  
11D C23 H23  sing N N 49  
11D C23 H23A sing N N 50  
11D C25 C24  sing N N 51  
11D C24 H24  sing N N 52  
11D C24 H24A sing N N 53  
11D C26 C25  sing N N 54  
11D C25 H25  sing N N 55  
11D C25 H25A sing N N 56  
11D C27 C26  sing N N 57  
11D C26 H26  sing N N 58  
11D C26 H26A sing N N 59  
11D C28 C27  sing N N 60  
11D C27 H27  sing N N 61  
11D C27 H27A sing N N 62  
11D O29 C28  doub N N 63  
11D C28 O30  sing N N 64  
11D O30 HO30 sing N N 65  
ALA N   CA   sing N N 66  
ALA N   H    sing N N 67  
ALA N   H2   sing N N 68  
ALA CA  C    sing N N 69  
ALA CA  CB   sing N N 70  
ALA CA  HA   sing N N 71  
ALA C   O    doub N N 72  
ALA C   OXT  sing N N 73  
ALA CB  HB1  sing N N 74  
ALA CB  HB2  sing N N 75  
ALA CB  HB3  sing N N 76  
ALA OXT HXT  sing N N 77  
ARG N   CA   sing N N 78  
ARG N   H    sing N N 79  
ARG N   H2   sing N N 80  
ARG CA  C    sing N N 81  
ARG CA  CB   sing N N 82  
ARG CA  HA   sing N N 83  
ARG C   O    doub N N 84  
ARG C   OXT  sing N N 85  
ARG CB  CG   sing N N 86  
ARG CB  HB2  sing N N 87  
ARG CB  HB3  sing N N 88  
ARG CG  CD   sing N N 89  
ARG CG  HG2  sing N N 90  
ARG CG  HG3  sing N N 91  
ARG CD  NE   sing N N 92  
ARG CD  HD2  sing N N 93  
ARG CD  HD3  sing N N 94  
ARG NE  CZ   sing N N 95  
ARG NE  HE   sing N N 96  
ARG CZ  NH1  sing N N 97  
ARG CZ  NH2  doub N N 98  
ARG NH1 HH11 sing N N 99  
ARG NH1 HH12 sing N N 100 
ARG NH2 HH21 sing N N 101 
ARG NH2 HH22 sing N N 102 
ARG OXT HXT  sing N N 103 
ASN N   CA   sing N N 104 
ASN N   H    sing N N 105 
ASN N   H2   sing N N 106 
ASN CA  C    sing N N 107 
ASN CA  CB   sing N N 108 
ASN CA  HA   sing N N 109 
ASN C   O    doub N N 110 
ASN C   OXT  sing N N 111 
ASN CB  CG   sing N N 112 
ASN CB  HB2  sing N N 113 
ASN CB  HB3  sing N N 114 
ASN CG  OD1  doub N N 115 
ASN CG  ND2  sing N N 116 
ASN ND2 HD21 sing N N 117 
ASN ND2 HD22 sing N N 118 
ASN OXT HXT  sing N N 119 
ASP N   CA   sing N N 120 
ASP N   H    sing N N 121 
ASP N   H2   sing N N 122 
ASP CA  C    sing N N 123 
ASP CA  CB   sing N N 124 
ASP CA  HA   sing N N 125 
ASP C   O    doub N N 126 
ASP C   OXT  sing N N 127 
ASP CB  CG   sing N N 128 
ASP CB  HB2  sing N N 129 
ASP CB  HB3  sing N N 130 
ASP CG  OD1  doub N N 131 
ASP CG  OD2  sing N N 132 
ASP OD2 HD2  sing N N 133 
ASP OXT HXT  sing N N 134 
GLN N   CA   sing N N 135 
GLN N   H    sing N N 136 
GLN N   H2   sing N N 137 
GLN CA  C    sing N N 138 
GLN CA  CB   sing N N 139 
GLN CA  HA   sing N N 140 
GLN C   O    doub N N 141 
GLN C   OXT  sing N N 142 
GLN CB  CG   sing N N 143 
GLN CB  HB2  sing N N 144 
GLN CB  HB3  sing N N 145 
GLN CG  CD   sing N N 146 
GLN CG  HG2  sing N N 147 
GLN CG  HG3  sing N N 148 
GLN CD  OE1  doub N N 149 
GLN CD  NE2  sing N N 150 
GLN NE2 HE21 sing N N 151 
GLN NE2 HE22 sing N N 152 
GLN OXT HXT  sing N N 153 
GLU N   CA   sing N N 154 
GLU N   H    sing N N 155 
GLU N   H2   sing N N 156 
GLU CA  C    sing N N 157 
GLU CA  CB   sing N N 158 
GLU CA  HA   sing N N 159 
GLU C   O    doub N N 160 
GLU C   OXT  sing N N 161 
GLU CB  CG   sing N N 162 
GLU CB  HB2  sing N N 163 
GLU CB  HB3  sing N N 164 
GLU CG  CD   sing N N 165 
GLU CG  HG2  sing N N 166 
GLU CG  HG3  sing N N 167 
GLU CD  OE1  doub N N 168 
GLU CD  OE2  sing N N 169 
GLU OE2 HE2  sing N N 170 
GLU OXT HXT  sing N N 171 
GLY N   CA   sing N N 172 
GLY N   H    sing N N 173 
GLY N   H2   sing N N 174 
GLY CA  C    sing N N 175 
GLY CA  HA2  sing N N 176 
GLY CA  HA3  sing N N 177 
GLY C   O    doub N N 178 
GLY C   OXT  sing N N 179 
GLY OXT HXT  sing N N 180 
HIS N   CA   sing N N 181 
HIS N   H    sing N N 182 
HIS N   H2   sing N N 183 
HIS CA  C    sing N N 184 
HIS CA  CB   sing N N 185 
HIS CA  HA   sing N N 186 
HIS C   O    doub N N 187 
HIS C   OXT  sing N N 188 
HIS CB  CG   sing N N 189 
HIS CB  HB2  sing N N 190 
HIS CB  HB3  sing N N 191 
HIS CG  ND1  sing Y N 192 
HIS CG  CD2  doub Y N 193 
HIS ND1 CE1  doub Y N 194 
HIS ND1 HD1  sing N N 195 
HIS CD2 NE2  sing Y N 196 
HIS CD2 HD2  sing N N 197 
HIS CE1 NE2  sing Y N 198 
HIS CE1 HE1  sing N N 199 
HIS NE2 HE2  sing N N 200 
HIS OXT HXT  sing N N 201 
HOH O   H1   sing N N 202 
HOH O   H2   sing N N 203 
ILE N   CA   sing N N 204 
ILE N   H    sing N N 205 
ILE N   H2   sing N N 206 
ILE CA  C    sing N N 207 
ILE CA  CB   sing N N 208 
ILE CA  HA   sing N N 209 
ILE C   O    doub N N 210 
ILE C   OXT  sing N N 211 
ILE CB  CG1  sing N N 212 
ILE CB  CG2  sing N N 213 
ILE CB  HB   sing N N 214 
ILE CG1 CD1  sing N N 215 
ILE CG1 HG12 sing N N 216 
ILE CG1 HG13 sing N N 217 
ILE CG2 HG21 sing N N 218 
ILE CG2 HG22 sing N N 219 
ILE CG2 HG23 sing N N 220 
ILE CD1 HD11 sing N N 221 
ILE CD1 HD12 sing N N 222 
ILE CD1 HD13 sing N N 223 
ILE OXT HXT  sing N N 224 
LEU N   CA   sing N N 225 
LEU N   H    sing N N 226 
LEU N   H2   sing N N 227 
LEU CA  C    sing N N 228 
LEU CA  CB   sing N N 229 
LEU CA  HA   sing N N 230 
LEU C   O    doub N N 231 
LEU C   OXT  sing N N 232 
LEU CB  CG   sing N N 233 
LEU CB  HB2  sing N N 234 
LEU CB  HB3  sing N N 235 
LEU CG  CD1  sing N N 236 
LEU CG  CD2  sing N N 237 
LEU CG  HG   sing N N 238 
LEU CD1 HD11 sing N N 239 
LEU CD1 HD12 sing N N 240 
LEU CD1 HD13 sing N N 241 
LEU CD2 HD21 sing N N 242 
LEU CD2 HD22 sing N N 243 
LEU CD2 HD23 sing N N 244 
LEU OXT HXT  sing N N 245 
LYS N   CA   sing N N 246 
LYS N   H    sing N N 247 
LYS N   H2   sing N N 248 
LYS CA  C    sing N N 249 
LYS CA  CB   sing N N 250 
LYS CA  HA   sing N N 251 
LYS C   O    doub N N 252 
LYS C   OXT  sing N N 253 
LYS CB  CG   sing N N 254 
LYS CB  HB2  sing N N 255 
LYS CB  HB3  sing N N 256 
LYS CG  CD   sing N N 257 
LYS CG  HG2  sing N N 258 
LYS CG  HG3  sing N N 259 
LYS CD  CE   sing N N 260 
LYS CD  HD2  sing N N 261 
LYS CD  HD3  sing N N 262 
LYS CE  NZ   sing N N 263 
LYS CE  HE2  sing N N 264 
LYS CE  HE3  sing N N 265 
LYS NZ  HZ1  sing N N 266 
LYS NZ  HZ2  sing N N 267 
LYS NZ  HZ3  sing N N 268 
LYS OXT HXT  sing N N 269 
MET N   CA   sing N N 270 
MET N   H    sing N N 271 
MET N   H2   sing N N 272 
MET CA  C    sing N N 273 
MET CA  CB   sing N N 274 
MET CA  HA   sing N N 275 
MET C   O    doub N N 276 
MET C   OXT  sing N N 277 
MET CB  CG   sing N N 278 
MET CB  HB2  sing N N 279 
MET CB  HB3  sing N N 280 
MET CG  SD   sing N N 281 
MET CG  HG2  sing N N 282 
MET CG  HG3  sing N N 283 
MET SD  CE   sing N N 284 
MET CE  HE1  sing N N 285 
MET CE  HE2  sing N N 286 
MET CE  HE3  sing N N 287 
MET OXT HXT  sing N N 288 
PHE N   CA   sing N N 289 
PHE N   H    sing N N 290 
PHE N   H2   sing N N 291 
PHE CA  C    sing N N 292 
PHE CA  CB   sing N N 293 
PHE CA  HA   sing N N 294 
PHE C   O    doub N N 295 
PHE C   OXT  sing N N 296 
PHE CB  CG   sing N N 297 
PHE CB  HB2  sing N N 298 
PHE CB  HB3  sing N N 299 
PHE CG  CD1  doub Y N 300 
PHE CG  CD2  sing Y N 301 
PHE CD1 CE1  sing Y N 302 
PHE CD1 HD1  sing N N 303 
PHE CD2 CE2  doub Y N 304 
PHE CD2 HD2  sing N N 305 
PHE CE1 CZ   doub Y N 306 
PHE CE1 HE1  sing N N 307 
PHE CE2 CZ   sing Y N 308 
PHE CE2 HE2  sing N N 309 
PHE CZ  HZ   sing N N 310 
PHE OXT HXT  sing N N 311 
SER N   CA   sing N N 312 
SER N   H    sing N N 313 
SER N   H2   sing N N 314 
SER CA  C    sing N N 315 
SER CA  CB   sing N N 316 
SER CA  HA   sing N N 317 
SER C   O    doub N N 318 
SER C   OXT  sing N N 319 
SER CB  OG   sing N N 320 
SER CB  HB2  sing N N 321 
SER CB  HB3  sing N N 322 
SER OG  HG   sing N N 323 
SER OXT HXT  sing N N 324 
THR N   CA   sing N N 325 
THR N   H    sing N N 326 
THR N   H2   sing N N 327 
THR CA  C    sing N N 328 
THR CA  CB   sing N N 329 
THR CA  HA   sing N N 330 
THR C   O    doub N N 331 
THR C   OXT  sing N N 332 
THR CB  OG1  sing N N 333 
THR CB  CG2  sing N N 334 
THR CB  HB   sing N N 335 
THR OG1 HG1  sing N N 336 
THR CG2 HG21 sing N N 337 
THR CG2 HG22 sing N N 338 
THR CG2 HG23 sing N N 339 
THR OXT HXT  sing N N 340 
TRP N   CA   sing N N 341 
TRP N   H    sing N N 342 
TRP N   H2   sing N N 343 
TRP CA  C    sing N N 344 
TRP CA  CB   sing N N 345 
TRP CA  HA   sing N N 346 
TRP C   O    doub N N 347 
TRP C   OXT  sing N N 348 
TRP CB  CG   sing N N 349 
TRP CB  HB2  sing N N 350 
TRP CB  HB3  sing N N 351 
TRP CG  CD1  doub Y N 352 
TRP CG  CD2  sing Y N 353 
TRP CD1 NE1  sing Y N 354 
TRP CD1 HD1  sing N N 355 
TRP CD2 CE2  doub Y N 356 
TRP CD2 CE3  sing Y N 357 
TRP NE1 CE2  sing Y N 358 
TRP NE1 HE1  sing N N 359 
TRP CE2 CZ2  sing Y N 360 
TRP CE3 CZ3  doub Y N 361 
TRP CE3 HE3  sing N N 362 
TRP CZ2 CH2  doub Y N 363 
TRP CZ2 HZ2  sing N N 364 
TRP CZ3 CH2  sing Y N 365 
TRP CZ3 HZ3  sing N N 366 
TRP CH2 HH2  sing N N 367 
TRP OXT HXT  sing N N 368 
TYR N   CA   sing N N 369 
TYR N   H    sing N N 370 
TYR N   H2   sing N N 371 
TYR CA  C    sing N N 372 
TYR CA  CB   sing N N 373 
TYR CA  HA   sing N N 374 
TYR C   O    doub N N 375 
TYR C   OXT  sing N N 376 
TYR CB  CG   sing N N 377 
TYR CB  HB2  sing N N 378 
TYR CB  HB3  sing N N 379 
TYR CG  CD1  doub Y N 380 
TYR CG  CD2  sing Y N 381 
TYR CD1 CE1  sing Y N 382 
TYR CD1 HD1  sing N N 383 
TYR CD2 CE2  doub Y N 384 
TYR CD2 HD2  sing N N 385 
TYR CE1 CZ   doub Y N 386 
TYR CE1 HE1  sing N N 387 
TYR CE2 CZ   sing Y N 388 
TYR CE2 HE2  sing N N 389 
TYR CZ  OH   sing N N 390 
TYR OH  HH   sing N N 391 
TYR OXT HXT  sing N N 392 
VAL N   CA   sing N N 393 
VAL N   H    sing N N 394 
VAL N   H2   sing N N 395 
VAL CA  C    sing N N 396 
VAL CA  CB   sing N N 397 
VAL CA  HA   sing N N 398 
VAL C   O    doub N N 399 
VAL C   OXT  sing N N 400 
VAL CB  CG1  sing N N 401 
VAL CB  CG2  sing N N 402 
VAL CB  HB   sing N N 403 
VAL CG1 HG11 sing N N 404 
VAL CG1 HG12 sing N N 405 
VAL CG1 HG13 sing N N 406 
VAL CG2 HG21 sing N N 407 
VAL CG2 HG22 sing N N 408 
VAL CG2 HG23 sing N N 409 
VAL OXT HXT  sing N N 410 
# 
loop_
_pdbx_entity_nonpoly.entity_id 
_pdbx_entity_nonpoly.name 
_pdbx_entity_nonpoly.comp_id 
2 '11-({[5-(dimethylamino)naphthalen-1-yl]sulfonyl}amino)undecanoic acid' 11D 
3 water                                                                   HOH 
# 
_pdbx_initial_refinement_model.id               1 
_pdbx_initial_refinement_model.entity_id_list   ? 
_pdbx_initial_refinement_model.type             'experimental model' 
_pdbx_initial_refinement_model.source_name      PDB 
_pdbx_initial_refinement_model.accession_code   2IFB 
_pdbx_initial_refinement_model.details          ? 
# 
